data_6NBG
#
_entry.id   6NBG
#
_cell.length_a   75.482
_cell.length_b   123.806
_cell.length_c   299.664
_cell.angle_alpha   90.00
_cell.angle_beta   90.00
_cell.angle_gamma   90.00
#
_symmetry.space_group_name_H-M   'C 2 2 21'
#
loop_
_entity.id
_entity.type
_entity.pdbx_description
1 polymer 'Glucosamine-6-phosphate deaminase'
2 non-polymer 'PHOSPHATE ION'
3 non-polymer 'CHLORIDE ION'
4 water water
#
_entity_poly.entity_id   1
_entity_poly.type   'polypeptide(L)'
_entity_poly.pdbx_seq_one_letter_code
;SNA(MSE)K(MSE)IVTEDYEE(MSE)SLVASHHVLGYITAPRRVNLAVTAGSTPKR(MSE)YEHLTAAVKGKAFYDRVH
YYNFDEIPFRGQSREGVTISNLRQLFFTPAQIKEENIHKLTLDNAAQHDRQLEEAGGLDL(MSE)VLGLGADGHFCGNLP
NTTRFHDQTVEVPIHGE(MSE)IALIANSE(MSE)GGDISAVPNSYVT(MSE)GPRSV(MSE)AAKNLLLIVSGAAKAHA
LKQVVEGPVSVQVPASVLKLHPSLVIIADKAAAAELQQ
;
_entity_poly.pdbx_strand_id   A,B,C,D,E,F
#
# COMPACT_ATOMS: atom_id res chain seq x y z
N SER A 1 -4.04 -9.83 3.23
CA SER A 1 -3.91 -10.46 1.89
C SER A 1 -2.66 -9.95 1.18
N ASN A 2 -2.10 -10.83 0.35
CA ASN A 2 -0.91 -10.58 -0.48
C ASN A 2 -0.96 -11.42 -1.76
N ALA A 3 -0.57 -10.85 -2.91
CA ALA A 3 -0.46 -11.74 -4.08
C ALA A 3 0.50 -12.83 -3.61
N LYS A 5 3.14 -15.03 -2.31
CA LYS A 5 4.56 -14.71 -2.24
C LYS A 5 5.36 -16.00 -2.30
N ILE A 7 8.96 -17.63 -1.96
CA ILE A 7 10.29 -17.49 -1.39
C ILE A 7 11.12 -18.71 -1.78
N VAL A 8 12.21 -18.49 -2.51
CA VAL A 8 13.11 -19.59 -2.93
C VAL A 8 14.40 -19.48 -2.09
N THR A 9 14.69 -20.50 -1.29
CA THR A 9 15.90 -20.54 -0.44
C THR A 9 16.94 -21.42 -1.12
N GLU A 10 18.18 -21.33 -0.65
N GLU A 10 18.18 -21.33 -0.65
CA GLU A 10 19.31 -22.09 -1.25
CA GLU A 10 19.30 -22.08 -1.25
C GLU A 10 19.16 -23.57 -1.00
C GLU A 10 19.16 -23.57 -1.00
N ASP A 11 18.79 -23.98 0.22
CA ASP A 11 18.71 -25.42 0.57
C ASP A 11 17.71 -25.69 1.69
N TYR A 12 17.64 -26.94 2.14
CA TYR A 12 16.72 -27.36 3.21
C TYR A 12 16.98 -26.58 4.49
N GLU A 13 18.25 -26.39 4.85
CA GLU A 13 18.57 -25.63 6.09
C GLU A 13 17.99 -24.22 6.05
N GLU A 14 18.19 -23.49 4.94
CA GLU A 14 17.67 -22.10 4.85
C GLU A 14 16.14 -22.11 4.82
N SER A 16 14.18 -24.21 6.22
CA SER A 16 13.76 -24.51 7.58
C SER A 16 13.89 -23.28 8.48
N LEU A 17 15.01 -22.55 8.37
CA LEU A 17 15.23 -21.35 9.21
C LEU A 17 14.19 -20.27 8.86
N VAL A 18 14.08 -19.94 7.58
CA VAL A 18 13.13 -18.88 7.11
C VAL A 18 11.71 -19.27 7.52
N ALA A 19 11.34 -20.55 7.37
CA ALA A 19 9.99 -20.99 7.76
C ALA A 19 9.80 -20.77 9.26
N SER A 20 10.84 -21.07 10.07
CA SER A 20 10.70 -20.86 11.54
C SER A 20 10.47 -19.36 11.82
N HIS A 21 11.15 -18.47 11.08
CA HIS A 21 10.97 -17.02 11.33
C HIS A 21 9.54 -16.59 11.01
N HIS A 22 8.97 -17.11 9.91
CA HIS A 22 7.58 -16.78 9.54
C HIS A 22 6.62 -17.26 10.64
N VAL A 23 6.81 -18.48 11.13
CA VAL A 23 5.91 -19.01 12.20
C VAL A 23 6.12 -18.18 13.49
N LEU A 24 7.36 -17.73 13.76
CA LEU A 24 7.63 -16.97 15.00
C LEU A 24 6.86 -15.64 14.99
N GLY A 25 6.50 -15.16 13.80
CA GLY A 25 5.70 -13.92 13.69
C GLY A 25 4.34 -14.11 14.32
N TYR A 26 3.83 -15.35 14.30
CA TYR A 26 2.51 -15.67 14.89
C TYR A 26 2.70 -16.03 16.37
N ILE A 27 3.74 -16.81 16.67
CA ILE A 27 4.03 -17.26 18.07
C ILE A 27 4.26 -16.04 18.97
N THR A 28 4.86 -14.96 18.44
CA THR A 28 5.14 -13.75 19.24
C THR A 28 3.96 -12.76 19.23
N ALA A 29 2.83 -13.09 18.59
CA ALA A 29 1.67 -12.16 18.64
C ALA A 29 1.16 -12.12 20.08
N PRO A 30 0.87 -10.92 20.64
CA PRO A 30 0.44 -10.81 22.03
C PRO A 30 -0.93 -11.43 22.39
N ARG A 31 -1.86 -11.53 21.43
CA ARG A 31 -3.18 -12.14 21.75
C ARG A 31 -3.21 -13.58 21.25
N ARG A 32 -4.32 -14.27 21.50
CA ARG A 32 -4.45 -15.70 21.12
C ARG A 32 -4.27 -15.90 19.61
N VAL A 33 -3.50 -16.92 19.24
CA VAL A 33 -3.34 -17.30 17.82
C VAL A 33 -3.56 -18.82 17.73
N ASN A 34 -4.24 -19.26 16.69
CA ASN A 34 -4.55 -20.68 16.44
C ASN A 34 -3.72 -21.10 15.23
N LEU A 35 -2.78 -22.03 15.44
CA LEU A 35 -1.88 -22.50 14.35
C LEU A 35 -2.11 -23.99 14.09
N ALA A 36 -2.42 -24.34 12.84
CA ALA A 36 -2.55 -25.75 12.42
C ALA A 36 -1.18 -26.10 11.82
N VAL A 37 -0.54 -27.16 12.31
CA VAL A 37 0.85 -27.47 11.88
C VAL A 37 0.99 -28.88 11.32
N THR A 38 1.83 -29.01 10.28
CA THR A 38 2.04 -30.29 9.57
C THR A 38 3.08 -31.18 10.25
N ALA A 39 2.94 -32.49 10.03
CA ALA A 39 3.92 -33.50 10.48
C ALA A 39 4.72 -33.83 9.21
N GLY A 40 5.45 -34.94 9.18
CA GLY A 40 6.24 -35.29 7.97
C GLY A 40 7.70 -34.95 8.17
N SER A 41 8.53 -35.23 7.16
CA SER A 41 9.98 -34.96 7.27
C SER A 41 10.31 -33.51 6.88
N THR A 42 9.49 -32.87 6.02
CA THR A 42 9.77 -31.48 5.58
C THR A 42 9.96 -30.52 6.76
N PRO A 43 9.05 -30.49 7.77
CA PRO A 43 9.20 -29.53 8.87
C PRO A 43 10.11 -29.94 10.04
N LYS A 44 10.78 -31.09 9.95
CA LYS A 44 11.62 -31.56 11.09
C LYS A 44 12.59 -30.46 11.55
N ARG A 45 13.38 -29.90 10.64
CA ARG A 45 14.38 -28.88 11.02
C ARG A 45 13.68 -27.61 11.48
N TYR A 47 10.90 -27.36 13.06
CA TYR A 47 10.49 -27.59 14.45
C TYR A 47 11.68 -27.56 15.40
N GLU A 48 12.87 -27.98 14.95
CA GLU A 48 14.07 -27.88 15.83
C GLU A 48 14.34 -26.40 16.14
N HIS A 49 14.20 -25.53 15.13
CA HIS A 49 14.40 -24.07 15.36
C HIS A 49 13.30 -23.55 16.28
N LEU A 50 12.04 -23.94 16.05
CA LEU A 50 10.93 -23.44 16.91
C LEU A 50 11.13 -23.92 18.35
N THR A 51 11.63 -25.16 18.52
CA THR A 51 11.88 -25.71 19.88
C THR A 51 12.89 -24.81 20.61
N ALA A 52 13.99 -24.47 19.93
CA ALA A 52 15.03 -23.61 20.54
C ALA A 52 14.45 -22.22 20.85
N ALA A 53 13.48 -21.77 20.07
CA ALA A 53 12.91 -20.42 20.28
C ALA A 53 11.89 -20.39 21.42
N VAL A 54 11.19 -21.50 21.70
CA VAL A 54 10.11 -21.44 22.73
C VAL A 54 10.38 -22.33 23.95
N LYS A 55 11.30 -23.28 23.87
CA LYS A 55 11.58 -24.18 25.03
C LYS A 55 11.92 -23.34 26.28
N GLY A 56 11.31 -23.66 27.42
CA GLY A 56 11.59 -22.99 28.71
C GLY A 56 11.07 -21.58 28.78
N LYS A 57 10.15 -21.20 27.89
CA LYS A 57 9.59 -19.83 27.90
C LYS A 57 8.10 -19.95 28.22
N ALA A 58 7.65 -19.20 29.22
CA ALA A 58 6.24 -19.23 29.67
C ALA A 58 5.42 -18.11 29.02
N PHE A 59 6.04 -17.22 28.23
CA PHE A 59 5.30 -16.05 27.70
C PHE A 59 4.66 -16.28 26.31
N TYR A 60 4.65 -17.51 25.79
CA TYR A 60 3.92 -17.78 24.52
C TYR A 60 2.75 -18.71 24.86
N ASP A 61 2.11 -18.45 26.01
CA ASP A 61 1.01 -19.33 26.52
C ASP A 61 -0.34 -19.07 25.85
N ARG A 62 -0.45 -18.09 24.93
CA ARG A 62 -1.76 -17.87 24.23
C ARG A 62 -1.66 -18.42 22.80
N VAL A 63 -0.63 -19.22 22.54
CA VAL A 63 -0.48 -19.86 21.20
C VAL A 63 -1.11 -21.25 21.31
N HIS A 64 -2.13 -21.52 20.50
CA HIS A 64 -2.82 -22.84 20.49
C HIS A 64 -2.46 -23.57 19.20
N TYR A 65 -2.08 -24.85 19.33
CA TYR A 65 -1.65 -25.69 18.19
C TYR A 65 -2.71 -26.74 17.86
N TYR A 66 -2.86 -27.01 16.56
CA TYR A 66 -3.87 -27.96 16.04
C TYR A 66 -3.28 -28.86 14.96
N ASN A 67 -3.65 -30.14 14.99
CA ASN A 67 -3.25 -31.07 13.89
C ASN A 67 -4.36 -30.91 12.84
N PHE A 68 -4.04 -31.07 11.55
CA PHE A 68 -5.08 -30.87 10.50
C PHE A 68 -5.53 -32.21 9.91
N ASP A 69 -4.90 -33.31 10.33
CA ASP A 69 -5.33 -34.65 9.86
C ASP A 69 -4.93 -35.66 10.93
N GLU A 70 -5.47 -36.86 10.83
CA GLU A 70 -5.09 -37.90 11.80
C GLU A 70 -5.38 -39.26 11.19
N ILE A 71 -4.44 -40.18 11.42
CA ILE A 71 -4.51 -41.58 10.94
C ILE A 71 -4.31 -42.43 12.17
N PRO A 72 -5.35 -43.10 12.72
CA PRO A 72 -5.15 -43.95 13.90
C PRO A 72 -4.36 -45.20 13.52
N PHE A 73 -3.76 -45.88 14.49
CA PHE A 73 -3.08 -47.18 14.26
C PHE A 73 -4.16 -48.26 14.35
N ARG A 74 -4.26 -49.06 13.28
CA ARG A 74 -5.32 -50.10 13.18
C ARG A 74 -5.30 -51.04 14.40
N GLY A 75 -6.48 -51.22 15.02
CA GLY A 75 -6.64 -52.12 16.19
C GLY A 75 -5.92 -51.61 17.43
N GLN A 76 -5.34 -50.41 17.40
CA GLN A 76 -4.61 -49.88 18.59
C GLN A 76 -5.39 -48.70 19.16
N SER A 77 -5.34 -48.49 20.49
CA SER A 77 -6.09 -47.39 21.15
C SER A 77 -5.17 -46.19 21.40
N ARG A 78 -3.89 -46.30 21.03
CA ARG A 78 -2.91 -45.20 21.23
C ARG A 78 -3.28 -43.99 20.36
N GLU A 79 -2.63 -42.86 20.62
CA GLU A 79 -2.84 -41.64 19.81
C GLU A 79 -2.45 -41.94 18.37
N GLY A 80 -3.05 -41.23 17.41
CA GLY A 80 -2.76 -41.42 15.97
C GLY A 80 -1.36 -41.02 15.59
N VAL A 81 -0.98 -41.27 14.33
CA VAL A 81 0.39 -41.00 13.81
C VAL A 81 0.69 -39.50 13.77
N THR A 82 -0.28 -38.67 13.38
CA THR A 82 -0.02 -37.21 13.25
C THR A 82 0.28 -36.57 14.61
N ILE A 83 -0.61 -36.69 15.57
CA ILE A 83 -0.33 -36.06 16.89
C ILE A 83 0.92 -36.69 17.50
N SER A 84 1.13 -37.99 17.27
CA SER A 84 2.33 -38.69 17.83
C SER A 84 3.60 -38.06 17.23
N ASN A 85 3.61 -37.87 15.92
CA ASN A 85 4.80 -37.27 15.26
C ASN A 85 4.95 -35.82 15.69
N LEU A 86 3.84 -35.07 15.84
CA LEU A 86 3.95 -33.64 16.25
C LEU A 86 4.55 -33.56 17.67
N ARG A 87 4.17 -34.48 18.56
CA ARG A 87 4.73 -34.48 19.93
C ARG A 87 6.25 -34.74 19.88
N GLN A 88 6.65 -35.74 19.10
CA GLN A 88 8.08 -36.15 18.96
C GLN A 88 8.86 -35.01 18.29
N LEU A 89 8.31 -34.41 17.23
CA LEU A 89 9.03 -33.35 16.50
C LEU A 89 9.03 -32.02 17.26
N PHE A 90 8.01 -31.76 18.10
CA PHE A 90 7.95 -30.38 18.64
C PHE A 90 7.25 -30.24 19.99
N PHE A 91 6.00 -30.69 20.15
CA PHE A 91 5.30 -30.41 21.43
C PHE A 91 6.07 -30.93 22.66
N THR A 92 6.67 -32.11 22.58
CA THR A 92 7.39 -32.65 23.77
C THR A 92 8.66 -31.84 24.03
N PRO A 93 9.66 -31.83 23.11
CA PRO A 93 10.89 -31.08 23.36
C PRO A 93 10.66 -29.57 23.60
N ALA A 94 9.62 -28.97 22.99
CA ALA A 94 9.36 -27.52 23.16
C ALA A 94 8.59 -27.25 24.46
N GLN A 95 8.12 -28.32 25.12
CA GLN A 95 7.38 -28.23 26.41
C GLN A 95 6.07 -27.46 26.22
N ILE A 96 5.37 -27.70 25.11
CA ILE A 96 4.06 -27.01 24.88
C ILE A 96 3.05 -27.58 25.89
N LYS A 97 2.29 -26.72 26.56
CA LYS A 97 1.28 -27.17 27.56
C LYS A 97 0.19 -27.98 26.84
N GLU A 98 -0.30 -29.05 27.47
CA GLU A 98 -1.35 -29.90 26.87
C GLU A 98 -2.61 -29.06 26.60
N GLU A 99 -2.92 -28.09 27.46
CA GLU A 99 -4.11 -27.22 27.28
C GLU A 99 -3.98 -26.38 25.99
N ASN A 100 -2.79 -26.31 25.39
CA ASN A 100 -2.59 -25.50 24.16
C ASN A 100 -2.45 -26.42 22.95
N ILE A 101 -2.71 -27.72 23.13
CA ILE A 101 -2.64 -28.74 22.04
C ILE A 101 -4.07 -29.23 21.80
N HIS A 102 -4.59 -29.01 20.60
CA HIS A 102 -5.99 -29.41 20.29
C HIS A 102 -5.95 -30.52 19.25
N LYS A 103 -6.35 -31.72 19.66
CA LYS A 103 -6.28 -32.93 18.81
C LYS A 103 -7.53 -33.14 17.96
N LEU A 104 -7.31 -33.37 16.66
CA LEU A 104 -8.36 -33.77 15.71
C LEU A 104 -8.28 -35.29 15.65
N THR A 105 -9.43 -35.96 15.80
CA THR A 105 -9.51 -37.45 15.76
C THR A 105 -10.78 -37.82 14.98
N LEU A 106 -10.97 -39.11 14.68
CA LEU A 106 -12.22 -39.52 13.98
C LEU A 106 -13.42 -39.18 14.87
N ASP A 107 -13.26 -39.35 16.19
CA ASP A 107 -14.34 -39.14 17.20
C ASP A 107 -14.82 -37.69 17.27
N ASN A 108 -13.95 -36.70 17.15
CA ASN A 108 -14.40 -35.29 17.30
C ASN A 108 -14.40 -34.54 15.95
N ALA A 109 -14.15 -35.24 14.84
CA ALA A 109 -14.10 -34.58 13.50
C ALA A 109 -15.38 -33.77 13.20
N ALA A 110 -16.56 -34.33 13.46
CA ALA A 110 -17.85 -33.67 13.17
C ALA A 110 -18.01 -32.35 13.92
N GLN A 111 -17.23 -32.11 14.97
CA GLN A 111 -17.34 -30.83 15.74
C GLN A 111 -16.12 -29.93 15.51
N HIS A 112 -15.11 -30.45 14.81
CA HIS A 112 -13.82 -29.70 14.62
C HIS A 112 -14.02 -28.31 13.97
N ASP A 113 -14.73 -28.23 12.85
CA ASP A 113 -14.87 -26.92 12.14
C ASP A 113 -15.59 -25.90 13.03
N ARG A 114 -16.61 -26.34 13.77
CA ARG A 114 -17.37 -25.42 14.67
C ARG A 114 -16.47 -24.99 15.84
N GLN A 115 -15.68 -25.90 16.40
CA GLN A 115 -14.77 -25.53 17.53
C GLN A 115 -13.75 -24.49 17.04
N LEU A 116 -13.21 -24.65 15.83
CA LEU A 116 -12.21 -23.67 15.31
C LEU A 116 -12.84 -22.28 15.18
N GLU A 117 -14.05 -22.20 14.60
CA GLU A 117 -14.69 -20.87 14.40
C GLU A 117 -14.96 -20.22 15.76
N GLU A 118 -15.38 -21.02 16.76
CA GLU A 118 -15.66 -20.50 18.12
C GLU A 118 -14.36 -19.98 18.74
N ALA A 119 -13.22 -20.61 18.44
CA ALA A 119 -11.91 -20.19 18.97
C ALA A 119 -11.34 -18.99 18.19
N GLY A 120 -12.08 -18.50 17.18
CA GLY A 120 -11.66 -17.32 16.38
C GLY A 120 -11.09 -17.69 15.01
N GLY A 121 -11.13 -18.98 14.65
CA GLY A 121 -10.59 -19.42 13.34
C GLY A 121 -9.08 -19.59 13.38
N LEU A 122 -8.54 -20.35 12.43
CA LEU A 122 -7.08 -20.55 12.31
C LEU A 122 -6.41 -19.26 11.80
N ASP A 123 -5.35 -18.85 12.49
CA ASP A 123 -4.54 -17.66 12.11
C ASP A 123 -3.56 -18.09 11.03
N LEU A 124 -3.08 -19.32 11.16
CA LEU A 124 -2.09 -19.83 10.19
C LEU A 124 -2.13 -21.34 10.09
N VAL A 126 0.44 -24.25 8.58
CA VAL A 126 1.76 -24.52 8.03
C VAL A 126 1.61 -25.88 7.35
N LEU A 127 1.59 -25.92 6.02
CA LEU A 127 1.41 -27.24 5.38
C LEU A 127 2.56 -27.58 4.44
N GLY A 128 2.67 -28.88 4.19
CA GLY A 128 3.65 -29.48 3.29
C GLY A 128 2.97 -29.78 1.98
N LEU A 129 3.75 -30.04 0.95
CA LEU A 129 3.23 -30.37 -0.40
C LEU A 129 3.73 -31.77 -0.76
N GLY A 130 2.81 -32.66 -1.13
CA GLY A 130 3.22 -34.01 -1.52
C GLY A 130 3.78 -34.02 -2.92
N ALA A 131 4.54 -35.07 -3.25
CA ALA A 131 5.11 -35.23 -4.60
C ALA A 131 3.97 -35.27 -5.62
N ASP A 132 2.82 -35.79 -5.20
CA ASP A 132 1.62 -35.93 -6.07
C ASP A 132 0.71 -34.69 -5.92
N GLY A 133 1.15 -33.68 -5.17
CA GLY A 133 0.37 -32.44 -5.00
C GLY A 133 -0.66 -32.54 -3.89
N HIS A 134 -0.59 -33.59 -3.05
CA HIS A 134 -1.56 -33.67 -1.93
C HIS A 134 -1.17 -32.64 -0.87
N PHE A 135 -2.15 -32.26 -0.04
CA PHE A 135 -1.93 -31.37 1.12
C PHE A 135 -2.84 -31.92 2.23
N CYS A 136 -2.34 -31.99 3.46
CA CYS A 136 -3.15 -32.63 4.52
C CYS A 136 -3.48 -34.03 4.01
N GLY A 137 -4.72 -34.51 4.21
CA GLY A 137 -5.12 -35.83 3.70
C GLY A 137 -5.93 -35.70 2.43
N ASN A 138 -5.77 -34.59 1.70
CA ASN A 138 -6.50 -34.33 0.43
C ASN A 138 -5.63 -34.92 -0.70
N LEU A 139 -5.90 -36.16 -1.07
CA LEU A 139 -5.11 -36.90 -2.08
C LEU A 139 -5.71 -36.72 -3.46
N PRO A 140 -4.92 -36.96 -4.53
CA PRO A 140 -5.40 -36.83 -5.90
C PRO A 140 -6.71 -37.56 -6.20
N ASN A 141 -7.57 -36.90 -7.01
CA ASN A 141 -8.86 -37.44 -7.53
C ASN A 141 -9.91 -37.68 -6.43
N THR A 142 -9.51 -38.22 -5.27
CA THR A 142 -10.49 -38.48 -4.17
C THR A 142 -10.82 -37.16 -3.44
N THR A 143 -10.01 -36.12 -3.61
CA THR A 143 -10.25 -34.80 -2.97
C THR A 143 -11.50 -34.13 -3.55
N ARG A 144 -12.32 -33.51 -2.70
CA ARG A 144 -13.46 -32.66 -3.14
C ARG A 144 -13.22 -31.27 -2.54
N PHE A 145 -13.10 -30.25 -3.40
CA PHE A 145 -12.77 -28.89 -2.90
C PHE A 145 -13.82 -28.34 -1.92
N HIS A 146 -15.09 -28.72 -2.01
CA HIS A 146 -16.09 -28.17 -1.06
C HIS A 146 -15.99 -28.84 0.32
N ASP A 147 -15.19 -29.90 0.43
CA ASP A 147 -15.12 -30.63 1.72
C ASP A 147 -14.54 -29.80 2.88
N GLN A 148 -15.18 -29.91 4.04
CA GLN A 148 -14.65 -29.33 5.30
C GLN A 148 -13.93 -30.48 6.02
N THR A 149 -14.06 -30.60 7.34
CA THR A 149 -13.36 -31.71 8.04
C THR A 149 -14.14 -33.01 7.76
N VAL A 150 -13.50 -33.99 7.14
CA VAL A 150 -14.22 -35.24 6.76
C VAL A 150 -13.41 -36.51 7.06
N GLU A 151 -14.12 -37.62 7.17
CA GLU A 151 -13.51 -38.96 7.36
C GLU A 151 -13.33 -39.54 5.95
N VAL A 152 -12.17 -40.15 5.65
CA VAL A 152 -11.92 -40.69 4.29
C VAL A 152 -11.60 -42.18 4.38
N PRO A 153 -12.40 -43.07 3.73
CA PRO A 153 -12.09 -44.50 3.74
C PRO A 153 -10.76 -44.80 3.01
N ILE A 154 -9.99 -45.75 3.54
CA ILE A 154 -8.68 -46.14 2.94
C ILE A 154 -8.88 -47.47 2.17
N HIS A 155 -8.64 -47.47 0.86
CA HIS A 155 -8.80 -48.69 0.02
C HIS A 155 -7.78 -48.68 -1.12
N GLY A 156 -7.51 -49.85 -1.69
CA GLY A 156 -6.57 -50.05 -2.81
C GLY A 156 -5.20 -49.42 -2.61
N GLU A 157 -4.73 -48.69 -3.62
CA GLU A 157 -3.39 -48.04 -3.66
C GLU A 157 -3.22 -47.02 -2.52
N ILE A 159 -3.51 -47.47 0.50
CA ILE A 159 -2.86 -48.10 1.65
C ILE A 159 -1.36 -47.73 1.65
N ALA A 160 -0.65 -48.01 0.55
CA ALA A 160 0.81 -47.70 0.46
C ALA A 160 1.03 -46.18 0.53
N LEU A 161 0.21 -45.37 -0.15
CA LEU A 161 0.35 -43.88 -0.14
C LEU A 161 0.32 -43.35 1.30
N ILE A 162 -0.68 -43.79 2.09
CA ILE A 162 -0.82 -43.33 3.51
C ILE A 162 0.35 -43.89 4.33
N ALA A 163 0.63 -45.19 4.20
CA ALA A 163 1.72 -45.82 4.98
C ALA A 163 3.04 -45.06 4.75
N ASN A 164 3.39 -44.78 3.50
CA ASN A 164 4.67 -44.09 3.14
C ASN A 164 4.67 -42.61 3.51
N SER A 165 3.55 -41.89 3.31
CA SER A 165 3.56 -40.43 3.59
C SER A 165 3.27 -40.13 5.06
N GLU A 166 2.65 -41.06 5.80
CA GLU A 166 2.27 -40.74 7.20
C GLU A 166 2.87 -41.70 8.22
N GLY A 168 5.61 -43.91 7.95
CA GLY A 168 6.95 -44.37 7.63
C GLY A 168 6.98 -45.69 6.88
N GLY A 169 6.13 -45.83 5.85
CA GLY A 169 6.06 -47.05 5.01
C GLY A 169 5.53 -48.28 5.73
N ASP A 170 4.99 -48.15 6.96
CA ASP A 170 4.49 -49.37 7.67
C ASP A 170 3.02 -49.64 7.25
N ILE A 171 2.80 -50.57 6.32
CA ILE A 171 1.41 -50.87 5.83
C ILE A 171 0.60 -51.66 6.89
N SER A 172 1.25 -52.34 7.83
CA SER A 172 0.53 -53.26 8.76
C SER A 172 -0.41 -52.52 9.71
N ALA A 173 -0.14 -51.26 10.04
CA ALA A 173 -0.99 -50.51 11.02
C ALA A 173 -1.99 -49.60 10.30
N VAL A 174 -2.15 -49.73 8.98
CA VAL A 174 -3.05 -48.79 8.23
C VAL A 174 -4.49 -49.09 8.60
N PRO A 175 -5.25 -48.09 9.11
CA PRO A 175 -6.64 -48.30 9.52
C PRO A 175 -7.62 -48.30 8.35
N ASN A 176 -8.91 -48.46 8.67
CA ASN A 176 -10.00 -48.50 7.66
C ASN A 176 -10.22 -47.09 7.11
N SER A 177 -9.96 -46.06 7.92
CA SER A 177 -10.16 -44.68 7.43
C SER A 177 -9.33 -43.68 8.24
N TYR A 178 -9.26 -42.45 7.74
CA TYR A 178 -8.52 -41.36 8.41
C TYR A 178 -9.39 -40.10 8.38
N VAL A 179 -8.96 -39.06 9.07
CA VAL A 179 -9.71 -37.78 9.06
C VAL A 179 -8.77 -36.69 8.55
N THR A 180 -9.33 -35.74 7.78
CA THR A 180 -8.51 -34.63 7.31
C THR A 180 -9.37 -33.38 7.20
N GLY A 182 -10.62 -30.77 5.05
CA GLY A 182 -10.78 -30.72 3.61
C GLY A 182 -10.30 -29.38 3.05
N PRO A 183 -10.28 -29.22 1.71
CA PRO A 183 -9.80 -27.98 1.11
C PRO A 183 -10.57 -26.74 1.58
N ARG A 184 -11.87 -26.87 1.80
CA ARG A 184 -12.63 -25.68 2.26
C ARG A 184 -12.17 -25.29 3.66
N SER A 185 -11.97 -26.28 4.55
CA SER A 185 -11.51 -26.01 5.93
C SER A 185 -10.11 -25.39 5.90
N VAL A 186 -9.24 -25.90 5.04
CA VAL A 186 -7.86 -25.34 4.91
C VAL A 186 -7.92 -23.90 4.41
N ALA A 188 -10.15 -21.83 4.80
CA ALA A 188 -10.77 -20.95 5.77
C ALA A 188 -9.73 -20.34 6.71
N ALA A 189 -8.51 -20.88 6.73
CA ALA A 189 -7.46 -20.30 7.59
C ALA A 189 -7.16 -18.86 7.10
N LYS A 190 -6.82 -17.97 8.02
CA LYS A 190 -6.59 -16.55 7.63
C LYS A 190 -5.33 -16.42 6.79
N ASN A 191 -4.36 -17.30 7.04
CA ASN A 191 -3.06 -17.24 6.34
C ASN A 191 -2.56 -18.66 6.11
N LEU A 192 -1.90 -18.88 4.97
CA LEU A 192 -1.32 -20.21 4.67
C LEU A 192 0.19 -20.06 4.46
N LEU A 193 0.94 -21.03 4.98
CA LEU A 193 2.41 -21.09 4.79
C LEU A 193 2.71 -22.49 4.24
N LEU A 194 3.06 -22.56 2.96
CA LEU A 194 3.37 -23.85 2.30
C LEU A 194 4.89 -24.03 2.25
N ILE A 195 5.39 -25.09 2.90
CA ILE A 195 6.86 -25.36 2.94
C ILE A 195 7.13 -26.53 2.00
N VAL A 196 8.14 -26.40 1.15
CA VAL A 196 8.42 -27.44 0.11
C VAL A 196 9.92 -27.65 0.00
N SER A 197 10.38 -28.90 0.05
CA SER A 197 11.83 -29.19 -0.04
C SER A 197 12.10 -30.45 -0.85
N GLY A 198 13.11 -30.40 -1.73
CA GLY A 198 13.52 -31.61 -2.46
C GLY A 198 13.05 -31.69 -3.90
N ALA A 199 13.85 -32.37 -4.73
CA ALA A 199 13.61 -32.57 -6.17
C ALA A 199 12.29 -33.32 -6.42
N ALA A 200 11.92 -34.21 -5.50
CA ALA A 200 10.68 -35.02 -5.66
C ALA A 200 9.43 -34.13 -5.66
N LYS A 201 9.54 -32.89 -5.16
CA LYS A 201 8.35 -31.97 -5.09
C LYS A 201 8.40 -30.90 -6.19
N ALA A 202 9.46 -30.87 -7.01
CA ALA A 202 9.57 -29.81 -8.04
C ALA A 202 8.37 -29.81 -9.00
N HIS A 203 7.92 -30.99 -9.44
CA HIS A 203 6.82 -31.03 -10.45
C HIS A 203 5.52 -30.55 -9.82
N ALA A 204 5.22 -31.03 -8.62
CA ALA A 204 3.98 -30.62 -7.91
C ALA A 204 3.99 -29.10 -7.69
N LEU A 205 5.13 -28.54 -7.30
CA LEU A 205 5.20 -27.09 -7.03
C LEU A 205 4.90 -26.29 -8.30
N LYS A 206 5.44 -26.73 -9.45
CA LYS A 206 5.18 -26.04 -10.74
C LYS A 206 3.68 -26.09 -11.03
N GLN A 207 3.06 -27.26 -10.88
CA GLN A 207 1.59 -27.41 -11.15
C GLN A 207 0.79 -26.47 -10.25
N VAL A 208 1.22 -26.30 -8.98
CA VAL A 208 0.52 -25.39 -8.02
C VAL A 208 0.69 -23.93 -8.45
N VAL A 209 1.93 -23.52 -8.70
CA VAL A 209 2.23 -22.09 -9.01
C VAL A 209 1.78 -21.71 -10.43
N GLU A 210 2.02 -22.57 -11.42
CA GLU A 210 1.77 -22.20 -12.83
C GLU A 210 0.66 -23.03 -13.50
N GLY A 211 0.17 -24.09 -12.83
CA GLY A 211 -0.84 -24.96 -13.48
C GLY A 211 -2.28 -24.56 -13.20
N PRO A 212 -3.24 -25.28 -13.81
CA PRO A 212 -4.66 -24.99 -13.60
C PRO A 212 -5.15 -25.55 -12.24
N VAL A 213 -6.31 -25.08 -11.79
CA VAL A 213 -6.90 -25.64 -10.54
C VAL A 213 -7.51 -26.99 -10.91
N SER A 214 -7.05 -28.07 -10.28
CA SER A 214 -7.60 -29.41 -10.59
C SER A 214 -7.57 -30.34 -9.38
N VAL A 215 -8.55 -31.22 -9.27
CA VAL A 215 -8.58 -32.23 -8.16
C VAL A 215 -7.46 -33.26 -8.39
N GLN A 216 -6.92 -33.34 -9.60
CA GLN A 216 -5.81 -34.28 -9.91
C GLN A 216 -4.57 -33.87 -9.10
N VAL A 217 -4.39 -32.55 -8.92
CA VAL A 217 -3.25 -31.95 -8.17
C VAL A 217 -3.89 -31.07 -7.10
N PRO A 218 -4.39 -31.66 -5.99
CA PRO A 218 -5.16 -30.92 -4.98
C PRO A 218 -4.61 -29.56 -4.54
N ALA A 219 -3.32 -29.48 -4.21
CA ALA A 219 -2.73 -28.22 -3.73
C ALA A 219 -2.86 -27.10 -4.78
N SER A 220 -3.27 -27.43 -6.01
CA SER A 220 -3.41 -26.39 -7.05
C SER A 220 -4.47 -25.36 -6.64
N VAL A 221 -5.40 -25.73 -5.76
CA VAL A 221 -6.50 -24.80 -5.34
C VAL A 221 -5.93 -23.74 -4.38
N LEU A 222 -4.80 -24.02 -3.72
CA LEU A 222 -4.25 -23.05 -2.72
C LEU A 222 -3.84 -21.73 -3.37
N LYS A 223 -3.58 -21.71 -4.67
CA LYS A 223 -3.18 -20.44 -5.36
C LYS A 223 -4.36 -19.47 -5.37
N LEU A 224 -5.56 -19.91 -4.97
CA LEU A 224 -6.74 -19.00 -4.94
C LEU A 224 -6.79 -18.27 -3.59
N HIS A 225 -5.99 -18.71 -2.61
CA HIS A 225 -6.06 -18.09 -1.26
C HIS A 225 -5.48 -16.68 -1.30
N PRO A 226 -6.12 -15.69 -0.65
CA PRO A 226 -5.62 -14.32 -0.66
C PRO A 226 -4.40 -14.06 0.23
N SER A 227 -4.01 -15.04 1.07
CA SER A 227 -2.85 -14.78 1.96
C SER A 227 -1.99 -16.04 2.07
N LEU A 228 -1.25 -16.33 1.00
CA LEU A 228 -0.39 -17.53 0.87
C LEU A 228 1.08 -17.14 0.72
N VAL A 229 1.93 -17.78 1.51
CA VAL A 229 3.40 -17.62 1.39
C VAL A 229 3.96 -19.02 1.15
N ILE A 230 4.76 -19.19 0.09
CA ILE A 230 5.39 -20.50 -0.22
C ILE A 230 6.88 -20.36 0.04
N ILE A 231 7.45 -21.28 0.82
CA ILE A 231 8.91 -21.25 1.09
C ILE A 231 9.44 -22.58 0.54
N ALA A 232 10.19 -22.51 -0.56
CA ALA A 232 10.75 -23.73 -1.20
C ALA A 232 12.26 -23.63 -1.29
N ASP A 233 12.95 -24.77 -1.33
CA ASP A 233 14.43 -24.71 -1.53
C ASP A 233 14.68 -24.78 -3.04
N LYS A 234 15.93 -24.56 -3.47
CA LYS A 234 16.25 -24.56 -4.92
C LYS A 234 15.81 -25.87 -5.59
N ALA A 235 16.07 -27.02 -4.96
CA ALA A 235 15.71 -28.32 -5.59
C ALA A 235 14.20 -28.39 -5.87
N ALA A 236 13.37 -27.93 -4.94
CA ALA A 236 11.91 -27.97 -5.11
C ALA A 236 11.44 -26.90 -6.11
N ALA A 237 12.19 -25.81 -6.28
CA ALA A 237 11.77 -24.71 -7.18
C ALA A 237 12.35 -24.86 -8.59
N ALA A 238 13.12 -25.94 -8.83
CA ALA A 238 13.85 -26.17 -10.11
C ALA A 238 12.96 -26.12 -11.36
N GLU A 239 11.67 -26.48 -11.29
CA GLU A 239 10.83 -26.46 -12.52
C GLU A 239 10.09 -25.13 -12.69
N LEU A 240 10.22 -24.18 -11.74
CA LEU A 240 9.53 -22.87 -11.89
C LEU A 240 10.26 -22.05 -12.97
N GLN A 241 9.51 -21.33 -13.80
CA GLN A 241 10.11 -20.51 -14.89
C GLN A 241 11.04 -19.45 -14.29
N GLN A 242 12.32 -19.44 -14.72
CA GLN A 242 13.35 -18.46 -14.26
C GLN A 242 13.22 -17.19 -15.12
N ASN B 2 -3.00 -5.03 22.61
CA ASN B 2 -2.84 -6.02 23.71
C ASN B 2 -2.65 -5.31 25.05
N ALA B 3 -3.28 -5.82 26.13
CA ALA B 3 -2.95 -5.20 27.44
C ALA B 3 -1.42 -5.34 27.51
N LYS B 5 2.13 -6.22 27.45
CA LYS B 5 2.70 -7.53 27.73
C LYS B 5 4.13 -7.36 28.22
N ILE B 7 7.49 -9.23 29.16
CA ILE B 7 8.26 -10.45 28.96
C ILE B 7 9.57 -10.33 29.73
N VAL B 8 9.79 -11.23 30.70
CA VAL B 8 11.04 -11.20 31.52
C VAL B 8 11.89 -12.40 31.08
N THR B 9 13.08 -12.12 30.55
CA THR B 9 14.02 -13.17 30.09
C THR B 9 15.10 -13.36 31.16
N GLU B 10 15.86 -14.43 31.05
CA GLU B 10 16.91 -14.77 32.05
C GLU B 10 18.05 -13.75 32.02
N ASP B 11 18.50 -13.37 30.82
CA ASP B 11 19.69 -12.50 30.69
C ASP B 11 19.67 -11.73 29.37
N TYR B 12 20.75 -10.98 29.12
CA TYR B 12 20.88 -10.14 27.90
C TYR B 12 20.76 -11.01 26.64
N GLU B 13 21.43 -12.17 26.64
CA GLU B 13 21.39 -13.04 25.42
C GLU B 13 19.94 -13.44 25.10
N GLU B 14 19.16 -13.88 26.10
CA GLU B 14 17.77 -14.32 25.84
C GLU B 14 16.92 -13.12 25.42
N SER B 16 17.84 -10.49 23.86
CA SER B 16 18.25 -10.18 22.50
C SER B 16 17.61 -11.16 21.50
N LEU B 17 17.63 -12.44 21.82
CA LEU B 17 17.04 -13.47 20.90
C LEU B 17 15.53 -13.26 20.80
N VAL B 18 14.85 -13.19 21.94
CA VAL B 18 13.37 -13.02 21.95
C VAL B 18 12.99 -11.73 21.22
N ALA B 19 13.74 -10.66 21.43
CA ALA B 19 13.45 -9.37 20.74
C ALA B 19 13.60 -9.59 19.23
N SER B 20 14.63 -10.31 18.80
CA SER B 20 14.80 -10.55 17.34
C SER B 20 13.59 -11.32 16.81
N HIS B 21 13.07 -12.29 17.56
CA HIS B 21 11.89 -13.07 17.07
C HIS B 21 10.67 -12.16 16.91
N HIS B 22 10.46 -11.24 17.86
CA HIS B 22 9.33 -10.28 17.77
C HIS B 22 9.48 -9.42 16.53
N VAL B 23 10.69 -8.89 16.30
CA VAL B 23 10.90 -8.02 15.11
C VAL B 23 10.74 -8.86 13.83
N LEU B 24 11.14 -10.14 13.85
CA LEU B 24 11.04 -10.99 12.63
C LEU B 24 9.57 -11.19 12.24
N GLY B 25 8.65 -11.02 13.20
CA GLY B 25 7.21 -11.13 12.90
C GLY B 25 6.79 -10.03 11.95
N TYR B 26 7.47 -8.90 12.00
CA TYR B 26 7.16 -7.74 11.11
C TYR B 26 7.98 -7.88 9.81
N ILE B 27 9.24 -8.28 9.94
CA ILE B 27 10.15 -8.42 8.77
C ILE B 27 9.59 -9.46 7.80
N THR B 28 8.93 -10.51 8.31
CA THR B 28 8.38 -11.59 7.45
C THR B 28 6.95 -11.26 6.96
N ALA B 29 6.40 -10.09 7.30
CA ALA B 29 5.05 -9.75 6.79
C ALA B 29 5.14 -9.60 5.27
N PRO B 30 4.20 -10.18 4.49
CA PRO B 30 4.26 -10.10 3.02
C PRO B 30 4.07 -8.70 2.40
N ARG B 31 3.39 -7.77 3.07
CA ARG B 31 3.20 -6.41 2.49
C ARG B 31 4.21 -5.45 3.14
N ARG B 32 4.19 -4.19 2.71
CA ARG B 32 5.14 -3.18 3.23
C ARG B 32 4.95 -2.97 4.73
N VAL B 33 6.07 -2.91 5.46
CA VAL B 33 6.06 -2.59 6.92
C VAL B 33 7.11 -1.50 7.14
N ASN B 34 6.77 -0.55 8.00
CA ASN B 34 7.64 0.60 8.36
C ASN B 34 8.11 0.37 9.80
N LEU B 35 9.42 0.17 9.98
CA LEU B 35 9.99 -0.08 11.34
C LEU B 35 10.95 1.06 11.74
N ALA B 36 10.68 1.69 12.88
CA ALA B 36 11.59 2.71 13.45
C ALA B 36 12.46 1.94 14.44
N VAL B 37 13.79 2.01 14.33
CA VAL B 37 14.67 1.17 15.17
C VAL B 37 15.71 2.01 15.94
N THR B 38 15.98 1.58 17.17
CA THR B 38 16.90 2.29 18.08
C THR B 38 18.36 1.91 17.87
N ALA B 39 19.25 2.83 18.24
CA ALA B 39 20.71 2.59 18.26
C ALA B 39 21.04 2.33 19.74
N GLY B 40 22.31 2.44 20.13
CA GLY B 40 22.70 2.21 21.54
C GLY B 40 23.26 0.82 21.74
N SER B 41 23.67 0.48 22.97
CA SER B 41 24.26 -0.85 23.24
C SER B 41 23.18 -1.92 23.48
N THR B 42 22.00 -1.53 23.98
CA THR B 42 20.94 -2.53 24.30
C THR B 42 20.61 -3.42 23.09
N PRO B 43 20.38 -2.87 21.87
CA PRO B 43 20.02 -3.72 20.73
C PRO B 43 21.17 -4.37 19.95
N LYS B 44 22.42 -4.20 20.38
CA LYS B 44 23.57 -4.74 19.60
C LYS B 44 23.39 -6.22 19.28
N ARG B 45 23.13 -7.05 20.30
CA ARG B 45 22.99 -8.51 20.06
C ARG B 45 21.73 -8.80 19.25
N TYR B 47 20.45 -6.99 16.92
CA TYR B 47 20.79 -6.72 15.53
C TYR B 47 21.70 -7.82 14.96
N GLU B 48 22.55 -8.44 15.79
CA GLU B 48 23.38 -9.55 15.26
C GLU B 48 22.46 -10.70 14.85
N HIS B 49 21.42 -10.98 15.64
CA HIS B 49 20.45 -12.04 15.27
C HIS B 49 19.69 -11.64 13.99
N LEU B 50 19.24 -10.39 13.92
CA LEU B 50 18.48 -9.94 12.72
C LEU B 50 19.38 -9.99 11.48
N THR B 51 20.67 -9.68 11.64
CA THR B 51 21.64 -9.71 10.51
C THR B 51 21.69 -11.14 9.97
N ALA B 52 21.84 -12.12 10.86
CA ALA B 52 21.93 -13.53 10.44
C ALA B 52 20.61 -13.96 9.78
N ALA B 53 19.49 -13.38 10.19
CA ALA B 53 18.18 -13.79 9.64
C ALA B 53 17.91 -13.15 8.27
N VAL B 54 18.46 -11.98 7.97
CA VAL B 54 18.09 -11.30 6.69
C VAL B 54 19.29 -11.13 5.73
N LYS B 55 20.53 -11.29 6.21
CA LYS B 55 21.71 -11.11 5.31
C LYS B 55 21.60 -12.03 4.10
N GLY B 56 21.83 -11.49 2.90
CA GLY B 56 21.79 -12.26 1.63
C GLY B 56 20.42 -12.76 1.23
N LYS B 57 19.35 -12.16 1.79
CA LYS B 57 17.97 -12.59 1.44
C LYS B 57 17.29 -11.44 0.72
N ALA B 58 16.75 -11.69 -0.47
CA ALA B 58 16.13 -10.64 -1.30
C ALA B 58 14.61 -10.58 -1.12
N PHE B 59 14.04 -11.50 -0.33
CA PHE B 59 12.56 -11.56 -0.18
C PHE B 59 12.03 -10.70 1.00
N TYR B 60 12.87 -9.88 1.64
CA TYR B 60 12.35 -8.95 2.67
C TYR B 60 12.53 -7.52 2.14
N ASP B 61 12.28 -7.36 0.84
CA ASP B 61 12.50 -6.05 0.14
C ASP B 61 11.38 -5.03 0.40
N ARG B 62 10.30 -5.39 1.12
CA ARG B 62 9.20 -4.43 1.39
C ARG B 62 9.30 -3.96 2.84
N VAL B 63 10.42 -4.25 3.50
CA VAL B 63 10.63 -3.79 4.90
C VAL B 63 11.40 -2.47 4.82
N HIS B 64 10.80 -1.39 5.34
CA HIS B 64 11.45 -0.05 5.33
C HIS B 64 11.86 0.31 6.76
N TYR B 65 13.11 0.76 6.92
CA TYR B 65 13.68 1.10 8.25
C TYR B 65 13.84 2.61 8.40
N TYR B 66 13.60 3.09 9.62
CA TYR B 66 13.66 4.54 9.95
C TYR B 66 14.39 4.78 11.27
N ASN B 67 15.22 5.82 11.33
CA ASN B 67 15.84 6.24 12.62
C ASN B 67 14.81 7.18 13.26
N PHE B 68 14.74 7.24 14.59
CA PHE B 68 13.70 8.08 15.25
C PHE B 68 14.34 9.31 15.89
N ASP B 69 15.66 9.44 15.81
CA ASP B 69 16.34 10.65 16.33
C ASP B 69 17.66 10.81 15.59
N GLU B 70 18.27 11.99 15.69
CA GLU B 70 19.55 12.18 15.00
C GLU B 70 20.29 13.35 15.65
N ILE B 71 21.59 13.18 15.82
CA ILE B 71 22.52 14.18 16.38
C ILE B 71 23.61 14.37 15.34
N PRO B 72 23.65 15.50 14.61
CA PRO B 72 24.72 15.71 13.63
C PRO B 72 26.04 15.98 14.34
N PHE B 73 27.17 15.81 13.63
CA PHE B 73 28.50 16.15 14.18
C PHE B 73 28.73 17.64 13.88
N ARG B 74 28.96 18.43 14.93
CA ARG B 74 29.13 19.90 14.80
C ARG B 74 30.20 20.26 13.78
N GLY B 75 29.86 21.15 12.83
CA GLY B 75 30.80 21.62 11.80
C GLY B 75 31.21 20.54 10.81
N GLN B 76 30.63 19.34 10.89
CA GLN B 76 30.98 18.25 9.93
C GLN B 76 29.78 17.99 9.01
N SER B 77 30.04 17.56 7.78
CA SER B 77 28.95 17.30 6.79
C SER B 77 28.60 15.81 6.74
N ARG B 78 29.30 14.98 7.52
CA ARG B 78 29.04 13.52 7.52
C ARG B 78 27.66 13.23 8.10
N GLU B 79 27.21 12.00 7.92
CA GLU B 79 25.91 11.54 8.48
C GLU B 79 25.99 11.62 10.01
N GLY B 80 24.84 11.82 10.66
CA GLY B 80 24.76 11.94 12.13
C GLY B 80 25.14 10.64 12.85
N VAL B 81 25.20 10.72 14.18
CA VAL B 81 25.62 9.58 15.05
C VAL B 81 24.61 8.43 14.99
N THR B 82 23.30 8.72 14.98
CA THR B 82 22.27 7.63 15.01
C THR B 82 22.33 6.79 13.72
N ILE B 83 22.20 7.42 12.56
CA ILE B 83 22.21 6.59 11.32
C ILE B 83 23.59 5.92 11.19
N SER B 84 24.65 6.58 11.63
CA SER B 84 26.02 5.98 11.55
C SER B 84 26.07 4.71 12.41
N ASN B 85 25.56 4.79 13.63
CA ASN B 85 25.55 3.60 14.53
C ASN B 85 24.63 2.52 13.96
N LEU B 86 23.47 2.90 13.39
CA LEU B 86 22.53 1.89 12.84
C LEU B 86 23.19 1.16 11.66
N ARG B 87 23.96 1.86 10.83
CA ARG B 87 24.65 1.21 9.70
C ARG B 87 25.67 0.20 10.23
N GLN B 88 26.46 0.61 11.22
CA GLN B 88 27.50 -0.26 11.83
C GLN B 88 26.84 -1.46 12.54
N LEU B 89 25.78 -1.21 13.31
CA LEU B 89 25.10 -2.31 14.06
C LEU B 89 24.26 -3.22 13.15
N PHE B 90 23.77 -2.71 12.01
CA PHE B 90 22.80 -3.58 11.29
C PHE B 90 22.70 -3.34 9.78
N PHE B 91 22.42 -2.11 9.32
CA PHE B 91 22.18 -1.93 7.87
C PHE B 91 23.37 -2.41 7.02
N THR B 92 24.61 -2.17 7.44
CA THR B 92 25.77 -2.58 6.60
C THR B 92 25.91 -4.10 6.63
N PRO B 93 26.18 -4.75 7.78
CA PRO B 93 26.34 -6.21 7.81
C PRO B 93 25.10 -6.98 7.28
N ALA B 94 23.89 -6.43 7.45
CA ALA B 94 22.65 -7.13 7.00
C ALA B 94 22.41 -6.87 5.51
N GLN B 95 23.19 -5.96 4.90
CA GLN B 95 23.09 -5.62 3.46
C GLN B 95 21.69 -5.04 3.14
N ILE B 96 21.17 -4.18 4.02
CA ILE B 96 19.85 -3.54 3.73
C ILE B 96 20.02 -2.56 2.57
N LYS B 97 19.11 -2.59 1.59
CA LYS B 97 19.18 -1.67 0.43
C LYS B 97 18.97 -0.22 0.92
N GLU B 98 19.71 0.72 0.33
CA GLU B 98 19.62 2.15 0.70
C GLU B 98 18.19 2.65 0.47
N GLU B 99 17.50 2.18 -0.57
CA GLU B 99 16.11 2.62 -0.86
C GLU B 99 15.15 2.20 0.28
N ASN B 100 15.59 1.31 1.18
CA ASN B 100 14.71 0.84 2.29
C ASN B 100 15.16 1.47 3.62
N ILE B 101 16.10 2.43 3.55
CA ILE B 101 16.61 3.15 4.73
C ILE B 101 16.14 4.61 4.62
N HIS B 102 15.33 5.06 5.57
CA HIS B 102 14.80 6.45 5.53
C HIS B 102 15.42 7.23 6.68
N LYS B 103 16.26 8.21 6.35
CA LYS B 103 16.98 9.01 7.36
C LYS B 103 16.19 10.24 7.84
N LEU B 104 16.12 10.39 9.16
CA LEU B 104 15.58 11.60 9.81
C LEU B 104 16.79 12.49 10.09
N THR B 105 16.72 13.76 9.71
CA THR B 105 17.81 14.76 9.94
C THR B 105 17.17 16.08 10.37
N LEU B 106 17.97 17.06 10.79
CA LEU B 106 17.37 18.38 11.15
C LEU B 106 16.72 18.97 9.88
N ASP B 107 17.32 18.75 8.72
CA ASP B 107 16.86 19.32 7.42
C ASP B 107 15.48 18.80 7.00
N ASN B 108 15.15 17.53 7.24
CA ASN B 108 13.84 17.00 6.78
C ASN B 108 12.87 16.76 7.94
N ALA B 109 13.23 17.17 9.17
CA ALA B 109 12.37 16.91 10.36
C ALA B 109 10.94 17.46 10.16
N ALA B 110 10.79 18.69 9.66
CA ALA B 110 9.47 19.33 9.46
C ALA B 110 8.55 18.52 8.52
N GLN B 111 9.10 17.61 7.72
CA GLN B 111 8.27 16.80 6.78
C GLN B 111 8.19 15.34 7.23
N HIS B 112 8.94 14.96 8.27
CA HIS B 112 9.02 13.55 8.71
C HIS B 112 7.66 12.95 9.08
N ASP B 113 6.87 13.63 9.92
CA ASP B 113 5.56 13.07 10.37
C ASP B 113 4.62 12.86 9.18
N ARG B 114 4.61 13.82 8.24
CA ARG B 114 3.73 13.74 7.05
C ARG B 114 4.20 12.58 6.15
N GLN B 115 5.52 12.44 5.96
CA GLN B 115 6.04 11.34 5.10
C GLN B 115 5.67 9.98 5.70
N LEU B 116 5.76 9.83 7.03
CA LEU B 116 5.39 8.53 7.66
C LEU B 116 3.91 8.20 7.43
N GLU B 117 3.01 9.18 7.62
N GLU B 117 3.01 9.18 7.62
CA GLU B 117 1.55 8.90 7.44
CA GLU B 117 1.56 8.91 7.44
C GLU B 117 1.29 8.53 5.98
C GLU B 117 1.29 8.53 5.98
N GLU B 118 1.97 9.19 5.03
CA GLU B 118 1.77 8.91 3.58
C GLU B 118 2.27 7.48 3.28
N ALA B 119 3.31 7.02 3.98
CA ALA B 119 3.87 5.66 3.78
C ALA B 119 3.01 4.61 4.52
N GLY B 120 1.94 5.02 5.20
CA GLY B 120 1.05 4.09 5.92
C GLY B 120 1.26 4.08 7.43
N GLY B 121 2.14 4.94 7.95
CA GLY B 121 2.43 4.99 9.40
C GLY B 121 3.42 3.91 9.82
N LEU B 122 4.02 4.10 11.00
CA LEU B 122 4.96 3.09 11.54
C LEU B 122 4.19 1.84 12.02
N ASP B 123 4.67 0.66 11.62
CA ASP B 123 4.08 -0.64 12.04
C ASP B 123 4.65 -0.98 13.40
N LEU B 124 5.93 -0.64 13.58
CA LEU B 124 6.60 -0.97 14.85
C LEU B 124 7.73 -0.01 15.15
N VAL B 126 10.99 -0.01 17.71
CA VAL B 126 11.80 -0.78 18.63
C VAL B 126 12.58 0.24 19.46
N LEU B 127 12.21 0.45 20.71
CA LEU B 127 12.97 1.47 21.48
C LEU B 127 13.61 0.92 22.75
N GLY B 128 14.62 1.66 23.19
CA GLY B 128 15.36 1.37 24.42
C GLY B 128 14.86 2.29 25.51
N LEU B 129 15.23 1.99 26.75
CA LEU B 129 14.80 2.79 27.92
C LEU B 129 16.05 3.33 28.61
N GLY B 130 16.14 4.64 28.80
CA GLY B 130 17.30 5.21 29.51
C GLY B 130 17.21 4.96 31.00
N ALA B 131 18.35 5.03 31.70
CA ALA B 131 18.36 4.85 33.17
C ALA B 131 17.49 5.94 33.81
N ASP B 132 17.38 7.09 33.15
CA ASP B 132 16.57 8.25 33.65
C ASP B 132 15.16 8.19 33.06
N GLY B 133 14.83 7.12 32.32
CA GLY B 133 13.47 6.97 31.75
C GLY B 133 13.32 7.67 30.41
N HIS B 134 14.41 8.13 29.80
CA HIS B 134 14.27 8.79 28.48
C HIS B 134 14.00 7.72 27.42
N PHE B 135 13.41 8.12 26.31
CA PHE B 135 13.16 7.24 25.13
C PHE B 135 13.39 8.12 23.91
N CYS B 136 14.09 7.60 22.89
CA CYS B 136 14.43 8.48 21.74
C CYS B 136 15.19 9.66 22.34
N GLY B 137 14.94 10.88 21.87
CA GLY B 137 15.60 12.08 22.42
C GLY B 137 14.69 12.82 23.38
N ASN B 138 13.69 12.13 23.94
CA ASN B 138 12.72 12.73 24.90
C ASN B 138 13.34 12.58 26.30
N LEU B 139 14.02 13.63 26.76
CA LEU B 139 14.75 13.59 28.07
C LEU B 139 13.87 14.13 29.19
N PRO B 140 14.21 13.80 30.46
CA PRO B 140 13.47 14.27 31.61
C PRO B 140 13.20 15.78 31.65
N ASN B 141 11.99 16.15 32.09
CA ASN B 141 11.52 17.54 32.32
C ASN B 141 11.40 18.35 31.02
N THR B 142 12.36 18.23 30.09
CA THR B 142 12.31 19.01 28.83
C THR B 142 11.32 18.38 27.84
N THR B 143 10.93 17.11 28.07
CA THR B 143 9.98 16.41 27.17
C THR B 143 8.58 17.04 27.26
N ARG B 144 7.90 17.17 26.11
CA ARG B 144 6.48 17.62 26.08
C ARG B 144 5.69 16.51 25.38
N PHE B 145 4.70 15.92 26.07
CA PHE B 145 3.98 14.76 25.48
C PHE B 145 3.26 15.09 24.17
N HIS B 146 2.83 16.32 23.94
CA HIS B 146 2.12 16.63 22.68
C HIS B 146 3.10 16.78 21.51
N ASP B 147 4.41 16.78 21.78
CA ASP B 147 5.40 16.99 20.68
C ASP B 147 5.41 15.85 19.65
N GLN B 148 5.47 16.25 18.38
CA GLN B 148 5.66 15.31 17.25
C GLN B 148 7.16 15.35 16.93
N THR B 149 7.56 15.34 15.67
CA THR B 149 9.02 15.37 15.36
C THR B 149 9.51 16.80 15.60
N VAL B 150 10.46 16.98 16.53
CA VAL B 150 10.92 18.37 16.87
C VAL B 150 12.44 18.45 17.02
N GLU B 151 12.95 19.67 16.90
CA GLU B 151 14.38 19.98 17.10
C GLU B 151 14.55 20.36 18.58
N VAL B 152 15.60 19.87 19.24
CA VAL B 152 15.80 20.17 20.69
C VAL B 152 17.16 20.84 20.89
N PRO B 153 17.21 22.09 21.42
CA PRO B 153 18.48 22.75 21.67
C PRO B 153 19.31 21.99 22.73
N ILE B 154 20.63 21.95 22.54
CA ILE B 154 21.57 21.29 23.50
C ILE B 154 22.24 22.41 24.33
N HIS B 155 22.04 22.40 25.65
CA HIS B 155 22.60 23.47 26.52
C HIS B 155 22.97 22.90 27.89
N GLY B 156 23.81 23.64 28.62
CA GLY B 156 24.24 23.27 29.99
C GLY B 156 24.83 21.87 30.07
N GLU B 157 24.40 21.12 31.08
CA GLU B 157 24.93 19.75 31.39
C GLU B 157 24.72 18.78 30.23
N ILE B 159 25.55 19.06 27.25
CA ILE B 159 26.69 19.07 26.35
C ILE B 159 27.65 17.94 26.70
N ALA B 160 28.10 17.87 27.97
CA ALA B 160 29.06 16.83 28.39
C ALA B 160 28.42 15.43 28.30
N LEU B 161 27.14 15.30 28.71
CA LEU B 161 26.41 13.99 28.68
C LEU B 161 26.41 13.43 27.25
N ILE B 162 26.05 14.26 26.27
CA ILE B 162 25.99 13.82 24.85
C ILE B 162 27.41 13.54 24.34
N ALA B 163 28.36 14.44 24.61
CA ALA B 163 29.76 14.25 24.15
C ALA B 163 30.29 12.88 24.62
N ASN B 164 30.14 12.59 25.91
CA ASN B 164 30.64 11.33 26.53
C ASN B 164 29.85 10.09 26.12
N SER B 165 28.52 10.18 26.01
CA SER B 165 27.72 8.97 25.68
C SER B 165 27.63 8.73 24.16
N GLU B 166 27.84 9.76 23.35
CA GLU B 166 27.65 9.58 21.88
C GLU B 166 28.90 9.89 21.06
N GLY B 168 32.26 10.05 22.08
CA GLY B 168 33.51 9.67 22.74
C GLY B 168 34.16 10.80 23.52
N GLY B 169 33.38 11.55 24.30
CA GLY B 169 33.87 12.66 25.15
C GLY B 169 34.35 13.87 24.37
N ASP B 170 34.15 13.92 23.06
CA ASP B 170 34.61 15.07 22.25
C ASP B 170 33.53 16.15 22.28
N ILE B 171 33.70 17.22 23.08
CA ILE B 171 32.67 18.30 23.20
C ILE B 171 32.62 19.16 21.92
N SER B 172 33.69 19.22 21.12
CA SER B 172 33.68 20.05 19.88
C SER B 172 32.71 19.48 18.84
N ALA B 173 32.42 18.18 18.88
CA ALA B 173 31.50 17.52 17.91
C ALA B 173 30.04 17.56 18.37
N VAL B 174 29.76 18.02 19.58
CA VAL B 174 28.34 18.16 20.07
C VAL B 174 27.76 19.36 19.34
N PRO B 175 26.64 19.20 18.60
CA PRO B 175 26.05 20.32 17.87
C PRO B 175 25.19 21.21 18.76
N ASN B 176 24.62 22.26 18.16
CA ASN B 176 23.76 23.21 18.90
C ASN B 176 22.41 22.55 19.22
N SER B 177 21.99 21.59 18.40
CA SER B 177 20.69 20.90 18.67
C SER B 177 20.65 19.52 18.01
N TYR B 178 19.60 18.76 18.34
CA TYR B 178 19.36 17.43 17.73
C TYR B 178 17.88 17.34 17.37
N VAL B 179 17.50 16.28 16.67
CA VAL B 179 16.07 16.08 16.30
C VAL B 179 15.61 14.74 16.90
N THR B 180 14.36 14.71 17.35
CA THR B 180 13.81 13.45 17.86
C THR B 180 12.32 13.39 17.55
N GLY B 182 8.96 13.08 18.84
CA GLY B 182 8.42 13.38 20.15
C GLY B 182 7.49 12.27 20.62
N PRO B 183 6.99 12.35 21.87
CA PRO B 183 6.11 11.31 22.42
C PRO B 183 4.86 11.09 21.56
N ARG B 184 4.31 12.15 21.00
CA ARG B 184 3.07 11.95 20.19
C ARG B 184 3.43 11.16 18.91
N SER B 185 4.57 11.47 18.30
CA SER B 185 5.00 10.75 17.07
C SER B 185 5.28 9.27 17.41
N VAL B 186 5.92 9.03 18.54
CA VAL B 186 6.20 7.64 18.98
C VAL B 186 4.89 6.89 19.22
N ALA B 188 2.14 7.33 17.94
CA ALA B 188 1.38 7.16 16.71
C ALA B 188 1.74 5.82 16.03
N ALA B 189 2.82 5.17 16.45
CA ALA B 189 3.19 3.87 15.85
C ALA B 189 2.08 2.87 16.17
N LYS B 190 1.83 1.92 15.27
CA LYS B 190 0.77 0.91 15.50
C LYS B 190 1.15 -0.02 16.65
N ASN B 191 2.46 -0.27 16.81
CA ASN B 191 2.93 -1.21 17.85
C ASN B 191 4.26 -0.72 18.41
N LEU B 192 4.48 -0.96 19.70
CA LEU B 192 5.74 -0.56 20.36
C LEU B 192 6.40 -1.79 20.96
N LEU B 193 7.72 -1.85 20.82
CA LEU B 193 8.54 -2.94 21.41
C LEU B 193 9.63 -2.25 22.22
N LEU B 194 9.51 -2.29 23.55
CA LEU B 194 10.50 -1.65 24.44
C LEU B 194 11.46 -2.74 24.95
N ILE B 195 12.76 -2.60 24.63
CA ILE B 195 13.76 -3.61 25.07
C ILE B 195 14.57 -2.97 26.21
N VAL B 196 14.76 -3.73 27.29
CA VAL B 196 15.44 -3.18 28.50
C VAL B 196 16.38 -4.23 29.07
N SER B 197 17.62 -3.85 29.35
CA SER B 197 18.62 -4.81 29.90
C SER B 197 19.52 -4.16 30.95
N GLY B 198 19.77 -4.87 32.05
CA GLY B 198 20.71 -4.37 33.07
C GLY B 198 20.08 -3.74 34.30
N ALA B 199 20.80 -3.83 35.42
CA ALA B 199 20.40 -3.29 36.74
C ALA B 199 20.24 -1.77 36.66
N ALA B 200 21.03 -1.10 35.81
CA ALA B 200 20.97 0.38 35.71
C ALA B 200 19.60 0.85 35.20
N LYS B 201 18.82 -0.04 34.58
CA LYS B 201 17.48 0.33 34.03
C LYS B 201 16.32 -0.15 34.93
N ALA B 202 16.62 -0.88 35.99
CA ALA B 202 15.54 -1.46 36.84
C ALA B 202 14.62 -0.38 37.42
N HIS B 203 15.17 0.75 37.88
CA HIS B 203 14.32 1.78 38.52
C HIS B 203 13.42 2.44 37.48
N ALA B 204 13.99 2.79 36.32
CA ALA B 204 13.20 3.41 35.24
C ALA B 204 12.08 2.47 34.81
N LEU B 205 12.36 1.18 34.68
CA LEU B 205 11.33 0.22 34.22
C LEU B 205 10.18 0.16 35.23
N LYS B 206 10.48 0.18 36.53
CA LYS B 206 9.43 0.17 37.58
C LYS B 206 8.56 1.42 37.42
N GLN B 207 9.18 2.59 37.25
CA GLN B 207 8.44 3.87 37.09
C GLN B 207 7.53 3.80 35.87
N VAL B 208 7.98 3.16 34.79
CA VAL B 208 7.19 3.02 33.54
C VAL B 208 6.01 2.07 33.76
N VAL B 209 6.28 0.89 34.32
CA VAL B 209 5.21 -0.13 34.50
C VAL B 209 4.26 0.23 35.64
N GLU B 210 4.77 0.70 36.77
CA GLU B 210 3.93 0.90 37.98
C GLU B 210 3.80 2.37 38.40
N GLY B 211 4.56 3.28 37.80
CA GLY B 211 4.52 4.69 38.22
C GLY B 211 3.48 5.53 37.49
N PRO B 212 3.27 6.79 37.95
CA PRO B 212 2.33 7.69 37.30
C PRO B 212 2.91 8.24 35.99
N VAL B 213 2.04 8.77 35.13
CA VAL B 213 2.53 9.38 33.85
C VAL B 213 3.12 10.73 34.22
N SER B 214 4.41 10.93 33.91
CA SER B 214 5.08 12.20 34.28
C SER B 214 6.19 12.55 33.29
N VAL B 215 6.36 13.84 33.04
CA VAL B 215 7.43 14.34 32.14
C VAL B 215 8.79 14.09 32.81
N GLN B 216 8.82 13.88 34.13
CA GLN B 216 10.10 13.64 34.84
C GLN B 216 10.69 12.30 34.39
N VAL B 217 9.82 11.33 34.09
CA VAL B 217 10.19 9.97 33.59
C VAL B 217 9.43 9.81 32.29
N PRO B 218 9.94 10.39 31.18
CA PRO B 218 9.23 10.39 29.90
C PRO B 218 8.59 9.07 29.44
N ALA B 219 9.35 7.97 29.51
CA ALA B 219 8.82 6.67 29.04
C ALA B 219 7.57 6.25 29.83
N SER B 220 7.25 6.96 30.91
CA SER B 220 6.07 6.59 31.73
C SER B 220 4.79 6.69 30.88
N VAL B 221 4.81 7.52 29.84
CA VAL B 221 3.60 7.74 28.99
C VAL B 221 3.35 6.52 28.09
N LEU B 222 4.39 5.69 27.84
CA LEU B 222 4.24 4.54 26.90
C LEU B 222 3.24 3.51 27.42
N LYS B 223 3.00 3.47 28.73
CA LYS B 223 2.03 2.47 29.27
C LYS B 223 0.61 2.82 28.82
N LEU B 224 0.42 3.97 28.18
CA LEU B 224 -0.94 4.35 27.69
C LEU B 224 -1.17 3.77 26.29
N HIS B 225 -0.10 3.25 25.65
CA HIS B 225 -0.25 2.74 24.27
C HIS B 225 -1.04 1.43 24.29
N PRO B 226 -1.98 1.23 23.33
CA PRO B 226 -2.78 0.01 23.30
C PRO B 226 -2.05 -1.23 22.78
N SER B 227 -0.83 -1.07 22.24
CA SER B 227 -0.13 -2.26 21.69
C SER B 227 1.37 -2.17 22.02
N LEU B 228 1.69 -2.40 23.29
CA LEU B 228 3.07 -2.34 23.83
C LEU B 228 3.52 -3.71 24.33
N VAL B 229 4.72 -4.10 23.90
CA VAL B 229 5.37 -5.34 24.41
C VAL B 229 6.71 -4.89 24.99
N ILE B 230 6.97 -5.25 26.24
CA ILE B 230 8.26 -4.93 26.92
C ILE B 230 9.03 -6.24 27.05
N ILE B 231 10.28 -6.24 26.62
CA ILE B 231 11.16 -7.42 26.78
C ILE B 231 12.32 -6.95 27.66
N ALA B 232 12.34 -7.43 28.90
CA ALA B 232 13.41 -7.06 29.84
C ALA B 232 14.13 -8.33 30.32
N ASP B 233 15.38 -8.18 30.76
CA ASP B 233 16.07 -9.34 31.37
C ASP B 233 15.80 -9.28 32.87
N LYS B 234 16.18 -10.34 33.61
CA LYS B 234 15.89 -10.37 35.08
C LYS B 234 16.47 -9.14 35.78
N ALA B 235 17.71 -8.75 35.45
CA ALA B 235 18.37 -7.60 36.12
C ALA B 235 17.52 -6.33 35.95
N ALA B 236 16.99 -6.09 34.75
CA ALA B 236 16.18 -4.87 34.51
C ALA B 236 14.80 -4.99 35.15
N ALA B 237 14.30 -6.21 35.36
CA ALA B 237 12.93 -6.39 35.94
C ALA B 237 12.97 -6.55 37.47
N ALA B 238 14.15 -6.49 38.08
CA ALA B 238 14.37 -6.71 39.54
C ALA B 238 13.51 -5.82 40.44
N GLU B 239 13.13 -4.60 40.03
CA GLU B 239 12.32 -3.75 40.95
C GLU B 239 10.82 -3.91 40.69
N LEU B 240 10.41 -4.73 39.71
CA LEU B 240 8.96 -4.94 39.47
C LEU B 240 8.39 -5.83 40.57
N GLN B 241 7.18 -5.50 41.04
CA GLN B 241 6.53 -6.30 42.11
C GLN B 241 6.32 -7.74 41.59
N GLN B 242 7.02 -8.71 42.19
CA GLN B 242 6.85 -10.13 41.80
C GLN B 242 5.55 -10.61 42.47
N ASN C 2 -13.53 -15.04 8.35
CA ASN C 2 -14.75 -15.50 9.08
C ASN C 2 -15.37 -16.73 8.40
N ALA C 3 -15.85 -17.71 9.17
CA ALA C 3 -16.58 -18.80 8.49
C ALA C 3 -17.66 -18.06 7.69
N LYS C 5 -20.36 -16.03 6.28
CA LYS C 5 -21.51 -15.50 6.99
C LYS C 5 -22.66 -15.31 6.02
N ILE C 7 -26.31 -13.83 5.52
CA ILE C 7 -27.29 -12.90 6.04
C ILE C 7 -28.54 -12.98 5.17
N VAL C 8 -29.68 -13.35 5.76
CA VAL C 8 -30.96 -13.44 5.00
C VAL C 8 -31.82 -12.26 5.46
N THR C 9 -32.16 -11.37 4.53
CA THR C 9 -33.00 -10.18 4.83
C THR C 9 -34.42 -10.48 4.35
N GLU C 10 -35.38 -9.66 4.77
CA GLU C 10 -36.80 -9.85 4.42
C GLU C 10 -37.03 -9.62 2.93
N ASP C 11 -36.45 -8.55 2.38
CA ASP C 11 -36.74 -8.18 0.96
C ASP C 11 -35.59 -7.40 0.35
N TYR C 12 -35.78 -6.94 -0.89
CA TYR C 12 -34.75 -6.19 -1.65
C TYR C 12 -34.34 -4.91 -0.89
N GLU C 13 -35.32 -4.20 -0.34
CA GLU C 13 -35.00 -2.95 0.41
C GLU C 13 -34.05 -3.24 1.57
N GLU C 14 -34.34 -4.26 2.39
CA GLU C 14 -33.48 -4.56 3.57
C GLU C 14 -32.11 -5.05 3.09
N SER C 16 -30.56 -4.25 0.43
CA SER C 16 -29.87 -3.06 -0.06
C SER C 16 -29.34 -2.21 1.11
N LEU C 17 -30.17 -2.02 2.15
CA LEU C 17 -29.75 -1.20 3.31
C LEU C 17 -28.59 -1.88 4.04
N VAL C 18 -28.76 -3.16 4.40
CA VAL C 18 -27.72 -3.92 5.13
C VAL C 18 -26.43 -3.95 4.31
N ALA C 19 -26.53 -4.15 3.00
CA ALA C 19 -25.33 -4.17 2.14
C ALA C 19 -24.65 -2.79 2.21
N SER C 20 -25.42 -1.71 2.18
CA SER C 20 -24.80 -0.36 2.27
C SER C 20 -24.05 -0.22 3.60
N HIS C 21 -24.62 -0.75 4.69
CA HIS C 21 -23.93 -0.62 6.01
C HIS C 21 -22.61 -1.39 5.99
N HIS C 22 -22.58 -2.58 5.38
CA HIS C 22 -21.33 -3.37 5.27
C HIS C 22 -20.28 -2.59 4.48
N VAL C 23 -20.68 -2.01 3.35
CA VAL C 23 -19.71 -1.23 2.52
C VAL C 23 -19.27 0.02 3.30
N LEU C 24 -20.15 0.63 4.10
CA LEU C 24 -19.80 1.87 4.87
C LEU C 24 -18.70 1.55 5.89
N GLY C 25 -18.57 0.28 6.28
CA GLY C 25 -17.50 -0.09 7.23
C GLY C 25 -16.14 0.11 6.59
N TYR C 26 -16.08 -0.03 5.26
CA TYR C 26 -14.80 0.15 4.52
C TYR C 26 -14.64 1.63 4.15
N ILE C 27 -15.73 2.26 3.71
CA ILE C 27 -15.71 3.70 3.32
C ILE C 27 -15.26 4.57 4.49
N THR C 28 -15.64 4.21 5.72
CA THR C 28 -15.27 5.01 6.92
C THR C 28 -13.90 4.61 7.50
N ALA C 29 -13.18 3.68 6.87
CA ALA C 29 -11.84 3.32 7.39
C ALA C 29 -10.92 4.53 7.24
N PRO C 30 -10.12 4.89 8.28
CA PRO C 30 -9.23 6.05 8.21
C PRO C 30 -8.07 5.98 7.21
N ARG C 31 -7.60 4.80 6.84
CA ARG C 31 -6.47 4.70 5.86
C ARG C 31 -7.04 4.33 4.48
N ARG C 32 -6.17 4.25 3.47
CA ARG C 32 -6.62 3.92 2.10
C ARG C 32 -7.29 2.54 2.04
N VAL C 33 -8.41 2.45 1.31
CA VAL C 33 -9.10 1.16 1.07
C VAL C 33 -9.40 1.10 -0.42
N ASN C 34 -9.25 -0.09 -1.00
CA ASN C 34 -9.48 -0.34 -2.44
C ASN C 34 -10.74 -1.22 -2.54
N LEU C 35 -11.81 -0.69 -3.14
CA LEU C 35 -13.08 -1.43 -3.27
C LEU C 35 -13.43 -1.67 -4.76
N ALA C 36 -13.63 -2.94 -5.13
CA ALA C 36 -14.09 -3.29 -6.49
C ALA C 36 -15.61 -3.42 -6.37
N VAL C 37 -16.35 -2.71 -7.22
CA VAL C 37 -17.83 -2.69 -7.06
C VAL C 37 -18.56 -3.12 -8.35
N THR C 38 -19.66 -3.85 -8.18
CA THR C 38 -20.45 -4.41 -9.31
C THR C 38 -21.46 -3.40 -9.87
N ALA C 39 -21.80 -3.58 -11.14
CA ALA C 39 -22.87 -2.83 -11.83
C ALA C 39 -24.08 -3.76 -11.83
N GLY C 40 -25.08 -3.52 -12.67
CA GLY C 40 -26.27 -4.39 -12.73
C GLY C 40 -27.43 -3.80 -11.93
N SER C 41 -28.56 -4.50 -11.90
CA SER C 41 -29.76 -4.00 -11.18
C SER C 41 -29.71 -4.34 -9.68
N THR C 42 -29.03 -5.44 -9.31
CA THR C 42 -29.00 -5.86 -7.87
C THR C 42 -28.53 -4.73 -6.96
N PRO C 43 -27.40 -4.04 -7.24
CA PRO C 43 -26.91 -2.99 -6.35
C PRO C 43 -27.52 -1.59 -6.49
N LYS C 44 -28.51 -1.41 -7.37
CA LYS C 44 -29.07 -0.05 -7.60
C LYS C 44 -29.48 0.64 -6.29
N ARG C 45 -30.29 -0.03 -5.47
CA ARG C 45 -30.77 0.59 -4.21
C ARG C 45 -29.60 0.74 -3.23
N TYR C 47 -26.55 1.42 -3.93
CA TYR C 47 -25.84 2.62 -4.35
C TYR C 47 -26.63 3.88 -3.98
N GLU C 48 -27.97 3.82 -3.99
CA GLU C 48 -28.76 5.01 -3.58
C GLU C 48 -28.45 5.32 -2.11
N HIS C 49 -28.35 4.28 -1.27
CA HIS C 49 -28.02 4.50 0.16
C HIS C 49 -26.59 5.03 0.29
N LEU C 50 -25.64 4.45 -0.45
CA LEU C 50 -24.23 4.92 -0.35
C LEU C 50 -24.13 6.37 -0.84
N THR C 51 -24.91 6.73 -1.86
CA THR C 51 -24.91 8.13 -2.39
C THR C 51 -25.32 9.07 -1.27
N ALA C 52 -26.41 8.76 -0.58
CA ALA C 52 -26.90 9.63 0.52
C ALA C 52 -25.85 9.69 1.65
N ALA C 53 -25.08 8.62 1.84
CA ALA C 53 -24.10 8.58 2.94
C ALA C 53 -22.81 9.37 2.60
N VAL C 54 -22.43 9.47 1.32
CA VAL C 54 -21.12 10.12 1.00
C VAL C 54 -21.29 11.39 0.16
N LYS C 55 -22.45 11.64 -0.45
CA LYS C 55 -22.63 12.86 -1.28
C LYS C 55 -22.30 14.12 -0.46
N GLY C 56 -21.50 15.03 -1.03
CA GLY C 56 -21.16 16.31 -0.38
C GLY C 56 -20.23 16.16 0.82
N LYS C 57 -19.55 15.02 0.95
CA LYS C 57 -18.61 14.81 2.07
C LYS C 57 -17.20 14.67 1.49
N ALA C 58 -16.24 15.44 1.99
CA ALA C 58 -14.86 15.42 1.47
C ALA C 58 -13.94 14.53 2.31
N PHE C 59 -14.44 13.96 3.41
CA PHE C 59 -13.57 13.18 4.34
C PHE C 59 -13.47 11.68 4.01
N TYR C 60 -13.97 11.22 2.86
CA TYR C 60 -13.80 9.80 2.45
C TYR C 60 -12.90 9.80 1.22
N ASP C 61 -11.89 10.67 1.23
CA ASP C 61 -10.99 10.88 0.05
C ASP C 61 -9.90 9.80 -0.08
N ARG C 62 -9.81 8.84 0.85
CA ARG C 62 -8.79 7.76 0.74
C ARG C 62 -9.48 6.46 0.29
N VAL C 63 -10.73 6.56 -0.13
CA VAL C 63 -11.47 5.37 -0.65
C VAL C 63 -11.30 5.35 -2.16
N HIS C 64 -10.70 4.27 -2.68
CA HIS C 64 -10.47 4.13 -4.15
C HIS C 64 -11.43 3.05 -4.68
N TYR C 65 -12.12 3.36 -5.78
CA TYR C 65 -13.13 2.45 -6.40
C TYR C 65 -12.59 1.87 -7.70
N TYR C 66 -12.94 0.61 -7.97
CA TYR C 66 -12.48 -0.13 -9.17
C TYR C 66 -13.60 -0.93 -9.81
N ASN C 67 -13.66 -0.95 -11.15
CA ASN C 67 -14.64 -1.82 -11.86
C ASN C 67 -13.93 -3.17 -12.01
N PHE C 68 -14.66 -4.28 -12.02
CA PHE C 68 -13.97 -5.61 -12.11
C PHE C 68 -14.16 -6.24 -13.48
N ASP C 69 -14.92 -5.59 -14.37
CA ASP C 69 -15.06 -6.10 -15.76
C ASP C 69 -15.40 -4.91 -16.67
N GLU C 70 -15.32 -5.12 -17.97
CA GLU C 70 -15.64 -4.00 -18.91
C GLU C 70 -15.93 -4.56 -20.30
N ILE C 71 -16.93 -3.97 -20.95
CA ILE C 71 -17.37 -4.31 -22.32
C ILE C 71 -17.34 -3.00 -23.10
N PRO C 72 -16.38 -2.79 -24.02
CA PRO C 72 -16.34 -1.55 -24.79
C PRO C 72 -17.45 -1.56 -25.86
N PHE C 73 -17.80 -0.37 -26.39
CA PHE C 73 -18.82 -0.28 -27.46
C PHE C 73 -18.07 -0.41 -28.80
N ARG C 74 -18.46 -1.41 -29.60
CA ARG C 74 -17.80 -1.69 -30.89
C ARG C 74 -17.72 -0.43 -31.77
N GLY C 75 -16.52 -0.13 -32.29
CA GLY C 75 -16.29 1.02 -33.17
C GLY C 75 -16.45 2.37 -32.49
N GLN C 76 -16.70 2.39 -31.17
CA GLN C 76 -16.88 3.69 -30.45
C GLN C 76 -15.70 3.92 -29.51
N SER C 77 -15.34 5.18 -29.25
CA SER C 77 -14.21 5.50 -28.34
C SER C 77 -14.74 5.85 -26.94
N ARG C 78 -16.06 5.83 -26.75
CA ARG C 78 -16.64 6.18 -25.42
C ARG C 78 -16.24 5.14 -24.37
N GLU C 79 -16.47 5.48 -23.10
CA GLU C 79 -16.18 4.55 -21.99
C GLU C 79 -17.09 3.32 -22.14
N GLY C 80 -16.63 2.18 -21.62
CA GLY C 80 -17.39 0.92 -21.70
C GLY C 80 -18.68 0.95 -20.89
N VAL C 81 -19.47 -0.12 -21.01
CA VAL C 81 -20.81 -0.27 -20.35
C VAL C 81 -20.68 -0.29 -18.82
N THR C 82 -19.69 -1.00 -18.27
CA THR C 82 -19.56 -1.14 -16.79
C THR C 82 -19.25 0.19 -16.13
N ILE C 83 -18.17 0.87 -16.54
CA ILE C 83 -17.84 2.15 -15.87
C ILE C 83 -18.97 3.15 -16.13
N SER C 84 -19.62 3.09 -17.30
CA SER C 84 -20.74 4.02 -17.61
C SER C 84 -21.89 3.77 -16.63
N ASN C 85 -22.24 2.50 -16.41
CA ASN C 85 -23.34 2.17 -15.45
C ASN C 85 -22.92 2.55 -14.02
N LEU C 86 -21.65 2.34 -13.66
CA LEU C 86 -21.20 2.68 -12.27
C LEU C 86 -21.28 4.19 -12.06
N ARG C 87 -20.96 4.99 -13.08
CA ARG C 87 -21.06 6.47 -12.95
C ARG C 87 -22.53 6.86 -12.74
N GLN C 88 -23.44 6.29 -13.54
CA GLN C 88 -24.89 6.59 -13.47
C GLN C 88 -25.46 6.11 -12.13
N LEU C 89 -25.08 4.90 -11.69
CA LEU C 89 -25.62 4.35 -10.42
C LEU C 89 -24.98 4.99 -9.20
N PHE C 90 -23.75 5.51 -9.29
CA PHE C 90 -23.13 5.94 -8.01
C PHE C 90 -22.05 7.03 -8.14
N PHE C 91 -21.01 6.83 -8.95
CA PHE C 91 -19.91 7.85 -8.95
C PHE C 91 -20.41 9.26 -9.25
N THR C 92 -21.33 9.44 -10.21
CA THR C 92 -21.80 10.81 -10.54
C THR C 92 -22.64 11.38 -9.40
N PRO C 93 -23.81 10.79 -9.04
CA PRO C 93 -24.64 11.35 -7.97
C PRO C 93 -23.91 11.45 -6.62
N ALA C 94 -22.96 10.54 -6.34
CA ALA C 94 -22.24 10.55 -5.04
C ALA C 94 -21.07 11.55 -5.09
N GLN C 95 -20.77 12.09 -6.27
CA GLN C 95 -19.68 13.10 -6.44
C GLN C 95 -18.32 12.49 -6.09
N ILE C 96 -18.07 11.23 -6.49
CA ILE C 96 -16.75 10.59 -6.20
C ILE C 96 -15.70 11.28 -7.07
N LYS C 97 -14.55 11.64 -6.48
CA LYS C 97 -13.45 12.30 -7.23
C LYS C 97 -12.92 11.34 -8.30
N GLU C 98 -12.60 11.87 -9.49
CA GLU C 98 -12.11 11.03 -10.61
C GLU C 98 -10.79 10.36 -10.22
N GLU C 99 -9.95 11.03 -9.42
CA GLU C 99 -8.64 10.42 -9.03
C GLU C 99 -8.87 9.21 -8.11
N ASN C 100 -10.11 9.00 -7.64
CA ASN C 100 -10.40 7.83 -6.74
C ASN C 100 -11.18 6.77 -7.53
N ILE C 101 -11.30 6.94 -8.85
CA ILE C 101 -11.99 5.96 -9.74
C ILE C 101 -10.93 5.34 -10.64
N HIS C 102 -10.73 4.03 -10.54
CA HIS C 102 -9.69 3.34 -11.36
C HIS C 102 -10.39 2.43 -12.36
N LYS C 103 -10.28 2.78 -13.65
CA LYS C 103 -11.00 2.06 -14.73
C LYS C 103 -10.17 0.91 -15.31
N LEU C 104 -10.81 -0.25 -15.40
CA LEU C 104 -10.25 -1.46 -16.05
C LEU C 104 -10.78 -1.44 -17.48
N THR C 105 -9.89 -1.61 -18.47
CA THR C 105 -10.25 -1.61 -19.91
C THR C 105 -9.44 -2.73 -20.60
N LEU C 106 -9.73 -3.02 -21.87
CA LEU C 106 -8.92 -4.05 -22.59
C LEU C 106 -7.47 -3.56 -22.65
N ASP C 107 -7.26 -2.25 -22.84
CA ASP C 107 -5.91 -1.64 -22.98
C ASP C 107 -5.04 -1.79 -21.73
N ASN C 108 -5.60 -1.68 -20.53
CA ASN C 108 -4.74 -1.75 -19.31
C ASN C 108 -4.94 -3.07 -18.55
N ALA C 109 -5.69 -4.03 -19.10
CA ALA C 109 -5.97 -5.30 -18.40
C ALA C 109 -4.69 -6.04 -17.98
N ALA C 110 -3.71 -6.16 -18.87
CA ALA C 110 -2.45 -6.89 -18.58
C ALA C 110 -1.67 -6.27 -17.43
N GLN C 111 -1.97 -5.02 -17.05
CA GLN C 111 -1.23 -4.36 -15.93
C GLN C 111 -2.16 -4.21 -14.70
N HIS C 112 -3.44 -4.55 -14.83
CA HIS C 112 -4.43 -4.38 -13.73
C HIS C 112 -4.05 -5.13 -12.44
N ASP C 113 -3.70 -6.40 -12.53
CA ASP C 113 -3.36 -7.20 -11.31
C ASP C 113 -2.14 -6.60 -10.60
N ARG C 114 -1.14 -6.19 -11.37
CA ARG C 114 0.09 -5.58 -10.78
C ARG C 114 -0.24 -4.24 -10.14
N GLN C 115 -1.07 -3.42 -10.78
CA GLN C 115 -1.44 -2.09 -10.23
C GLN C 115 -2.18 -2.28 -8.90
N LEU C 116 -3.08 -3.26 -8.82
CA LEU C 116 -3.83 -3.50 -7.55
C LEU C 116 -2.87 -3.88 -6.43
N GLU C 117 -1.92 -4.80 -6.69
CA GLU C 117 -0.99 -5.25 -5.62
C GLU C 117 -0.13 -4.06 -5.17
N GLU C 118 0.29 -3.19 -6.10
CA GLU C 118 1.12 -2.01 -5.76
C GLU C 118 0.30 -1.06 -4.88
N ALA C 119 -1.01 -0.96 -5.11
CA ALA C 119 -1.91 -0.09 -4.33
C ALA C 119 -2.29 -0.73 -2.98
N GLY C 120 -1.79 -1.95 -2.70
CA GLY C 120 -2.06 -2.65 -1.43
C GLY C 120 -3.10 -3.76 -1.55
N GLY C 121 -3.57 -4.05 -2.77
CA GLY C 121 -4.57 -5.12 -2.97
C GLY C 121 -6.00 -4.65 -2.66
N LEU C 122 -6.99 -5.38 -3.15
CA LEU C 122 -8.42 -5.05 -2.89
C LEU C 122 -8.79 -5.38 -1.45
N ASP C 123 -9.41 -4.44 -0.77
CA ASP C 123 -9.90 -4.60 0.63
C ASP C 123 -11.26 -5.29 0.56
N LEU C 124 -12.02 -4.97 -0.48
CA LEU C 124 -13.36 -5.56 -0.60
C LEU C 124 -13.82 -5.62 -2.06
N VAL C 126 -17.49 -6.11 -3.93
CA VAL C 126 -18.92 -6.22 -3.79
C VAL C 126 -19.43 -6.84 -5.08
N LEU C 127 -19.83 -8.11 -5.05
CA LEU C 127 -20.27 -8.71 -6.33
C LEU C 127 -21.70 -9.25 -6.26
N GLY C 128 -22.28 -9.38 -7.46
CA GLY C 128 -23.61 -9.95 -7.66
C GLY C 128 -23.46 -11.39 -8.12
N LEU C 129 -24.56 -12.14 -8.09
CA LEU C 129 -24.57 -13.56 -8.51
C LEU C 129 -25.53 -13.72 -9.68
N GLY C 130 -25.08 -14.31 -10.79
CA GLY C 130 -25.99 -14.51 -11.94
C GLY C 130 -26.93 -15.68 -11.67
N ALA C 131 -28.04 -15.72 -12.41
CA ALA C 131 -29.02 -16.82 -12.26
C ALA C 131 -28.32 -18.15 -12.61
N ASP C 132 -27.32 -18.09 -13.50
CA ASP C 132 -26.56 -19.29 -13.93
C ASP C 132 -25.31 -19.47 -13.05
N GLY C 133 -25.16 -18.65 -12.01
CA GLY C 133 -24.00 -18.76 -11.10
C GLY C 133 -22.78 -18.01 -11.58
N HIS C 134 -22.90 -17.17 -12.61
CA HIS C 134 -21.71 -16.41 -13.06
C HIS C 134 -21.43 -15.30 -12.05
N PHE C 135 -20.20 -14.79 -12.04
CA PHE C 135 -19.79 -13.64 -11.18
C PHE C 135 -18.80 -12.84 -12.04
N CYS C 136 -18.91 -11.51 -12.03
CA CYS C 136 -18.05 -10.70 -12.92
C CYS C 136 -18.32 -11.23 -14.33
N GLY C 137 -17.29 -11.39 -15.16
CA GLY C 137 -17.47 -11.94 -16.52
C GLY C 137 -17.06 -13.40 -16.60
N ASN C 138 -17.08 -14.09 -15.45
CA ASN C 138 -16.72 -15.53 -15.36
C ASN C 138 -18.01 -16.34 -15.60
N LEU C 139 -18.23 -16.75 -16.84
CA LEU C 139 -19.49 -17.46 -17.23
C LEU C 139 -19.33 -18.97 -17.14
N PRO C 140 -20.45 -19.72 -17.06
CA PRO C 140 -20.40 -21.17 -16.98
C PRO C 140 -19.55 -21.87 -18.04
N ASN C 141 -18.83 -22.91 -17.60
CA ASN C 141 -17.99 -23.82 -18.43
C ASN C 141 -16.76 -23.12 -19.02
N THR C 142 -16.91 -21.88 -19.50
CA THR C 142 -15.76 -21.16 -20.13
C THR C 142 -14.84 -20.58 -19.04
N THR C 143 -15.31 -20.49 -17.79
CA THR C 143 -14.51 -19.96 -16.67
C THR C 143 -13.34 -20.90 -16.33
N ARG C 144 -12.17 -20.32 -16.03
CA ARG C 144 -11.00 -21.10 -15.57
C ARG C 144 -10.62 -20.51 -14.20
N PHE C 145 -10.66 -21.33 -13.14
CA PHE C 145 -10.41 -20.79 -11.78
C PHE C 145 -9.00 -20.17 -11.62
N HIS C 146 -8.00 -20.63 -12.36
CA HIS C 146 -6.64 -20.04 -12.19
C HIS C 146 -6.53 -18.67 -12.87
N ASP C 147 -7.54 -18.29 -13.65
CA ASP C 147 -7.45 -16.99 -14.40
C ASP C 147 -7.40 -15.77 -13.50
N GLN C 148 -6.51 -14.83 -13.86
CA GLN C 148 -6.43 -13.51 -13.20
C GLN C 148 -7.20 -12.55 -14.11
N THR C 149 -6.72 -11.33 -14.34
CA THR C 149 -7.49 -10.40 -15.22
C THR C 149 -7.26 -10.85 -16.67
N VAL C 150 -8.34 -11.22 -17.38
CA VAL C 150 -8.17 -11.76 -18.77
C VAL C 150 -9.21 -11.20 -19.75
N GLU C 151 -8.88 -11.27 -21.02
CA GLU C 151 -9.76 -10.85 -22.13
C GLU C 151 -10.55 -12.09 -22.56
N VAL C 152 -11.86 -11.94 -22.82
CA VAL C 152 -12.69 -13.11 -23.20
C VAL C 152 -13.37 -12.83 -24.55
N PRO C 153 -13.11 -13.65 -25.59
CA PRO C 153 -13.74 -13.44 -26.89
C PRO C 153 -15.27 -13.64 -26.82
N ILE C 154 -16.01 -12.83 -27.58
CA ILE C 154 -17.50 -12.91 -27.67
C ILE C 154 -17.85 -13.61 -28.99
N HIS C 155 -18.55 -14.75 -28.93
CA HIS C 155 -18.89 -15.52 -30.16
C HIS C 155 -20.27 -16.16 -30.05
N GLY C 156 -20.83 -16.56 -31.19
CA GLY C 156 -22.13 -17.25 -31.28
C GLY C 156 -23.27 -16.56 -30.54
N GLU C 157 -24.01 -17.35 -29.76
CA GLU C 157 -25.22 -16.90 -29.00
C GLU C 157 -24.90 -15.75 -28.03
N ILE C 159 -23.56 -13.01 -28.60
CA ILE C 159 -23.80 -11.72 -29.23
C ILE C 159 -25.19 -11.19 -28.86
N ALA C 160 -26.25 -11.98 -29.11
CA ALA C 160 -27.64 -11.56 -28.80
C ALA C 160 -27.83 -11.37 -27.29
N LEU C 161 -27.27 -12.29 -26.48
CA LEU C 161 -27.40 -12.22 -24.99
C LEU C 161 -26.85 -10.89 -24.48
N ILE C 162 -25.65 -10.51 -24.92
CA ILE C 162 -25.02 -9.23 -24.46
C ILE C 162 -25.81 -8.05 -25.02
N ALA C 163 -26.14 -8.07 -26.32
CA ALA C 163 -26.91 -6.97 -26.94
C ALA C 163 -28.19 -6.68 -26.13
N ASN C 164 -28.98 -7.72 -25.85
CA ASN C 164 -30.28 -7.61 -25.13
C ASN C 164 -30.11 -7.28 -23.64
N SER C 165 -29.14 -7.89 -22.96
CA SER C 165 -29.05 -7.73 -21.48
C SER C 165 -28.05 -6.67 -21.02
N GLU C 166 -26.78 -7.04 -20.83
CA GLU C 166 -25.79 -6.08 -20.27
C GLU C 166 -25.73 -4.78 -21.06
N GLY C 168 -28.14 -3.73 -23.36
CA GLY C 168 -29.49 -3.21 -23.49
C GLY C 168 -29.64 -2.25 -24.68
N GLY C 169 -29.04 -2.58 -25.83
CA GLY C 169 -29.10 -1.72 -27.03
C GLY C 169 -29.31 -2.56 -28.27
N ASP C 170 -28.25 -2.74 -29.09
CA ASP C 170 -28.38 -3.59 -30.30
C ASP C 170 -27.05 -4.32 -30.60
N ILE C 171 -27.12 -5.19 -31.60
CA ILE C 171 -26.05 -6.10 -32.12
C ILE C 171 -24.79 -5.35 -32.54
N SER C 172 -24.99 -4.19 -33.17
CA SER C 172 -23.87 -3.39 -33.75
C SER C 172 -22.87 -2.92 -32.69
N ALA C 173 -23.30 -2.74 -31.44
CA ALA C 173 -22.40 -2.22 -30.37
C ALA C 173 -21.66 -3.35 -29.63
N VAL C 174 -21.98 -4.62 -29.90
CA VAL C 174 -21.29 -5.75 -29.22
C VAL C 174 -19.88 -5.85 -29.78
N PRO C 175 -18.81 -5.74 -28.95
CA PRO C 175 -17.44 -5.83 -29.46
C PRO C 175 -16.98 -7.28 -29.66
N ASN C 176 -15.73 -7.45 -30.11
CA ASN C 176 -15.15 -8.79 -30.35
C ASN C 176 -14.85 -9.47 -29.01
N SER C 177 -14.61 -8.70 -27.96
CA SER C 177 -14.28 -9.33 -26.65
C SER C 177 -14.53 -8.37 -25.48
N TYR C 178 -14.43 -8.89 -24.26
CA TYR C 178 -14.58 -8.08 -23.03
C TYR C 178 -13.44 -8.46 -22.08
N VAL C 179 -13.30 -7.71 -20.99
CA VAL C 179 -12.25 -8.04 -19.98
C VAL C 179 -12.94 -8.29 -18.64
N THR C 180 -12.42 -9.24 -17.88
CA THR C 180 -12.97 -9.50 -16.53
C THR C 180 -11.87 -9.93 -15.59
N GLY C 182 -10.57 -12.47 -13.36
CA GLY C 182 -10.84 -13.90 -13.27
C GLY C 182 -11.05 -14.34 -11.83
N PRO C 183 -11.43 -15.61 -11.61
CA PRO C 183 -11.66 -16.12 -10.25
C PRO C 183 -10.45 -15.93 -9.33
N ARG C 184 -9.25 -16.10 -9.86
CA ARG C 184 -8.07 -15.95 -8.97
C ARG C 184 -7.95 -14.49 -8.53
N SER C 185 -8.18 -13.56 -9.45
CA SER C 185 -8.09 -12.11 -9.12
C SER C 185 -9.18 -11.76 -8.10
N VAL C 186 -10.37 -12.29 -8.29
CA VAL C 186 -11.49 -12.02 -7.32
C VAL C 186 -11.15 -12.57 -5.94
N ALA C 188 -8.37 -12.99 -4.69
CA ALA C 188 -7.23 -12.31 -4.09
C ALA C 188 -7.70 -11.13 -3.22
N ALA C 189 -8.96 -10.72 -3.34
CA ALA C 189 -9.46 -9.62 -2.47
C ALA C 189 -9.40 -10.07 -1.01
N LYS C 190 -9.14 -9.14 -0.08
CA LYS C 190 -9.06 -9.49 1.35
C LYS C 190 -10.44 -9.92 1.87
N ASN C 191 -11.51 -9.35 1.31
CA ASN C 191 -12.88 -9.63 1.78
C ASN C 191 -13.84 -9.64 0.58
N LEU C 192 -14.83 -10.51 0.62
CA LEU C 192 -15.86 -10.58 -0.43
C LEU C 192 -17.23 -10.32 0.17
N LEU C 193 -18.05 -9.55 -0.55
CA LEU C 193 -19.44 -9.26 -0.15
C LEU C 193 -20.32 -9.63 -1.35
N LEU C 194 -21.04 -10.75 -1.24
CA LEU C 194 -21.90 -11.23 -2.35
C LEU C 194 -23.34 -10.81 -2.05
N ILE C 195 -23.93 -9.99 -2.92
CA ILE C 195 -25.33 -9.51 -2.74
C ILE C 195 -26.23 -10.27 -3.71
N VAL C 196 -27.35 -10.82 -3.21
CA VAL C 196 -28.23 -11.68 -4.04
C VAL C 196 -29.69 -11.33 -3.75
N SER C 197 -30.48 -11.10 -4.81
CA SER C 197 -31.90 -10.74 -4.62
C SER C 197 -32.79 -11.38 -5.68
N GLY C 198 -33.94 -11.90 -5.27
CA GLY C 198 -34.93 -12.44 -6.24
C GLY C 198 -34.93 -13.95 -6.37
N ALA C 199 -36.11 -14.48 -6.73
CA ALA C 199 -36.35 -15.92 -6.94
C ALA C 199 -35.47 -16.47 -8.07
N ALA C 200 -35.15 -15.63 -9.07
CA ALA C 200 -34.32 -16.09 -10.21
C ALA C 200 -32.92 -16.50 -9.77
N LYS C 201 -32.48 -16.07 -8.58
CA LYS C 201 -31.11 -16.39 -8.08
C LYS C 201 -31.12 -17.50 -7.02
N ALA C 202 -32.31 -17.96 -6.61
CA ALA C 202 -32.38 -18.96 -5.52
C ALA C 202 -31.59 -20.24 -5.85
N HIS C 203 -31.70 -20.75 -7.08
CA HIS C 203 -31.02 -22.02 -7.42
C HIS C 203 -29.50 -21.83 -7.41
N ALA C 204 -29.02 -20.74 -8.02
CA ALA C 204 -27.57 -20.45 -8.06
C ALA C 204 -27.03 -20.32 -6.63
N LEU C 205 -27.77 -19.63 -5.76
CA LEU C 205 -27.28 -19.41 -4.37
C LEU C 205 -27.14 -20.76 -3.65
N LYS C 206 -28.11 -21.66 -3.85
CA LYS C 206 -28.04 -23.01 -3.22
C LYS C 206 -26.78 -23.74 -3.71
N GLN C 207 -26.54 -23.71 -5.02
CA GLN C 207 -25.34 -24.39 -5.62
C GLN C 207 -24.06 -23.79 -5.03
N VAL C 208 -24.03 -22.49 -4.79
CA VAL C 208 -22.83 -21.80 -4.21
C VAL C 208 -22.65 -22.22 -2.75
N VAL C 209 -23.71 -22.12 -1.95
CA VAL C 209 -23.60 -22.41 -0.49
C VAL C 209 -23.47 -23.91 -0.21
N GLU C 210 -24.23 -24.75 -0.90
CA GLU C 210 -24.29 -26.19 -0.57
C GLU C 210 -23.75 -27.10 -1.69
N GLY C 211 -23.44 -26.56 -2.86
CA GLY C 211 -23.01 -27.41 -3.99
C GLY C 211 -21.50 -27.61 -4.07
N PRO C 212 -21.05 -28.49 -4.99
CA PRO C 212 -19.62 -28.75 -5.17
C PRO C 212 -18.95 -27.61 -5.93
N VAL C 213 -17.63 -27.51 -5.83
CA VAL C 213 -16.88 -26.45 -6.57
C VAL C 213 -16.81 -26.91 -8.02
N SER C 214 -17.36 -26.12 -8.94
CA SER C 214 -17.40 -26.54 -10.35
C SER C 214 -17.41 -25.35 -11.29
N VAL C 215 -16.75 -25.50 -12.44
CA VAL C 215 -16.71 -24.42 -13.46
C VAL C 215 -18.12 -24.27 -14.07
N GLN C 216 -19.00 -25.27 -13.92
CA GLN C 216 -20.37 -25.18 -14.47
C GLN C 216 -21.14 -24.08 -13.73
N VAL C 217 -20.85 -23.91 -12.44
CA VAL C 217 -21.47 -22.86 -11.57
C VAL C 217 -20.29 -22.08 -10.99
N PRO C 218 -19.71 -21.14 -11.77
CA PRO C 218 -18.50 -20.43 -11.36
C PRO C 218 -18.45 -19.90 -9.92
N ALA C 219 -19.51 -19.21 -9.48
CA ALA C 219 -19.52 -18.63 -8.12
C ALA C 219 -19.36 -19.71 -7.04
N SER C 220 -19.45 -20.99 -7.42
CA SER C 220 -19.31 -22.08 -6.41
C SER C 220 -17.93 -22.02 -5.75
N VAL C 221 -16.93 -21.45 -6.43
CA VAL C 221 -15.55 -21.40 -5.88
C VAL C 221 -15.46 -20.35 -4.76
N LEU C 222 -16.39 -19.38 -4.71
CA LEU C 222 -16.30 -18.29 -3.70
C LEU C 222 -16.47 -18.83 -2.27
N LYS C 223 -17.11 -19.99 -2.10
CA LYS C 223 -17.29 -20.53 -0.73
C LYS C 223 -15.93 -20.98 -0.16
N LEU C 224 -14.87 -20.96 -0.97
CA LEU C 224 -13.52 -21.35 -0.47
C LEU C 224 -12.83 -20.12 0.12
N HIS C 225 -13.38 -18.92 -0.09
CA HIS C 225 -12.71 -17.69 0.41
C HIS C 225 -12.80 -17.64 1.93
N PRO C 226 -11.72 -17.26 2.65
CA PRO C 226 -11.74 -17.18 4.10
C PRO C 226 -12.51 -15.99 4.70
N SER C 227 -12.91 -15.03 3.85
CA SER C 227 -13.61 -13.84 4.41
C SER C 227 -14.74 -13.43 3.45
N LEU C 228 -15.81 -14.22 3.47
CA LEU C 228 -16.99 -14.03 2.58
C LEU C 228 -18.24 -13.74 3.41
N VAL C 229 -18.97 -12.70 3.02
CA VAL C 229 -20.27 -12.38 3.63
C VAL C 229 -21.28 -12.37 2.49
N ILE C 230 -22.37 -13.13 2.64
CA ILE C 230 -23.45 -13.16 1.61
C ILE C 230 -24.67 -12.46 2.21
N ILE C 231 -25.23 -11.51 1.46
CA ILE C 231 -26.47 -10.82 1.90
C ILE C 231 -27.51 -11.14 0.84
N ALA C 232 -28.48 -11.96 1.21
CA ALA C 232 -29.56 -12.38 0.28
C ALA C 232 -30.93 -12.00 0.86
N ASP C 233 -31.92 -11.82 -0.01
CA ASP C 233 -33.29 -11.56 0.53
C ASP C 233 -33.98 -12.92 0.63
N LYS C 234 -35.16 -12.97 1.25
CA LYS C 234 -35.89 -14.25 1.44
C LYS C 234 -36.09 -14.98 0.12
N ALA C 235 -36.50 -14.27 -0.94
CA ALA C 235 -36.77 -14.91 -2.26
C ALA C 235 -35.51 -15.62 -2.78
N ALA C 236 -34.34 -14.98 -2.64
CA ALA C 236 -33.09 -15.60 -3.14
C ALA C 236 -32.63 -16.74 -2.22
N ALA C 237 -33.02 -16.73 -0.95
CA ALA C 237 -32.55 -17.76 0.01
C ALA C 237 -33.54 -18.93 0.13
N ALA C 238 -34.64 -18.89 -0.64
CA ALA C 238 -35.74 -19.89 -0.58
C ALA C 238 -35.27 -21.34 -0.77
N GLU C 239 -34.19 -21.61 -1.51
CA GLU C 239 -33.78 -23.03 -1.70
C GLU C 239 -32.75 -23.47 -0.67
N LEU C 240 -32.30 -22.59 0.23
CA LEU C 240 -31.28 -22.99 1.24
C LEU C 240 -31.94 -23.87 2.31
N GLN C 241 -31.21 -24.87 2.82
CA GLN C 241 -31.75 -25.80 3.86
C GLN C 241 -30.97 -25.60 5.16
N ALA D 3 20.94 11.86 -43.82
CA ALA D 3 20.19 11.53 -42.57
C ALA D 3 20.78 10.31 -41.87
N LYS D 5 24.13 8.17 -40.88
CA LYS D 5 25.56 8.44 -40.75
C LYS D 5 26.33 7.13 -40.76
N ILE D 7 29.89 5.41 -40.30
CA ILE D 7 31.20 5.56 -39.68
C ILE D 7 32.03 4.32 -40.01
N VAL D 8 33.15 4.51 -40.71
CA VAL D 8 34.03 3.38 -41.10
C VAL D 8 35.29 3.42 -40.23
N THR D 9 35.52 2.39 -39.43
CA THR D 9 36.71 2.30 -38.54
C THR D 9 37.74 1.38 -39.20
N GLU D 10 38.96 1.36 -38.68
CA GLU D 10 40.06 0.55 -39.26
C GLU D 10 39.78 -0.94 -39.07
N ASP D 11 39.37 -1.33 -37.86
CA ASP D 11 39.21 -2.78 -37.54
C ASP D 11 38.18 -3.00 -36.43
N TYR D 12 38.03 -4.25 -36.00
CA TYR D 12 37.07 -4.65 -34.94
C TYR D 12 37.34 -3.88 -33.65
N GLU D 13 38.61 -3.75 -33.26
CA GLU D 13 38.94 -3.04 -32.00
C GLU D 13 38.44 -1.58 -32.06
N GLU D 14 38.69 -0.86 -33.15
CA GLU D 14 38.26 0.56 -33.25
C GLU D 14 36.74 0.62 -33.31
N SER D 16 34.62 -1.35 -31.98
CA SER D 16 34.17 -1.63 -30.62
C SER D 16 34.35 -0.39 -29.72
N LEU D 17 35.50 0.27 -29.81
CA LEU D 17 35.78 1.46 -28.97
C LEU D 17 34.80 2.59 -29.35
N VAL D 18 34.72 2.92 -30.64
CA VAL D 18 33.83 4.02 -31.12
C VAL D 18 32.38 3.69 -30.76
N ALA D 19 31.97 2.44 -30.90
CA ALA D 19 30.58 2.05 -30.54
C ALA D 19 30.38 2.29 -29.05
N SER D 20 31.36 1.96 -28.21
CA SER D 20 31.21 2.18 -26.75
C SER D 20 31.04 3.68 -26.50
N HIS D 21 31.79 4.52 -27.20
CA HIS D 21 31.66 6.00 -26.97
C HIS D 21 30.25 6.48 -27.34
N HIS D 22 29.70 5.99 -28.46
CA HIS D 22 28.33 6.37 -28.88
C HIS D 22 27.32 5.95 -27.81
N VAL D 23 27.44 4.71 -27.30
CA VAL D 23 26.49 4.24 -26.28
C VAL D 23 26.69 5.04 -24.99
N LEU D 24 27.93 5.43 -24.66
CA LEU D 24 28.18 6.19 -23.41
C LEU D 24 27.49 7.56 -23.47
N GLY D 25 27.18 8.04 -24.67
CA GLY D 25 26.45 9.31 -24.80
C GLY D 25 25.05 9.18 -24.24
N TYR D 26 24.50 7.97 -24.28
CA TYR D 26 23.13 7.70 -23.75
C TYR D 26 23.26 7.34 -22.26
N ILE D 27 24.26 6.52 -21.92
CA ILE D 27 24.47 6.07 -20.51
C ILE D 27 24.72 7.29 -19.61
N THR D 28 25.39 8.33 -20.12
CA THR D 28 25.70 9.54 -19.32
C THR D 28 24.55 10.57 -19.36
N ALA D 29 23.43 10.27 -20.04
CA ALA D 29 22.32 11.25 -20.04
C ALA D 29 21.76 11.36 -18.62
N PRO D 30 21.50 12.60 -18.13
CA PRO D 30 20.98 12.80 -16.78
C PRO D 30 19.57 12.27 -16.50
N ARG D 31 18.71 12.14 -17.51
CA ARG D 31 17.34 11.61 -17.28
C ARG D 31 17.31 10.12 -17.66
N ARG D 32 16.17 9.47 -17.41
CA ARG D 32 15.97 8.06 -17.75
C ARG D 32 16.16 7.82 -19.26
N VAL D 33 16.89 6.77 -19.59
CA VAL D 33 17.08 6.36 -21.02
C VAL D 33 16.81 4.87 -21.07
N ASN D 34 16.12 4.45 -22.13
CA ASN D 34 15.75 3.03 -22.37
C ASN D 34 16.61 2.55 -23.54
N LEU D 35 17.50 1.57 -23.28
CA LEU D 35 18.39 1.04 -24.32
C LEU D 35 18.11 -0.45 -24.57
N ALA D 36 17.82 -0.80 -25.82
CA ALA D 36 17.65 -2.21 -26.23
C ALA D 36 19.02 -2.63 -26.77
N VAL D 37 19.58 -3.71 -26.24
CA VAL D 37 20.98 -4.07 -26.62
C VAL D 37 21.07 -5.52 -27.15
N THR D 38 21.93 -5.70 -28.16
CA THR D 38 22.11 -6.99 -28.85
C THR D 38 23.11 -7.90 -28.14
N ALA D 39 22.94 -9.20 -28.34
CA ALA D 39 23.88 -10.24 -27.87
C ALA D 39 24.71 -10.58 -29.12
N GLY D 40 25.40 -11.73 -29.13
CA GLY D 40 26.22 -12.12 -30.29
C GLY D 40 27.69 -11.80 -30.07
N SER D 41 28.53 -12.13 -31.06
CA SER D 41 30.00 -11.88 -30.92
C SER D 41 30.37 -10.45 -31.32
N THR D 42 29.59 -9.81 -32.20
CA THR D 42 29.93 -8.43 -32.66
C THR D 42 30.11 -7.46 -31.49
N PRO D 43 29.18 -7.38 -30.52
CA PRO D 43 29.32 -6.43 -29.41
C PRO D 43 30.20 -6.86 -28.22
N LYS D 44 30.84 -8.02 -28.28
CA LYS D 44 31.62 -8.51 -27.11
C LYS D 44 32.63 -7.47 -26.63
N ARG D 45 33.47 -6.96 -27.54
CA ARG D 45 34.51 -5.98 -27.13
C ARG D 45 33.85 -4.66 -26.69
N TYR D 47 31.05 -4.29 -25.18
CA TYR D 47 30.58 -4.50 -23.81
C TYR D 47 31.75 -4.50 -22.82
N GLU D 48 32.93 -4.96 -23.24
CA GLU D 48 34.11 -4.93 -22.33
C GLU D 48 34.42 -3.46 -22.00
N HIS D 49 34.37 -2.59 -23.02
CA HIS D 49 34.63 -1.14 -22.79
C HIS D 49 33.53 -0.55 -21.91
N LEU D 50 32.26 -0.88 -22.18
CA LEU D 50 31.15 -0.32 -21.36
C LEU D 50 31.27 -0.80 -19.91
N THR D 51 31.70 -2.05 -19.72
CA THR D 51 31.88 -2.61 -18.35
C THR D 51 32.91 -1.76 -17.61
N ALA D 52 34.06 -1.50 -18.24
CA ALA D 52 35.12 -0.70 -17.59
C ALA D 52 34.61 0.73 -17.31
N ALA D 53 33.69 1.24 -18.14
CA ALA D 53 33.20 2.63 -17.94
C ALA D 53 32.14 2.71 -16.84
N VAL D 54 31.37 1.64 -16.57
CA VAL D 54 30.26 1.76 -15.58
C VAL D 54 30.46 0.87 -14.34
N LYS D 55 31.35 -0.13 -14.39
CA LYS D 55 31.55 -1.03 -13.22
C LYS D 55 31.90 -0.20 -11.97
N GLY D 56 31.24 -0.50 -10.85
CA GLY D 56 31.48 0.18 -9.55
C GLY D 56 31.01 1.62 -9.52
N LYS D 57 30.14 2.04 -10.45
CA LYS D 57 29.65 3.44 -10.47
C LYS D 57 28.14 3.41 -10.21
N ALA D 58 27.68 4.22 -9.25
CA ALA D 58 26.24 4.24 -8.87
C ALA D 58 25.49 5.38 -9.56
N PHE D 59 26.17 6.23 -10.33
CA PHE D 59 25.49 7.43 -10.90
C PHE D 59 24.89 7.22 -12.29
N TYR D 60 24.84 5.98 -12.80
CA TYR D 60 24.15 5.73 -14.09
C TYR D 60 22.90 4.88 -13.79
N ASP D 61 22.24 5.16 -12.66
CA ASP D 61 21.10 4.33 -12.16
C ASP D 61 19.78 4.61 -12.88
N ARG D 62 19.73 5.57 -13.82
CA ARG D 62 18.46 5.85 -14.56
C ARG D 62 18.57 5.26 -15.97
N VAL D 63 19.58 4.41 -16.19
CA VAL D 63 19.73 3.73 -17.51
C VAL D 63 19.03 2.38 -17.40
N HIS D 64 18.01 2.15 -18.24
CA HIS D 64 17.25 0.88 -18.23
C HIS D 64 17.61 0.10 -19.50
N TYR D 65 17.92 -1.19 -19.33
CA TYR D 65 18.36 -2.06 -20.44
C TYR D 65 17.27 -3.08 -20.78
N TYR D 66 17.15 -3.36 -22.08
CA TYR D 66 16.11 -4.28 -22.60
C TYR D 66 16.70 -5.24 -23.65
N ASN D 67 16.26 -6.51 -23.61
CA ASN D 67 16.64 -7.46 -24.68
C ASN D 67 15.56 -7.28 -25.76
N PHE D 68 15.90 -7.47 -27.04
CA PHE D 68 14.91 -7.23 -28.12
C PHE D 68 14.42 -8.56 -28.71
N ASP D 69 14.97 -9.67 -28.23
CA ASP D 69 14.49 -11.01 -28.69
C ASP D 69 14.82 -12.01 -27.59
N GLU D 70 14.20 -13.18 -27.69
CA GLU D 70 14.50 -14.21 -26.66
C GLU D 70 14.16 -15.57 -27.26
N ILE D 71 15.07 -16.51 -27.00
CA ILE D 71 14.96 -17.91 -27.49
C ILE D 71 15.08 -18.77 -26.23
N PRO D 72 14.00 -19.39 -25.72
CA PRO D 72 14.13 -20.22 -24.53
C PRO D 72 14.87 -21.51 -24.88
N PHE D 73 15.40 -22.20 -23.86
CA PHE D 73 16.05 -23.52 -24.07
C PHE D 73 14.94 -24.56 -24.04
N ARG D 74 14.87 -25.37 -25.11
CA ARG D 74 13.76 -26.33 -25.27
C ARG D 74 13.61 -27.24 -24.03
N GLY D 75 12.38 -27.32 -23.50
CA GLY D 75 12.08 -28.17 -22.33
C GLY D 75 12.74 -27.72 -21.04
N GLN D 76 13.43 -26.58 -21.04
CA GLN D 76 14.10 -26.09 -19.80
C GLN D 76 13.38 -24.85 -19.27
N SER D 77 13.40 -24.66 -17.95
CA SER D 77 12.72 -23.52 -17.29
C SER D 77 13.71 -22.38 -17.01
N ARG D 78 14.99 -22.58 -17.37
CA ARG D 78 16.01 -21.52 -17.13
C ARG D 78 15.72 -20.30 -18.01
N GLU D 79 16.42 -19.20 -17.74
CA GLU D 79 16.30 -17.96 -18.56
C GLU D 79 16.75 -18.29 -19.98
N GLY D 80 16.21 -17.56 -20.96
CA GLY D 80 16.53 -17.78 -22.39
C GLY D 80 17.98 -17.46 -22.73
N VAL D 81 18.37 -17.75 -23.97
CA VAL D 81 19.79 -17.57 -24.42
C VAL D 81 20.16 -16.09 -24.52
N THR D 82 19.24 -15.22 -24.95
CA THR D 82 19.57 -13.78 -25.12
C THR D 82 19.87 -13.13 -23.77
N ILE D 83 18.95 -13.19 -22.81
CA ILE D 83 19.23 -12.54 -21.50
C ILE D 83 20.44 -13.23 -20.85
N SER D 84 20.59 -14.55 -21.04
CA SER D 84 21.76 -15.27 -20.45
C SER D 84 23.06 -14.72 -21.03
N ASN D 85 23.12 -14.55 -22.35
CA ASN D 85 24.35 -14.00 -22.99
C ASN D 85 24.55 -12.54 -22.58
N LEU D 86 23.46 -11.76 -22.47
CA LEU D 86 23.62 -10.33 -22.08
C LEU D 86 24.18 -10.23 -20.66
N ARG D 87 23.75 -11.11 -19.76
CA ARG D 87 24.29 -11.10 -18.37
C ARG D 87 25.78 -11.43 -18.40
N GLN D 88 26.17 -12.45 -19.15
CA GLN D 88 27.58 -12.91 -19.24
C GLN D 88 28.43 -11.83 -19.93
N LEU D 89 27.93 -11.24 -21.01
CA LEU D 89 28.69 -10.21 -21.77
C LEU D 89 28.71 -8.86 -21.04
N PHE D 90 27.71 -8.55 -20.21
CA PHE D 90 27.70 -7.16 -19.70
C PHE D 90 26.99 -6.95 -18.36
N PHE D 91 25.73 -7.34 -18.22
CA PHE D 91 25.01 -7.01 -16.96
C PHE D 91 25.75 -7.53 -15.71
N THR D 92 26.29 -8.75 -15.76
CA THR D 92 26.96 -9.29 -14.53
C THR D 92 28.27 -8.54 -14.26
N PRO D 93 29.28 -8.59 -15.16
CA PRO D 93 30.53 -7.88 -14.90
C PRO D 93 30.38 -6.36 -14.68
N ALA D 94 29.38 -5.73 -15.32
CA ALA D 94 29.17 -4.26 -15.16
C ALA D 94 28.38 -3.96 -13.89
N GLN D 95 27.86 -5.00 -13.22
CA GLN D 95 27.10 -4.84 -11.94
C GLN D 95 25.81 -4.02 -12.18
N ILE D 96 25.14 -4.24 -13.30
CA ILE D 96 23.86 -3.51 -13.56
C ILE D 96 22.79 -4.03 -12.58
N LYS D 97 22.06 -3.11 -11.94
CA LYS D 97 20.99 -3.49 -10.98
C LYS D 97 19.88 -4.27 -11.72
N GLU D 98 19.32 -5.29 -11.08
CA GLU D 98 18.25 -6.13 -11.68
C GLU D 98 17.03 -5.25 -12.01
N GLU D 99 16.73 -4.24 -11.19
CA GLU D 99 15.57 -3.35 -11.42
C GLU D 99 15.77 -2.53 -12.70
N ASN D 100 16.99 -2.52 -13.26
CA ASN D 100 17.26 -1.73 -14.51
C ASN D 100 17.39 -2.67 -15.70
N ILE D 101 17.07 -3.95 -15.50
CA ILE D 101 17.12 -4.99 -16.57
C ILE D 101 15.68 -5.42 -16.83
N HIS D 102 15.19 -5.20 -18.06
CA HIS D 102 13.78 -5.55 -18.40
C HIS D 102 13.81 -6.69 -19.41
N LYS D 103 13.34 -7.86 -18.98
CA LYS D 103 13.38 -9.07 -19.83
C LYS D 103 12.13 -9.23 -20.70
N LEU D 104 12.37 -9.48 -21.99
CA LEU D 104 11.33 -9.85 -22.96
C LEU D 104 11.33 -11.39 -22.99
N THR D 105 10.16 -12.01 -22.86
CA THR D 105 10.00 -13.49 -22.89
C THR D 105 8.75 -13.83 -23.70
N LEU D 106 8.49 -15.11 -23.99
CA LEU D 106 7.24 -15.45 -24.71
C LEU D 106 6.04 -15.05 -23.86
N ASP D 107 6.16 -15.22 -22.54
CA ASP D 107 5.07 -14.93 -21.56
C ASP D 107 4.65 -13.45 -21.54
N ASN D 108 5.58 -12.50 -21.67
CA ASN D 108 5.17 -11.07 -21.59
C ASN D 108 5.26 -10.36 -22.96
N ALA D 109 5.49 -11.10 -24.04
CA ALA D 109 5.63 -10.49 -25.38
C ALA D 109 4.42 -9.63 -25.77
N ALA D 110 3.21 -10.13 -25.56
CA ALA D 110 1.97 -9.39 -25.97
C ALA D 110 1.84 -8.05 -25.22
N GLN D 111 2.59 -7.84 -24.13
CA GLN D 111 2.48 -6.56 -23.36
C GLN D 111 3.75 -5.72 -23.53
N HIS D 112 4.79 -6.28 -24.19
CA HIS D 112 6.09 -5.59 -24.35
C HIS D 112 5.98 -4.22 -25.04
N ASP D 113 5.28 -4.12 -26.17
CA ASP D 113 5.21 -2.82 -26.90
C ASP D 113 4.53 -1.75 -26.03
N ARG D 114 3.47 -2.13 -25.32
CA ARG D 114 2.73 -1.18 -24.45
C ARG D 114 3.63 -0.76 -23.27
N GLN D 115 4.35 -1.72 -22.67
CA GLN D 115 5.25 -1.38 -21.52
C GLN D 115 6.33 -0.40 -21.99
N LEU D 116 6.90 -0.59 -23.18
CA LEU D 116 7.96 0.35 -23.67
C LEU D 116 7.38 1.76 -23.84
N GLU D 117 6.20 1.90 -24.44
CA GLU D 117 5.61 3.25 -24.67
C GLU D 117 5.34 3.90 -23.31
N GLU D 118 4.88 3.13 -22.32
CA GLU D 118 4.57 3.68 -20.97
C GLU D 118 5.88 4.15 -20.32
N ALA D 119 6.99 3.46 -20.59
CA ALA D 119 8.32 3.81 -20.02
C ALA D 119 8.95 4.97 -20.79
N GLY D 120 8.27 5.50 -21.83
CA GLY D 120 8.80 6.64 -22.62
C GLY D 120 9.39 6.24 -23.96
N GLY D 121 9.30 4.96 -24.33
CA GLY D 121 9.85 4.47 -25.61
C GLY D 121 11.36 4.23 -25.55
N LEU D 122 11.88 3.48 -26.50
CA LEU D 122 13.35 3.20 -26.57
C LEU D 122 14.09 4.45 -27.06
N ASP D 123 15.15 4.82 -26.35
CA ASP D 123 16.02 5.97 -26.73
C ASP D 123 17.01 5.48 -27.77
N LEU D 124 17.44 4.23 -27.60
CA LEU D 124 18.42 3.66 -28.54
C LEU D 124 18.33 2.15 -28.61
N VAL D 126 20.82 -0.87 -29.98
CA VAL D 126 22.14 -1.22 -30.49
C VAL D 126 21.96 -2.58 -31.16
N LEU D 127 21.99 -2.63 -32.49
CA LEU D 127 21.79 -3.95 -33.13
C LEU D 127 22.97 -4.34 -34.01
N GLY D 128 23.04 -5.65 -34.24
CA GLY D 128 24.05 -6.28 -35.11
C GLY D 128 23.37 -6.61 -36.43
N LEU D 129 24.18 -6.92 -37.44
CA LEU D 129 23.65 -7.25 -38.78
C LEU D 129 24.09 -8.66 -39.14
N GLY D 130 23.15 -9.53 -39.50
CA GLY D 130 23.52 -10.91 -39.87
C GLY D 130 24.12 -10.92 -41.27
N ALA D 131 24.89 -11.96 -41.61
CA ALA D 131 25.47 -12.08 -42.97
C ALA D 131 24.30 -12.17 -43.97
N ASP D 132 23.14 -12.70 -43.54
CA ASP D 132 21.95 -12.81 -44.42
C ASP D 132 21.06 -11.56 -44.30
N GLY D 133 21.52 -10.54 -43.56
CA GLY D 133 20.76 -9.28 -43.42
C GLY D 133 19.72 -9.34 -42.33
N HIS D 134 19.74 -10.37 -41.48
CA HIS D 134 18.74 -10.41 -40.39
C HIS D 134 19.14 -9.39 -39.32
N PHE D 135 18.15 -8.95 -38.53
CA PHE D 135 18.36 -8.04 -37.39
C PHE D 135 17.38 -8.52 -36.31
N CYS D 136 17.83 -8.59 -35.05
CA CYS D 136 16.94 -9.17 -34.01
C CYS D 136 16.57 -10.57 -34.52
N GLY D 137 15.31 -10.98 -34.34
CA GLY D 137 14.85 -12.30 -34.83
C GLY D 137 14.09 -12.15 -36.13
N ASN D 138 14.33 -11.06 -36.86
CA ASN D 138 13.68 -10.81 -38.17
C ASN D 138 14.56 -11.47 -39.23
N LEU D 139 14.24 -12.70 -39.60
CA LEU D 139 15.04 -13.52 -40.54
C LEU D 139 14.49 -13.36 -41.96
N PRO D 140 15.32 -13.66 -42.98
CA PRO D 140 14.90 -13.56 -44.37
C PRO D 140 13.57 -14.26 -44.71
N ASN D 141 12.76 -13.59 -45.55
CA ASN D 141 11.47 -14.08 -46.10
C ASN D 141 10.37 -14.21 -45.04
N THR D 142 10.70 -14.73 -43.84
CA THR D 142 9.66 -14.90 -42.78
C THR D 142 9.37 -13.56 -42.10
N THR D 143 10.24 -12.56 -42.27
CA THR D 143 10.04 -11.21 -41.66
C THR D 143 8.85 -10.49 -42.31
N ARG D 144 8.04 -9.79 -41.52
CA ARG D 144 6.95 -8.92 -42.03
C ARG D 144 7.21 -7.52 -41.44
N PHE D 145 7.36 -6.51 -42.31
CA PHE D 145 7.76 -5.17 -41.81
C PHE D 145 6.71 -4.56 -40.87
N HIS D 146 5.43 -4.90 -41.00
CA HIS D 146 4.41 -4.29 -40.10
C HIS D 146 4.45 -4.94 -38.71
N ASP D 147 5.19 -6.03 -38.55
CA ASP D 147 5.20 -6.74 -37.24
C ASP D 147 5.78 -5.90 -36.09
N GLN D 148 5.11 -5.96 -34.95
CA GLN D 148 5.60 -5.36 -33.69
C GLN D 148 6.24 -6.53 -32.91
N THR D 149 6.06 -6.61 -31.60
CA THR D 149 6.69 -7.73 -30.84
C THR D 149 5.86 -8.98 -31.11
N VAL D 150 6.46 -10.01 -31.69
CA VAL D 150 5.68 -11.23 -32.05
C VAL D 150 6.42 -12.52 -31.72
N GLU D 151 5.66 -13.60 -31.56
CA GLU D 151 6.20 -14.97 -31.34
C GLU D 151 6.37 -15.58 -32.74
N VAL D 152 7.49 -16.25 -33.00
CA VAL D 152 7.75 -16.82 -34.35
C VAL D 152 7.98 -18.32 -34.24
N PRO D 153 7.16 -19.16 -34.91
CA PRO D 153 7.39 -20.61 -34.87
C PRO D 153 8.71 -20.97 -35.57
N ILE D 154 9.43 -21.95 -35.03
CA ILE D 154 10.75 -22.39 -35.62
C ILE D 154 10.54 -23.71 -36.39
N HIS D 155 10.80 -23.70 -37.71
CA HIS D 155 10.70 -24.95 -38.52
C HIS D 155 11.76 -24.93 -39.65
N GLY D 156 12.05 -26.10 -40.20
CA GLY D 156 12.99 -26.28 -41.32
C GLY D 156 14.36 -25.66 -41.11
N GLU D 157 14.83 -24.89 -42.10
CA GLU D 157 16.19 -24.27 -42.09
C GLU D 157 16.36 -23.28 -40.92
N ILE D 159 15.99 -23.82 -37.90
CA ILE D 159 16.58 -24.50 -36.76
C ILE D 159 18.10 -24.23 -36.73
N ALA D 160 18.81 -24.52 -37.81
CA ALA D 160 20.27 -24.32 -37.88
C ALA D 160 20.60 -22.82 -37.75
N LEU D 161 19.84 -21.94 -38.44
CA LEU D 161 20.08 -20.47 -38.39
C LEU D 161 20.04 -19.96 -36.95
N ILE D 162 19.00 -20.33 -36.20
CA ILE D 162 18.85 -19.88 -34.77
C ILE D 162 19.96 -20.53 -33.93
N ALA D 163 20.17 -21.84 -34.07
CA ALA D 163 21.19 -22.53 -33.26
C ALA D 163 22.57 -21.84 -33.43
N ASN D 164 22.97 -21.59 -34.67
CA ASN D 164 24.30 -20.97 -35.00
C ASN D 164 24.37 -19.48 -34.63
N SER D 165 23.31 -18.71 -34.86
CA SER D 165 23.39 -17.25 -34.59
C SER D 165 23.07 -16.93 -33.13
N GLU D 166 22.36 -17.80 -32.41
CA GLU D 166 21.96 -17.45 -31.03
C GLU D 166 22.48 -18.44 -29.98
N GLY D 168 25.08 -20.82 -30.15
CA GLY D 168 26.40 -21.37 -30.42
C GLY D 168 26.37 -22.69 -31.15
N GLY D 169 25.56 -22.81 -32.21
CA GLY D 169 25.42 -24.02 -33.05
C GLY D 169 24.80 -25.22 -32.31
N ASP D 170 24.23 -25.04 -31.11
CA ASP D 170 23.63 -26.19 -30.41
C ASP D 170 22.17 -26.38 -30.88
N ILE D 171 21.93 -27.32 -31.81
CA ILE D 171 20.55 -27.54 -32.36
C ILE D 171 19.65 -28.27 -31.33
N SER D 172 20.23 -28.99 -30.36
CA SER D 172 19.41 -29.77 -29.39
C SER D 172 18.59 -28.85 -28.47
N ALA D 173 19.03 -27.62 -28.25
CA ALA D 173 18.34 -26.68 -27.33
C ALA D 173 17.27 -25.81 -28.04
N VAL D 174 17.14 -25.94 -29.37
CA VAL D 174 16.25 -25.05 -30.15
C VAL D 174 14.80 -25.34 -29.80
N PRO D 175 14.03 -24.32 -29.33
CA PRO D 175 12.64 -24.51 -28.95
C PRO D 175 11.68 -24.50 -30.14
N ASN D 176 10.37 -24.64 -29.84
CA ASN D 176 9.30 -24.67 -30.86
C ASN D 176 9.12 -23.26 -31.44
N SER D 177 9.41 -22.22 -30.64
CA SER D 177 9.24 -20.83 -31.15
C SER D 177 10.10 -19.85 -30.33
N TYR D 178 10.21 -18.63 -30.82
CA TYR D 178 11.00 -17.57 -30.13
C TYR D 178 10.20 -16.27 -30.21
N VAL D 179 10.67 -15.24 -29.50
CA VAL D 179 9.99 -13.92 -29.58
C VAL D 179 11.00 -12.88 -30.09
N THR D 180 10.53 -11.95 -30.89
CA THR D 180 11.42 -10.87 -31.35
C THR D 180 10.62 -9.59 -31.51
N GLY D 182 9.57 -6.98 -33.77
CA GLY D 182 9.46 -6.93 -35.22
C GLY D 182 10.02 -5.63 -35.78
N PRO D 183 10.11 -5.49 -37.12
CA PRO D 183 10.66 -4.27 -37.73
C PRO D 183 9.90 -3.01 -37.30
N ARG D 184 8.59 -3.09 -37.13
CA ARG D 184 7.85 -1.86 -36.73
C ARG D 184 8.29 -1.46 -35.31
N SER D 185 8.42 -2.44 -34.41
CA SER D 185 8.84 -2.14 -33.00
C SER D 185 10.26 -1.59 -33.00
N VAL D 186 11.14 -2.16 -33.82
CA VAL D 186 12.54 -1.66 -33.89
C VAL D 186 12.56 -0.22 -34.40
N ALA D 188 10.39 1.95 -34.14
CA ALA D 188 9.77 2.88 -33.21
C ALA D 188 10.81 3.45 -32.23
N ALA D 189 12.01 2.87 -32.17
CA ALA D 189 13.04 3.42 -31.27
C ALA D 189 13.41 4.83 -31.77
N LYS D 190 13.77 5.73 -30.86
CA LYS D 190 14.10 7.13 -31.26
C LYS D 190 15.40 7.16 -32.07
N ASN D 191 16.32 6.24 -31.78
CA ASN D 191 17.64 6.23 -32.44
C ASN D 191 18.09 4.78 -32.63
N LEU D 192 18.77 4.51 -33.75
CA LEU D 192 19.31 3.16 -34.02
C LEU D 192 20.82 3.24 -34.18
N LEU D 193 21.53 2.27 -33.63
CA LEU D 193 23.00 2.15 -33.76
C LEU D 193 23.28 0.75 -34.30
N LEU D 194 23.66 0.66 -35.56
CA LEU D 194 23.97 -0.66 -36.19
C LEU D 194 25.48 -0.87 -36.18
N ILE D 195 25.94 -1.93 -35.50
CA ILE D 195 27.40 -2.24 -35.45
C ILE D 195 27.66 -3.42 -36.39
N VAL D 196 28.69 -3.30 -37.24
CA VAL D 196 28.96 -4.34 -38.26
C VAL D 196 30.47 -4.56 -38.38
N SER D 197 30.92 -5.83 -38.36
CA SER D 197 32.38 -6.11 -38.46
C SER D 197 32.64 -7.37 -39.30
N GLY D 198 33.64 -7.33 -40.17
CA GLY D 198 34.07 -8.51 -40.94
C GLY D 198 33.58 -8.56 -42.38
N ALA D 199 34.37 -9.24 -43.23
CA ALA D 199 34.06 -9.42 -44.68
C ALA D 199 32.75 -10.18 -44.87
N ALA D 200 32.41 -11.08 -43.95
CA ALA D 200 31.16 -11.88 -44.07
C ALA D 200 29.91 -10.97 -44.04
N LYS D 201 30.04 -9.74 -43.54
CA LYS D 201 28.88 -8.81 -43.44
C LYS D 201 28.91 -7.74 -44.53
N ALA D 202 29.97 -7.70 -45.34
CA ALA D 202 30.09 -6.65 -46.38
C ALA D 202 28.91 -6.66 -47.35
N HIS D 203 28.46 -7.85 -47.78
CA HIS D 203 27.36 -7.91 -48.78
C HIS D 203 26.05 -7.43 -48.15
N ALA D 204 25.75 -7.90 -46.94
CA ALA D 204 24.51 -7.48 -46.25
C ALA D 204 24.53 -5.95 -46.03
N LEU D 205 25.68 -5.39 -45.64
CA LEU D 205 25.76 -3.93 -45.36
C LEU D 205 25.50 -3.14 -46.66
N LYS D 206 26.02 -3.61 -47.79
CA LYS D 206 25.78 -2.93 -49.10
C LYS D 206 24.27 -2.95 -49.39
N GLN D 207 23.63 -4.11 -49.22
CA GLN D 207 22.17 -4.27 -49.46
C GLN D 207 21.39 -3.30 -48.56
N VAL D 208 21.84 -3.09 -47.32
CA VAL D 208 21.18 -2.18 -46.35
C VAL D 208 21.36 -0.73 -46.79
N VAL D 209 22.59 -0.33 -47.07
CA VAL D 209 22.87 1.10 -47.42
C VAL D 209 22.39 1.45 -48.83
N GLU D 210 22.61 0.57 -49.82
CA GLU D 210 22.33 0.92 -51.23
C GLU D 210 21.25 0.06 -51.89
N GLY D 211 20.77 -0.98 -51.21
CA GLY D 211 19.81 -1.91 -51.85
C GLY D 211 18.35 -1.54 -51.67
N PRO D 212 17.44 -2.23 -52.39
CA PRO D 212 16.00 -1.96 -52.28
C PRO D 212 15.44 -2.50 -50.97
N VAL D 213 14.29 -1.97 -50.52
CA VAL D 213 13.69 -2.44 -49.25
C VAL D 213 13.03 -3.78 -49.55
N SER D 214 13.46 -4.84 -48.89
CA SER D 214 12.92 -6.18 -49.21
C SER D 214 12.98 -7.10 -48.00
N VAL D 215 11.95 -7.94 -47.86
CA VAL D 215 11.87 -8.92 -46.74
C VAL D 215 12.96 -9.98 -46.93
N GLN D 216 13.52 -10.11 -48.14
CA GLN D 216 14.58 -11.14 -48.34
C GLN D 216 15.84 -10.70 -47.59
N VAL D 217 16.07 -9.40 -47.46
CA VAL D 217 17.21 -8.81 -46.68
C VAL D 217 16.57 -7.87 -45.68
N PRO D 218 16.04 -8.40 -44.55
CA PRO D 218 15.29 -7.60 -43.58
C PRO D 218 15.88 -6.25 -43.18
N ALA D 219 17.17 -6.22 -42.84
CA ALA D 219 17.81 -4.94 -42.38
C ALA D 219 17.73 -3.86 -43.46
N SER D 220 17.34 -4.22 -44.69
CA SER D 220 17.24 -3.20 -45.78
C SER D 220 16.23 -2.10 -45.40
N VAL D 221 15.28 -2.40 -44.52
CA VAL D 221 14.23 -1.40 -44.15
C VAL D 221 14.82 -0.34 -43.20
N LEU D 222 15.95 -0.64 -42.53
CA LEU D 222 16.50 0.32 -41.52
C LEU D 222 16.96 1.63 -42.18
N LYS D 223 17.23 1.63 -43.48
CA LYS D 223 17.67 2.88 -44.17
C LYS D 223 16.51 3.90 -44.17
N LEU D 224 15.30 3.49 -43.78
CA LEU D 224 14.14 4.41 -43.77
C LEU D 224 14.08 5.15 -42.43
N HIS D 225 14.86 4.70 -41.43
CA HIS D 225 14.79 5.34 -40.09
C HIS D 225 15.43 6.73 -40.15
N PRO D 226 14.82 7.76 -39.52
CA PRO D 226 15.37 9.11 -39.55
C PRO D 226 16.59 9.33 -38.65
N SER D 227 16.92 8.38 -37.78
CA SER D 227 18.06 8.60 -36.86
C SER D 227 18.86 7.30 -36.70
N LEU D 228 19.60 6.96 -37.75
CA LEU D 228 20.43 5.72 -37.82
C LEU D 228 21.91 6.08 -37.94
N VAL D 229 22.71 5.43 -37.10
CA VAL D 229 24.19 5.57 -37.15
C VAL D 229 24.73 4.16 -37.34
N ILE D 230 25.58 3.98 -38.36
CA ILE D 230 26.19 2.66 -38.65
C ILE D 230 27.68 2.78 -38.33
N ILE D 231 28.18 1.84 -37.53
CA ILE D 231 29.63 1.80 -37.21
C ILE D 231 30.13 0.47 -37.77
N ALA D 232 30.91 0.55 -38.84
CA ALA D 232 31.43 -0.67 -39.50
C ALA D 232 32.95 -0.59 -39.57
N ASP D 233 33.62 -1.75 -39.69
CA ASP D 233 35.09 -1.71 -39.86
C ASP D 233 35.34 -1.72 -41.37
N LYS D 234 36.59 -1.51 -41.79
CA LYS D 234 36.91 -1.46 -43.25
C LYS D 234 36.44 -2.74 -43.96
N ALA D 235 36.69 -3.91 -43.37
CA ALA D 235 36.30 -5.20 -44.01
C ALA D 235 34.78 -5.24 -44.28
N ALA D 236 33.97 -4.77 -43.33
CA ALA D 236 32.49 -4.81 -43.51
C ALA D 236 32.03 -3.73 -44.50
N ALA D 237 32.80 -2.65 -44.66
CA ALA D 237 32.39 -1.54 -45.57
C ALA D 237 32.97 -1.71 -46.99
N ALA D 238 33.73 -2.78 -47.22
CA ALA D 238 34.45 -3.04 -48.51
C ALA D 238 33.54 -3.02 -49.74
N GLU D 239 32.25 -3.38 -49.64
CA GLU D 239 31.41 -3.39 -50.88
C GLU D 239 30.67 -2.05 -51.07
N LEU D 240 30.82 -1.09 -50.16
CA LEU D 240 30.13 0.22 -50.33
C LEU D 240 30.85 1.04 -51.40
N GLN D 241 30.11 1.87 -52.15
CA GLN D 241 30.73 2.72 -53.21
C GLN D 241 30.59 4.21 -52.81
N ASN E 2 -0.18 13.20 11.13
CA ASN E 2 -0.58 12.37 12.31
C ASN E 2 -1.79 11.50 11.95
N ALA E 3 -1.80 10.25 12.41
CA ALA E 3 -2.96 9.41 12.04
C ALA E 3 -4.27 10.11 12.43
N LYS E 5 -7.65 11.46 12.67
CA LYS E 5 -8.49 11.94 11.58
C LYS E 5 -9.53 12.88 12.16
N ILE E 7 -12.84 14.92 11.34
CA ILE E 7 -13.96 15.03 10.42
C ILE E 7 -14.85 16.18 10.88
N VAL E 8 -15.02 17.19 10.02
CA VAL E 8 -15.88 18.37 10.36
C VAL E 8 -17.15 18.26 9.53
N THR E 9 -18.29 18.12 10.18
CA THR E 9 -19.61 18.01 9.50
C THR E 9 -20.30 19.38 9.57
N GLU E 10 -21.37 19.54 8.81
CA GLU E 10 -22.11 20.84 8.76
C GLU E 10 -22.80 21.14 10.09
N ASP E 11 -23.48 20.13 10.64
CA ASP E 11 -24.32 20.34 11.86
C ASP E 11 -24.46 19.05 12.66
N TYR E 12 -25.27 19.12 13.72
CA TYR E 12 -25.51 17.96 14.62
C TYR E 12 -26.08 16.77 13.84
N GLU E 13 -27.04 17.03 12.95
CA GLU E 13 -27.64 15.92 12.17
C GLU E 13 -26.56 15.17 11.37
N GLU E 14 -25.69 15.90 10.65
CA GLU E 14 -24.64 15.22 9.83
C GLU E 14 -23.65 14.50 10.74
N SER E 16 -24.17 13.19 13.61
CA SER E 16 -24.85 12.01 14.11
C SER E 16 -24.90 10.91 13.04
N LEU E 17 -25.21 11.28 11.80
CA LEU E 17 -25.29 10.28 10.70
C LEU E 17 -23.91 9.67 10.44
N VAL E 18 -22.91 10.54 10.24
CA VAL E 18 -21.52 10.07 9.94
C VAL E 18 -21.02 9.19 11.09
N ALA E 19 -21.29 9.60 12.34
CA ALA E 19 -20.86 8.80 13.50
C ALA E 19 -21.54 7.42 13.43
N SER E 20 -22.82 7.38 13.08
CA SER E 20 -23.51 6.05 13.01
C SER E 20 -22.83 5.19 11.94
N HIS E 21 -22.43 5.79 10.80
CA HIS E 21 -21.77 4.97 9.75
C HIS E 21 -20.44 4.40 10.26
N HIS E 22 -19.66 5.18 11.00
CA HIS E 22 -18.38 4.71 11.58
C HIS E 22 -18.64 3.54 12.53
N VAL E 23 -19.64 3.68 13.40
CA VAL E 23 -19.96 2.57 14.35
C VAL E 23 -20.47 1.35 13.57
N LEU E 24 -21.20 1.55 12.47
CA LEU E 24 -21.76 0.40 11.69
C LEU E 24 -20.62 -0.41 11.07
N GLY E 25 -19.43 0.20 10.92
CA GLY E 25 -18.27 -0.53 10.40
C GLY E 25 -17.85 -1.62 11.36
N TYR E 26 -18.11 -1.41 12.65
CA TYR E 26 -17.75 -2.40 13.69
C TYR E 26 -18.92 -3.37 13.87
N ILE E 27 -20.14 -2.83 13.88
CA ILE E 27 -21.37 -3.67 14.06
C ILE E 27 -21.47 -4.70 12.94
N THR E 28 -21.03 -4.38 11.73
CA THR E 28 -21.11 -5.31 10.57
C THR E 28 -19.89 -6.24 10.49
N ALA E 29 -18.94 -6.14 11.43
CA ALA E 29 -17.75 -7.04 11.35
C ALA E 29 -18.25 -8.46 11.61
N PRO E 30 -17.80 -9.46 10.80
CA PRO E 30 -18.28 -10.84 10.94
C PRO E 30 -17.88 -11.56 12.24
N ARG E 31 -16.76 -11.21 12.88
CA ARG E 31 -16.39 -11.89 14.16
C ARG E 31 -16.75 -10.99 15.34
N ARG E 32 -16.50 -11.47 16.55
CA ARG E 32 -16.89 -10.72 17.77
C ARG E 32 -16.19 -9.35 17.85
N VAL E 33 -16.95 -8.33 18.22
CA VAL E 33 -16.40 -6.96 18.45
C VAL E 33 -16.93 -6.48 19.80
N ASN E 34 -16.08 -5.80 20.56
CA ASN E 34 -16.42 -5.25 21.89
C ASN E 34 -16.47 -3.73 21.75
N LEU E 35 -17.65 -3.13 21.94
CA LEU E 35 -17.82 -1.66 21.80
C LEU E 35 -18.23 -1.02 23.13
N ALA E 36 -17.45 -0.05 23.60
CA ALA E 36 -17.80 0.74 24.81
C ALA E 36 -18.51 1.99 24.28
N VAL E 37 -19.71 2.28 24.78
CA VAL E 37 -20.51 3.40 24.20
C VAL E 37 -20.93 4.41 25.26
N THR E 38 -20.92 5.69 24.88
CA THR E 38 -21.26 6.81 25.80
C THR E 38 -22.76 7.07 25.90
N ALA E 39 -23.17 7.65 27.03
CA ALA E 39 -24.56 8.13 27.25
C ALA E 39 -24.50 9.64 27.02
N GLY E 40 -25.49 10.39 27.49
CA GLY E 40 -25.48 11.86 27.31
C GLY E 40 -26.35 12.29 26.14
N SER E 41 -26.41 13.60 25.88
CA SER E 41 -27.24 14.13 24.77
C SER E 41 -26.50 14.09 23.43
N THR E 42 -25.17 14.14 23.43
CA THR E 42 -24.40 14.17 22.16
C THR E 42 -24.76 12.98 21.25
N PRO E 43 -24.77 11.72 21.76
CA PRO E 43 -25.06 10.57 20.90
C PRO E 43 -26.53 10.22 20.65
N LYS E 44 -27.47 11.02 21.16
CA LYS E 44 -28.91 10.68 21.03
C LYS E 44 -29.29 10.39 19.57
N ARG E 45 -28.96 11.30 18.65
CA ARG E 45 -29.36 11.11 17.24
C ARG E 45 -28.58 9.95 16.62
N TYR E 47 -27.62 7.24 18.09
CA TYR E 47 -28.28 6.03 18.54
C TYR E 47 -29.62 5.82 17.80
N GLU E 48 -30.31 6.91 17.41
CA GLU E 48 -31.57 6.73 16.63
C GLU E 48 -31.22 6.08 15.29
N HIS E 49 -30.12 6.52 14.66
CA HIS E 49 -29.70 5.90 13.38
C HIS E 49 -29.29 4.45 13.62
N LEU E 50 -28.51 4.17 14.67
CA LEU E 50 -28.08 2.76 14.93
C LEU E 50 -29.30 1.87 15.21
N THR E 51 -30.31 2.42 15.90
CA THR E 51 -31.55 1.66 16.20
C THR E 51 -32.20 1.23 14.89
N ALA E 52 -32.37 2.18 13.96
CA ALA E 52 -33.02 1.88 12.67
C ALA E 52 -32.17 0.87 11.89
N ALA E 53 -30.85 0.88 12.07
CA ALA E 53 -29.97 -0.04 11.32
C ALA E 53 -29.97 -1.45 11.89
N VAL E 54 -30.19 -1.62 13.21
CA VAL E 54 -30.05 -3.00 13.79
C VAL E 54 -31.38 -3.54 14.37
N LYS E 55 -32.38 -2.70 14.58
CA LYS E 55 -33.68 -3.18 15.14
C LYS E 55 -34.23 -4.32 14.29
N GLY E 56 -34.66 -5.42 14.93
CA GLY E 56 -35.28 -6.58 14.25
C GLY E 56 -34.31 -7.38 13.40
N LYS E 57 -33.00 -7.22 13.61
CA LYS E 57 -31.99 -7.98 12.83
C LYS E 57 -31.25 -8.92 13.80
N ALA E 58 -31.19 -10.21 13.45
CA ALA E 58 -30.57 -11.23 14.32
C ALA E 58 -29.12 -11.51 13.90
N PHE E 59 -28.64 -10.91 12.81
CA PHE E 59 -27.28 -11.23 12.30
C PHE E 59 -26.17 -10.33 12.87
N TYR E 60 -26.45 -9.50 13.87
CA TYR E 60 -25.36 -8.72 14.53
C TYR E 60 -25.22 -9.26 15.97
N ASP E 61 -25.35 -10.58 16.12
CA ASP E 61 -25.35 -11.23 17.46
C ASP E 61 -23.94 -11.41 18.05
N ARG E 62 -22.87 -11.03 17.34
CA ARG E 62 -21.49 -11.17 17.91
C ARG E 62 -20.98 -9.78 18.31
N VAL E 63 -21.88 -8.78 18.36
CA VAL E 63 -21.51 -7.42 18.79
C VAL E 63 -21.81 -7.32 20.29
N HIS E 64 -20.79 -7.05 21.10
CA HIS E 64 -20.97 -6.93 22.57
C HIS E 64 -20.80 -5.46 22.97
N TYR E 65 -21.74 -4.93 23.77
CA TYR E 65 -21.75 -3.51 24.19
C TYR E 65 -21.38 -3.39 25.66
N TYR E 66 -20.66 -2.32 25.99
CA TYR E 66 -20.16 -2.05 27.37
C TYR E 66 -20.34 -0.58 27.75
N ASN E 67 -20.74 -0.31 29.00
CA ASN E 67 -20.79 1.09 29.51
C ASN E 67 -19.39 1.35 30.05
N PHE E 68 -18.90 2.60 30.00
CA PHE E 68 -17.51 2.88 30.47
C PHE E 68 -17.52 3.62 31.82
N ASP E 69 -18.70 3.95 32.34
CA ASP E 69 -18.81 4.58 33.68
C ASP E 69 -20.18 4.27 34.26
N GLU E 70 -20.35 4.51 35.56
CA GLU E 70 -21.67 4.22 36.17
C GLU E 70 -21.79 4.98 37.49
N ILE E 71 -23.00 5.49 37.75
CA ILE E 71 -23.36 6.23 39.00
C ILE E 71 -24.62 5.55 39.52
N PRO E 72 -24.54 4.78 40.63
CA PRO E 72 -25.73 4.14 41.19
C PRO E 72 -26.64 5.17 41.88
N PHE E 73 -27.90 4.79 42.12
CA PHE E 73 -28.86 5.66 42.85
C PHE E 73 -28.71 5.33 44.34
N ARG E 74 -28.38 6.35 45.14
CA ARG E 74 -28.21 6.16 46.61
C ARG E 74 -29.39 5.44 47.24
N GLY E 75 -29.09 4.42 48.03
CA GLY E 75 -30.08 3.61 48.77
C GLY E 75 -31.00 2.79 47.87
N GLN E 76 -30.77 2.80 46.54
CA GLN E 76 -31.64 2.02 45.63
C GLN E 76 -30.84 0.85 45.03
N SER E 77 -31.50 -0.27 44.72
CA SER E 77 -30.80 -1.44 44.11
C SER E 77 -30.98 -1.44 42.59
N ARG E 78 -31.72 -0.45 42.05
CA ARG E 78 -31.95 -0.38 40.59
C ARG E 78 -30.64 -0.14 39.84
N GLU E 79 -30.68 -0.35 38.53
CA GLU E 79 -29.51 -0.11 37.67
C GLU E 79 -29.13 1.37 37.73
N GLY E 80 -27.85 1.66 37.56
CA GLY E 80 -27.32 3.03 37.61
C GLY E 80 -27.83 3.92 36.47
N VAL E 81 -27.45 5.19 36.52
CA VAL E 81 -27.90 6.23 35.54
C VAL E 81 -27.36 5.95 34.13
N THR E 82 -26.10 5.51 34.00
CA THR E 82 -25.49 5.29 32.67
C THR E 82 -26.18 4.14 31.93
N ILE E 83 -26.23 2.95 32.53
CA ILE E 83 -26.87 1.82 31.79
C ILE E 83 -28.35 2.15 31.58
N SER E 84 -28.99 2.86 32.51
CA SER E 84 -30.43 3.22 32.35
C SER E 84 -30.59 4.13 31.12
N ASN E 85 -29.73 5.13 30.99
CA ASN E 85 -29.80 6.05 29.82
C ASN E 85 -29.45 5.28 28.54
N LEU E 86 -28.47 4.37 28.58
CA LEU E 86 -28.09 3.59 27.36
C LEU E 86 -29.28 2.71 26.92
N ARG E 87 -30.02 2.14 27.86
CA ARG E 87 -31.20 1.30 27.51
C ARG E 87 -32.25 2.17 26.82
N GLN E 88 -32.55 3.35 27.39
CA GLN E 88 -33.56 4.28 26.84
C GLN E 88 -33.10 4.81 25.47
N LEU E 89 -31.83 5.18 25.35
CA LEU E 89 -31.31 5.73 24.07
C LEU E 89 -31.10 4.65 23.01
N PHE E 90 -30.86 3.39 23.40
CA PHE E 90 -30.48 2.44 22.32
C PHE E 90 -30.78 0.97 22.60
N PHE E 91 -30.30 0.40 23.71
CA PHE E 91 -30.47 -1.06 23.89
C PHE E 91 -31.96 -1.49 23.83
N THR E 92 -32.87 -0.71 24.43
CA THR E 92 -34.30 -1.14 24.41
C THR E 92 -34.88 -1.01 23.01
N PRO E 93 -34.96 0.21 22.40
CA PRO E 93 -35.53 0.34 21.06
C PRO E 93 -34.81 -0.49 19.99
N ALA E 94 -33.50 -0.72 20.13
CA ALA E 94 -32.74 -1.51 19.13
C ALA E 94 -32.89 -3.01 19.38
N GLN E 95 -33.51 -3.40 20.52
CA GLN E 95 -33.76 -4.82 20.88
C GLN E 95 -32.43 -5.57 21.03
N ILE E 96 -31.42 -4.94 21.63
CA ILE E 96 -30.12 -5.63 21.84
C ILE E 96 -30.32 -6.75 22.88
N LYS E 97 -29.81 -7.96 22.60
CA LYS E 97 -29.92 -9.11 23.54
C LYS E 97 -29.16 -8.79 24.82
N GLU E 98 -29.73 -9.19 25.97
CA GLU E 98 -29.11 -8.92 27.29
C GLU E 98 -27.72 -9.59 27.37
N GLU E 99 -27.57 -10.77 26.75
CA GLU E 99 -26.28 -11.50 26.77
C GLU E 99 -25.18 -10.69 26.04
N ASN E 100 -25.57 -9.66 25.28
CA ASN E 100 -24.57 -8.86 24.52
C ASN E 100 -24.39 -7.49 25.20
N ILE E 101 -24.96 -7.32 26.39
CA ILE E 101 -24.85 -6.05 27.18
C ILE E 101 -24.03 -6.37 28.42
N HIS E 102 -22.86 -5.74 28.56
CA HIS E 102 -21.97 -6.00 29.74
C HIS E 102 -21.95 -4.75 30.61
N LYS E 103 -22.53 -4.87 31.81
CA LYS E 103 -22.65 -3.70 32.73
C LYS E 103 -21.45 -3.56 33.67
N LEU E 104 -20.92 -2.34 33.72
CA LEU E 104 -19.85 -1.96 34.67
C LEU E 104 -20.56 -1.35 35.87
N THR E 105 -20.23 -1.80 37.08
CA THR E 105 -20.84 -1.31 38.34
C THR E 105 -19.72 -1.17 39.38
N LEU E 106 -20.01 -0.58 40.54
CA LEU E 106 -18.97 -0.48 41.60
C LEU E 106 -18.55 -1.89 42.01
N ASP E 107 -19.50 -2.82 42.05
CA ASP E 107 -19.28 -4.22 42.51
C ASP E 107 -18.33 -5.00 41.60
N ASN E 108 -18.37 -4.81 40.27
CA ASN E 108 -17.49 -5.62 39.38
C ASN E 108 -16.35 -4.78 38.78
N ALA E 109 -16.18 -3.52 39.22
CA ALA E 109 -15.13 -2.63 38.66
C ALA E 109 -13.73 -3.26 38.76
N ALA E 110 -13.37 -3.82 39.91
CA ALA E 110 -12.03 -4.40 40.13
C ALA E 110 -11.73 -5.54 39.16
N GLN E 111 -12.74 -6.12 38.51
CA GLN E 111 -12.51 -7.27 37.59
C GLN E 111 -12.75 -6.84 36.13
N HIS E 112 -13.26 -5.62 35.92
CA HIS E 112 -13.63 -5.12 34.57
C HIS E 112 -12.46 -5.16 33.57
N ASP E 113 -11.30 -4.61 33.93
CA ASP E 113 -10.14 -4.55 32.99
C ASP E 113 -9.70 -5.97 32.57
N ARG E 114 -9.68 -6.90 33.54
CA ARG E 114 -9.25 -8.29 33.25
C ARG E 114 -10.29 -8.97 32.35
N GLN E 115 -11.57 -8.76 32.63
CA GLN E 115 -12.64 -9.38 31.80
C GLN E 115 -12.56 -8.86 30.36
N LEU E 116 -12.29 -7.57 30.16
CA LEU E 116 -12.18 -7.02 28.78
C LEU E 116 -11.02 -7.68 28.04
N GLU E 117 -9.84 -7.81 28.67
CA GLU E 117 -8.67 -8.41 27.98
C GLU E 117 -8.98 -9.87 27.62
N GLU E 118 -9.67 -10.59 28.51
CA GLU E 118 -10.03 -12.01 28.26
C GLU E 118 -11.00 -12.09 27.08
N ALA E 119 -11.89 -11.09 26.93
CA ALA E 119 -12.87 -11.05 25.82
C ALA E 119 -12.21 -10.55 24.52
N GLY E 120 -10.90 -10.25 24.54
CA GLY E 120 -10.17 -9.79 23.34
C GLY E 120 -9.89 -8.29 23.31
N GLY E 121 -10.28 -7.57 24.37
CA GLY E 121 -10.06 -6.11 24.43
C GLY E 121 -11.15 -5.34 23.71
N LEU E 122 -11.28 -4.04 24.01
CA LEU E 122 -12.27 -3.18 23.31
C LEU E 122 -11.81 -2.89 21.87
N ASP E 123 -12.71 -3.07 20.92
CA ASP E 123 -12.44 -2.79 19.48
C ASP E 123 -12.64 -1.30 19.26
N LEU E 124 -13.62 -0.74 19.96
CA LEU E 124 -13.94 0.69 19.79
C LEU E 124 -14.57 1.29 21.03
N VAL E 126 -16.75 4.73 21.81
CA VAL E 126 -17.42 5.90 21.27
C VAL E 126 -17.57 6.86 22.45
N LEU E 127 -16.80 7.94 22.47
CA LEU E 127 -16.93 8.85 23.64
C LEU E 127 -17.28 10.29 23.23
N GLY E 128 -17.84 11.00 24.21
CA GLY E 128 -18.20 12.42 24.09
C GLY E 128 -17.12 13.26 24.75
N LEU E 129 -17.15 14.57 24.51
CA LEU E 129 -16.16 15.50 25.11
C LEU E 129 -16.91 16.53 25.95
N GLY E 130 -16.53 16.69 27.21
CA GLY E 130 -17.21 17.70 28.07
C GLY E 130 -16.72 19.09 27.72
N ALA E 131 -17.50 20.12 28.07
CA ALA E 131 -17.09 21.52 27.80
C ALA E 131 -15.79 21.81 28.54
N ASP E 132 -15.55 21.12 29.66
CA ASP E 132 -14.32 21.30 30.48
C ASP E 132 -13.23 20.29 30.03
N GLY E 133 -13.49 19.53 28.97
CA GLY E 133 -12.51 18.55 28.47
C GLY E 133 -12.57 17.21 29.18
N HIS E 134 -13.62 16.96 29.98
CA HIS E 134 -13.69 15.64 30.66
C HIS E 134 -14.11 14.59 29.63
N PHE E 135 -13.82 13.32 29.91
CA PHE E 135 -14.24 12.18 29.06
C PHE E 135 -14.54 11.04 30.05
N CYS E 136 -15.64 10.31 29.82
CA CYS E 136 -16.04 9.27 30.81
C CYS E 136 -16.18 10.02 32.14
N GLY E 137 -15.73 9.42 33.24
CA GLY E 137 -15.80 10.09 34.56
C GLY E 137 -14.44 10.68 34.95
N ASN E 138 -13.58 10.95 33.96
CA ASN E 138 -12.23 11.53 34.18
C ASN E 138 -12.39 13.06 34.14
N LEU E 139 -12.54 13.67 35.31
CA LEU E 139 -12.82 15.13 35.41
C LEU E 139 -11.52 15.92 35.59
N PRO E 140 -11.54 17.24 35.30
CA PRO E 140 -10.35 18.07 35.44
C PRO E 140 -9.64 17.98 36.81
N ASN E 141 -8.30 17.98 36.77
CA ASN E 141 -7.38 17.99 37.95
C ASN E 141 -7.43 16.68 38.75
N THR E 142 -8.62 16.12 38.96
CA THR E 142 -8.73 14.87 39.77
C THR E 142 -8.34 13.64 38.92
N THR E 143 -8.31 13.80 37.59
CA THR E 143 -7.95 12.68 36.67
C THR E 143 -6.48 12.27 36.84
N ARG E 144 -6.19 10.97 36.81
CA ARG E 144 -4.79 10.47 36.80
C ARG E 144 -4.63 9.61 35.54
N PHE E 145 -3.71 9.99 34.65
CA PHE E 145 -3.60 9.27 33.35
C PHE E 145 -3.26 7.79 33.51
N HIS E 146 -2.56 7.38 34.58
CA HIS E 146 -2.20 5.94 34.71
C HIS E 146 -3.40 5.12 35.19
N ASP E 147 -4.50 5.78 35.58
CA ASP E 147 -5.65 5.03 36.14
C ASP E 147 -6.32 4.11 35.11
N GLN E 148 -6.66 2.90 35.57
CA GLN E 148 -7.46 1.93 34.79
C GLN E 148 -8.90 2.09 35.31
N THR E 149 -9.66 1.01 35.47
CA THR E 149 -11.06 1.16 35.95
C THR E 149 -11.00 1.46 37.45
N VAL E 150 -11.52 2.62 37.88
CA VAL E 150 -11.41 3.00 39.32
C VAL E 150 -12.71 3.59 39.86
N GLU E 151 -12.83 3.54 41.18
CA GLU E 151 -13.97 4.13 41.92
C GLU E 151 -13.57 5.55 42.30
N VAL E 152 -14.46 6.52 42.15
CA VAL E 152 -14.13 7.94 42.46
C VAL E 152 -15.11 8.47 43.51
N PRO E 153 -14.63 8.88 44.71
CA PRO E 153 -15.52 9.42 45.74
C PRO E 153 -16.20 10.72 45.30
N ILE E 154 -17.46 10.90 45.68
CA ILE E 154 -18.24 12.13 45.39
C ILE E 154 -18.27 12.99 46.67
N HIS E 155 -17.73 14.21 46.61
CA HIS E 155 -17.67 15.10 47.80
C HIS E 155 -17.82 16.55 47.36
N GLY E 156 -18.15 17.43 48.32
CA GLY E 156 -18.27 18.88 48.11
C GLY E 156 -19.19 19.26 46.96
N GLU E 157 -18.73 20.18 46.11
CA GLU E 157 -19.50 20.74 44.97
C GLU E 157 -19.92 19.67 43.98
N ILE E 159 -21.51 17.04 44.47
CA ILE E 159 -22.82 16.53 44.81
C ILE E 159 -23.90 17.28 44.03
N ALA E 160 -23.92 18.62 44.11
CA ALA E 160 -24.94 19.43 43.39
C ALA E 160 -24.79 19.26 41.86
N LEU E 161 -23.56 19.26 41.34
CA LEU E 161 -23.29 19.13 39.88
C LEU E 161 -23.91 17.82 39.36
N ILE E 162 -23.66 16.70 40.05
CA ILE E 162 -24.19 15.37 39.64
C ILE E 162 -25.72 15.36 39.82
N ALA E 163 -26.21 15.83 40.95
CA ALA E 163 -27.68 15.85 41.21
C ALA E 163 -28.41 16.57 40.07
N ASN E 164 -27.94 17.78 39.71
CA ASN E 164 -28.57 18.63 38.66
C ASN E 164 -28.35 18.09 37.25
N SER E 165 -27.17 17.57 36.93
CA SER E 165 -26.93 17.10 35.54
C SER E 165 -27.41 15.65 35.32
N GLU E 166 -27.57 14.86 36.39
CA GLU E 166 -27.90 13.43 36.19
C GLU E 166 -29.20 13.01 36.88
N GLY E 168 -31.85 15.02 38.05
CA GLY E 168 -32.86 16.06 38.07
C GLY E 168 -32.87 16.90 39.33
N GLY E 169 -31.69 17.34 39.77
CA GLY E 169 -31.52 18.19 40.97
C GLY E 169 -31.81 17.48 42.30
N ASP E 170 -32.02 16.16 42.30
CA ASP E 170 -32.32 15.44 43.55
C ASP E 170 -31.00 15.05 44.23
N ILE E 171 -30.58 15.78 45.27
CA ILE E 171 -29.28 15.50 45.97
C ILE E 171 -29.36 14.21 46.81
N SER E 172 -30.55 13.77 47.23
CA SER E 172 -30.68 12.54 48.05
C SER E 172 -30.30 11.28 47.26
N ALA E 173 -30.41 11.31 45.92
CA ALA E 173 -30.08 10.12 45.08
C ALA E 173 -28.60 10.07 44.65
N VAL E 174 -27.82 11.11 44.97
CA VAL E 174 -26.37 11.11 44.65
C VAL E 174 -25.68 10.13 45.61
N PRO E 175 -24.97 9.11 45.10
CA PRO E 175 -24.29 8.14 45.97
C PRO E 175 -22.96 8.65 46.53
N ASN E 176 -22.27 7.81 47.31
CA ASN E 176 -20.96 8.16 47.90
C ASN E 176 -19.88 8.18 46.82
N SER E 177 -20.04 7.40 45.75
CA SER E 177 -18.99 7.35 44.70
C SER E 177 -19.54 6.83 43.37
N TYR E 178 -18.71 6.93 42.33
CA TYR E 178 -19.06 6.39 41.00
C TYR E 178 -17.86 5.60 40.48
N VAL E 179 -18.05 4.90 39.38
CA VAL E 179 -16.95 4.12 38.75
C VAL E 179 -16.74 4.64 37.33
N THR E 180 -15.49 4.69 36.89
CA THR E 180 -15.20 5.11 35.50
C THR E 180 -13.97 4.37 35.00
N GLY E 182 -10.63 4.58 33.62
CA GLY E 182 -9.64 5.64 33.67
C GLY E 182 -8.99 5.86 32.30
N PRO E 183 -8.15 6.90 32.17
CA PRO E 183 -7.51 7.20 30.89
C PRO E 183 -6.72 6.02 30.33
N ARG E 184 -6.05 5.26 31.19
CA ARG E 184 -5.26 4.12 30.66
C ARG E 184 -6.21 3.07 30.08
N SER E 185 -7.33 2.79 30.76
CA SER E 185 -8.31 1.79 30.28
C SER E 185 -8.91 2.26 28.96
N VAL E 186 -9.22 3.56 28.87
CA VAL E 186 -9.78 4.11 27.59
C VAL E 186 -8.75 3.98 26.46
N ALA E 188 -6.52 1.89 26.14
CA ALA E 188 -6.24 0.49 25.80
C ALA E 188 -7.19 0.00 24.69
N ALA E 189 -8.25 0.76 24.39
CA ALA E 189 -9.15 0.35 23.29
C ALA E 189 -8.35 0.38 21.98
N LYS E 190 -8.66 -0.53 21.05
CA LYS E 190 -7.93 -0.58 19.76
C LYS E 190 -8.20 0.67 18.93
N ASN E 191 -9.40 1.24 19.08
CA ASN E 191 -9.81 2.41 18.27
C ASN E 191 -10.67 3.34 19.11
N LEU E 192 -10.53 4.65 18.90
CA LEU E 192 -11.36 5.64 19.62
C LEU E 192 -12.14 6.48 18.60
N LEU E 193 -13.39 6.76 18.94
CA LEU E 193 -14.28 7.62 18.10
C LEU E 193 -14.81 8.70 19.04
N LEU E 194 -14.31 9.93 18.88
CA LEU E 194 -14.72 11.06 19.74
C LEU E 194 -15.77 11.88 18.97
N ILE E 195 -16.98 11.99 19.51
CA ILE E 195 -18.06 12.77 18.83
C ILE E 195 -18.24 14.08 19.60
N VAL E 196 -18.28 15.21 18.87
CA VAL E 196 -18.32 16.55 19.53
C VAL E 196 -19.30 17.45 18.77
N SER E 197 -20.20 18.11 19.49
CA SER E 197 -21.20 19.00 18.81
C SER E 197 -21.48 20.26 19.63
N GLY E 198 -21.55 21.41 18.96
CA GLY E 198 -21.94 22.68 19.62
C GLY E 198 -20.79 23.60 19.97
N ALA E 199 -21.10 24.90 20.04
CA ALA E 199 -20.13 25.97 20.37
C ALA E 199 -19.56 25.77 21.79
N ALA E 200 -20.34 25.19 22.70
CA ALA E 200 -19.90 24.99 24.10
C ALA E 200 -18.69 24.04 24.17
N LYS E 201 -18.46 23.24 23.11
CA LYS E 201 -17.33 22.27 23.10
C LYS E 201 -16.16 22.77 22.24
N ALA E 202 -16.31 23.91 21.58
CA ALA E 202 -15.23 24.40 20.67
C ALA E 202 -13.90 24.60 21.42
N HIS E 203 -13.94 25.18 22.64
CA HIS E 203 -12.67 25.45 23.36
C HIS E 203 -12.01 24.15 23.79
N ALA E 204 -12.78 23.21 24.34
CA ALA E 204 -12.24 21.91 24.76
C ALA E 204 -11.64 21.18 23.56
N LEU E 205 -12.32 21.21 22.41
CA LEU E 205 -11.80 20.50 21.21
C LEU E 205 -10.46 21.09 20.78
N LYS E 206 -10.33 22.43 20.82
CA LYS E 206 -9.05 23.09 20.45
C LYS E 206 -7.94 22.60 21.40
N GLN E 207 -8.22 22.59 22.70
CA GLN E 207 -7.22 22.14 23.72
C GLN E 207 -6.81 20.69 23.44
N VAL E 208 -7.75 19.84 23.01
CA VAL E 208 -7.46 18.41 22.71
C VAL E 208 -6.60 18.30 21.45
N VAL E 209 -7.02 18.96 20.38
CA VAL E 209 -6.31 18.83 19.07
C VAL E 209 -4.97 19.59 19.07
N GLU E 210 -4.94 20.81 19.62
CA GLU E 210 -3.73 21.66 19.51
C GLU E 210 -3.05 21.96 20.85
N GLY E 211 -3.67 21.59 21.98
CA GLY E 211 -3.11 21.96 23.30
C GLY E 211 -2.14 20.92 23.87
N PRO E 212 -1.49 21.27 25.01
CA PRO E 212 -0.56 20.36 25.66
C PRO E 212 -1.30 19.24 26.39
N VAL E 213 -0.61 18.12 26.65
CA VAL E 213 -1.23 17.00 27.41
C VAL E 213 -1.25 17.43 28.88
N SER E 214 -2.44 17.52 29.47
CA SER E 214 -2.54 17.99 30.87
C SER E 214 -3.77 17.41 31.56
N VAL E 215 -3.64 17.14 32.85
CA VAL E 215 -4.75 16.61 33.68
C VAL E 215 -5.82 17.71 33.82
N GLN E 216 -5.47 18.97 33.58
CA GLN E 216 -6.47 20.07 33.72
C GLN E 216 -7.53 19.92 32.61
N VAL E 217 -7.12 19.41 31.45
CA VAL E 217 -8.03 19.13 30.29
C VAL E 217 -7.82 17.66 29.97
N PRO E 218 -8.47 16.75 30.73
CA PRO E 218 -8.24 15.31 30.58
C PRO E 218 -8.22 14.75 29.15
N ALA E 219 -9.20 15.11 28.33
CA ALA E 219 -9.26 14.58 26.94
C ALA E 219 -8.01 14.96 26.13
N SER E 220 -7.17 15.85 26.65
CA SER E 220 -5.94 16.25 25.92
C SER E 220 -5.03 15.03 25.68
N VAL E 221 -5.14 14.00 26.52
CA VAL E 221 -4.26 12.81 26.39
C VAL E 221 -4.70 11.95 25.20
N LEU E 222 -5.96 12.08 24.75
CA LEU E 222 -6.47 11.21 23.65
C LEU E 222 -5.73 11.45 22.34
N LYS E 223 -5.10 12.62 22.18
CA LYS E 223 -4.35 12.89 20.91
C LYS E 223 -3.13 11.98 20.82
N LEU E 224 -2.79 11.26 21.91
CA LEU E 224 -1.62 10.35 21.88
C LEU E 224 -2.04 8.99 21.33
N HIS E 225 -3.34 8.74 21.21
CA HIS E 225 -3.80 7.40 20.74
C HIS E 225 -3.46 7.24 19.26
N PRO E 226 -2.96 6.06 18.83
CA PRO E 226 -2.61 5.83 17.44
C PRO E 226 -3.81 5.61 16.51
N SER E 227 -5.01 5.45 17.04
CA SER E 227 -6.17 5.17 16.15
C SER E 227 -7.39 5.94 16.66
N LEU E 228 -7.37 7.26 16.44
CA LEU E 228 -8.42 8.19 16.89
C LEU E 228 -9.09 8.86 15.70
N VAL E 229 -10.42 8.85 15.72
CA VAL E 229 -11.21 9.58 14.70
C VAL E 229 -12.10 10.54 15.49
N ILE E 230 -12.06 11.82 15.13
CA ILE E 230 -12.91 12.85 15.80
C ILE E 230 -13.97 13.29 14.78
N ILE E 231 -15.23 13.25 15.19
CA ILE E 231 -16.33 13.73 14.30
C ILE E 231 -16.95 14.92 15.04
N ALA E 232 -16.74 16.12 14.51
CA ALA E 232 -17.25 17.35 15.13
C ALA E 232 -18.13 18.10 14.13
N ASP E 233 -19.03 18.94 14.61
CA ASP E 233 -19.82 19.77 13.66
C ASP E 233 -19.07 21.09 13.52
N LYS E 234 -19.49 21.95 12.59
CA LYS E 234 -18.79 23.25 12.36
C LYS E 234 -18.70 24.06 13.67
N ALA E 235 -19.79 24.14 14.43
CA ALA E 235 -19.81 24.93 15.68
C ALA E 235 -18.72 24.45 16.65
N ALA E 236 -18.57 23.12 16.79
CA ALA E 236 -17.55 22.57 17.72
C ALA E 236 -16.13 22.75 17.17
N ALA E 237 -15.97 22.85 15.85
CA ALA E 237 -14.63 22.97 15.24
C ALA E 237 -14.21 24.43 15.02
N ALA E 238 -15.06 25.39 15.41
CA ALA E 238 -14.85 26.84 15.18
C ALA E 238 -13.51 27.38 15.71
N GLU E 239 -12.95 26.82 16.77
CA GLU E 239 -11.66 27.38 17.30
C GLU E 239 -10.44 26.67 16.70
N LEU E 240 -10.63 25.66 15.86
CA LEU E 240 -9.46 24.94 15.26
C LEU E 240 -8.83 25.83 14.17
N GLN E 241 -7.50 25.73 13.99
CA GLN E 241 -6.79 26.50 12.94
C GLN E 241 -6.30 25.55 11.84
N ALA F 3 18.30 32.16 -27.64
CA ALA F 3 18.41 33.54 -27.14
C ALA F 3 16.99 34.04 -26.87
N LYS F 5 13.58 35.36 -26.86
CA LYS F 5 12.83 35.87 -27.99
C LYS F 5 11.78 36.85 -27.48
N ILE F 7 8.58 39.03 -28.40
CA ILE F 7 7.48 39.20 -29.34
C ILE F 7 6.66 40.42 -28.90
N VAL F 8 6.57 41.44 -29.75
CA VAL F 8 5.78 42.66 -29.43
C VAL F 8 4.52 42.63 -30.29
N THR F 9 3.35 42.58 -29.65
CA THR F 9 2.06 42.54 -30.35
C THR F 9 1.44 43.93 -30.29
N GLU F 10 0.41 44.16 -31.11
CA GLU F 10 -0.25 45.48 -31.19
C GLU F 10 -0.99 45.80 -29.89
N ASP F 11 -1.73 44.84 -29.33
CA ASP F 11 -2.57 45.09 -28.14
C ASP F 11 -2.78 43.81 -27.33
N TYR F 12 -3.61 43.91 -26.28
CA TYR F 12 -3.92 42.77 -25.37
C TYR F 12 -4.54 41.62 -26.15
N GLU F 13 -5.47 41.91 -27.07
CA GLU F 13 -6.10 40.84 -27.87
C GLU F 13 -5.05 40.02 -28.64
N GLU F 14 -4.14 40.69 -29.34
CA GLU F 14 -3.12 39.96 -30.14
C GLU F 14 -2.17 39.21 -29.21
N SER F 16 -2.81 37.95 -26.34
CA SER F 16 -3.56 36.81 -25.84
C SER F 16 -3.66 35.69 -26.89
N LEU F 17 -3.95 36.07 -28.14
CA LEU F 17 -4.07 35.06 -29.22
C LEU F 17 -2.70 34.39 -29.47
N VAL F 18 -1.66 35.19 -29.67
CA VAL F 18 -0.29 34.66 -29.93
C VAL F 18 0.14 33.77 -28.77
N ALA F 19 -0.14 34.19 -27.54
CA ALA F 19 0.25 33.37 -26.36
C ALA F 19 -0.49 32.03 -26.44
N SER F 20 -1.78 32.04 -26.81
CA SER F 20 -2.52 30.75 -26.88
C SER F 20 -1.87 29.84 -27.95
N HIS F 21 -1.41 30.42 -29.07
CA HIS F 21 -0.77 29.58 -30.12
C HIS F 21 0.52 28.93 -29.58
N HIS F 22 1.32 29.69 -28.83
CA HIS F 22 2.57 29.14 -28.23
C HIS F 22 2.23 28.00 -27.26
N VAL F 23 1.22 28.19 -26.42
CA VAL F 23 0.86 27.11 -25.45
C VAL F 23 0.31 25.89 -26.22
N LEU F 24 -0.39 26.11 -27.33
CA LEU F 24 -0.97 24.96 -28.11
C LEU F 24 0.15 24.10 -28.69
N GLY F 25 1.36 24.67 -28.84
CA GLY F 25 2.50 23.89 -29.35
C GLY F 25 2.88 22.79 -28.37
N TYR F 26 2.61 23.03 -27.07
CA TYR F 26 2.93 22.04 -26.02
C TYR F 26 1.73 21.11 -25.83
N ILE F 27 0.52 21.68 -25.86
CA ILE F 27 -0.73 20.90 -25.69
C ILE F 27 -0.84 19.83 -26.79
N THR F 28 -0.37 20.14 -28.01
CA THR F 28 -0.46 19.18 -29.14
C THR F 28 0.74 18.21 -29.17
N ALA F 29 1.69 18.31 -28.24
CA ALA F 29 2.82 17.34 -28.26
C ALA F 29 2.29 15.94 -27.99
N PRO F 30 2.70 14.91 -28.76
CA PRO F 30 2.17 13.56 -28.62
C PRO F 30 2.48 12.82 -27.32
N ARG F 31 3.62 13.12 -26.65
CA ARG F 31 3.92 12.43 -25.37
C ARG F 31 3.56 13.36 -24.20
N ARG F 32 3.77 12.88 -22.97
CA ARG F 32 3.39 13.66 -21.77
C ARG F 32 4.13 14.99 -21.70
N VAL F 33 3.40 16.05 -21.36
CA VAL F 33 4.00 17.40 -21.16
C VAL F 33 3.45 17.93 -19.83
N ASN F 34 4.32 18.57 -19.06
CA ASN F 34 3.98 19.15 -17.74
C ASN F 34 3.99 20.68 -17.91
N LEU F 35 2.84 21.34 -17.74
CA LEU F 35 2.73 22.80 -17.91
C LEU F 35 2.32 23.47 -16.59
N ALA F 36 3.12 24.44 -16.11
CA ALA F 36 2.77 25.24 -14.93
C ALA F 36 2.12 26.51 -15.48
N VAL F 37 0.92 26.86 -15.02
CA VAL F 37 0.20 28.04 -15.60
C VAL F 37 -0.19 29.08 -14.54
N THR F 38 -0.12 30.36 -14.94
CA THR F 38 -0.40 31.51 -14.05
C THR F 38 -1.88 31.86 -13.97
N ALA F 39 -2.27 32.47 -12.85
CA ALA F 39 -3.62 33.02 -12.63
C ALA F 39 -3.48 34.53 -12.88
N GLY F 40 -4.45 35.34 -12.42
CA GLY F 40 -4.36 36.80 -12.62
C GLY F 40 -5.19 37.27 -13.80
N SER F 41 -5.19 38.57 -14.07
CA SER F 41 -6.01 39.12 -15.20
C SER F 41 -5.26 39.04 -16.53
N THR F 42 -3.92 39.05 -16.52
CA THR F 42 -3.14 39.01 -17.79
C THR F 42 -3.54 37.83 -18.68
N PRO F 43 -3.61 36.58 -18.16
CA PRO F 43 -3.94 35.43 -19.01
C PRO F 43 -5.43 35.14 -19.27
N LYS F 44 -6.33 35.99 -18.79
CA LYS F 44 -7.79 35.71 -18.93
C LYS F 44 -8.16 35.43 -20.40
N ARG F 45 -7.80 36.32 -21.31
CA ARG F 45 -8.16 36.14 -22.75
C ARG F 45 -7.43 34.92 -23.31
N TYR F 47 -6.62 32.19 -21.81
CA TYR F 47 -7.34 31.00 -21.39
C TYR F 47 -8.66 30.84 -22.16
N GLU F 48 -9.31 31.94 -22.55
CA GLU F 48 -10.55 31.81 -23.34
C GLU F 48 -10.21 31.15 -24.68
N HIS F 49 -9.09 31.54 -25.29
CA HIS F 49 -8.68 30.91 -26.57
C HIS F 49 -8.32 29.44 -26.34
N LEU F 50 -7.58 29.14 -25.27
CA LEU F 50 -7.20 27.71 -25.02
C LEU F 50 -8.45 26.87 -24.74
N THR F 51 -9.44 27.45 -24.06
CA THR F 51 -10.71 26.73 -23.77
C THR F 51 -11.37 26.33 -25.09
N ALA F 52 -11.48 27.28 -26.02
CA ALA F 52 -12.12 26.98 -27.32
C ALA F 52 -11.31 25.94 -28.09
N ALA F 53 -9.99 25.90 -27.89
CA ALA F 53 -9.14 24.94 -28.63
C ALA F 53 -9.20 23.53 -28.05
N VAL F 54 -9.44 23.38 -26.73
CA VAL F 54 -9.36 22.00 -26.12
C VAL F 54 -10.71 21.52 -25.56
N LYS F 55 -11.68 22.40 -25.38
CA LYS F 55 -13.00 21.97 -24.82
C LYS F 55 -13.60 20.82 -25.64
N GLY F 56 -14.06 19.77 -24.98
CA GLY F 56 -14.71 18.61 -25.65
C GLY F 56 -13.75 17.75 -26.45
N LYS F 57 -12.45 17.88 -26.23
CA LYS F 57 -11.46 17.06 -27.00
C LYS F 57 -10.76 16.11 -26.03
N ALA F 58 -10.78 14.82 -26.33
CA ALA F 58 -10.18 13.79 -25.45
C ALA F 58 -8.77 13.40 -25.92
N PHE F 59 -8.27 13.98 -27.02
CA PHE F 59 -6.93 13.58 -27.52
C PHE F 59 -5.76 14.40 -26.95
N TYR F 60 -6.00 15.26 -25.95
CA TYR F 60 -4.89 15.99 -25.29
C TYR F 60 -4.81 15.47 -23.84
N ASP F 61 -4.99 14.16 -23.68
CA ASP F 61 -5.06 13.51 -22.34
C ASP F 61 -3.69 13.29 -21.69
N ARG F 62 -2.58 13.61 -22.37
CA ARG F 62 -1.23 13.44 -21.75
C ARG F 62 -0.68 14.81 -21.35
N VAL F 63 -1.53 15.83 -21.36
CA VAL F 63 -1.11 17.19 -20.92
C VAL F 63 -1.45 17.31 -19.44
N HIS F 64 -0.44 17.54 -18.60
CA HIS F 64 -0.63 17.69 -17.13
C HIS F 64 -0.42 19.16 -16.75
N TYR F 65 -1.35 19.72 -15.98
CA TYR F 65 -1.32 21.15 -15.57
C TYR F 65 -0.97 21.28 -14.08
N TYR F 66 -0.21 22.32 -13.76
CA TYR F 66 0.26 22.58 -12.37
C TYR F 66 0.13 24.06 -12.01
N ASN F 67 -0.30 24.35 -10.77
CA ASN F 67 -0.31 25.76 -10.28
C ASN F 67 1.09 25.99 -9.71
N PHE F 68 1.62 27.21 -9.79
CA PHE F 68 3.00 27.44 -9.29
C PHE F 68 3.02 28.17 -7.94
N ASP F 69 1.84 28.55 -7.43
CA ASP F 69 1.79 29.20 -6.08
C ASP F 69 0.39 28.95 -5.49
N GLU F 70 0.23 29.23 -4.19
CA GLU F 70 -1.10 29.01 -3.59
C GLU F 70 -1.20 29.79 -2.27
N ILE F 71 -2.39 30.34 -2.00
CA ILE F 71 -2.72 31.05 -0.74
C ILE F 71 -3.98 30.37 -0.20
N PRO F 72 -3.88 29.57 0.87
CA PRO F 72 -5.07 28.92 1.43
C PRO F 72 -5.89 29.93 2.24
N PHE F 73 -7.16 29.60 2.51
CA PHE F 73 -7.99 30.48 3.38
C PHE F 73 -7.81 30.03 4.82
N ARG F 74 -7.36 30.94 5.68
CA ARG F 74 -7.14 30.66 7.13
C ARG F 74 -8.39 30.01 7.75
N GLY F 75 -8.20 28.88 8.44
CA GLY F 75 -9.28 28.17 9.16
C GLY F 75 -10.34 27.59 8.23
N GLN F 76 -10.14 27.67 6.91
CA GLN F 76 -11.15 27.11 5.97
C GLN F 76 -10.55 25.88 5.26
N SER F 77 -11.38 24.92 4.89
CA SER F 77 -10.93 23.68 4.20
C SER F 77 -11.09 23.83 2.68
N ARG F 78 -11.62 24.97 2.21
CA ARG F 78 -11.83 25.18 0.76
C ARG F 78 -10.48 25.21 0.02
N GLU F 79 -10.54 25.07 -1.29
CA GLU F 79 -9.29 25.11 -2.09
C GLU F 79 -8.76 26.55 -2.04
N GLY F 80 -7.45 26.71 -2.21
CA GLY F 80 -6.81 28.05 -2.18
C GLY F 80 -7.25 28.96 -3.31
N VAL F 81 -6.80 30.21 -3.27
CA VAL F 81 -7.16 31.26 -4.27
C VAL F 81 -6.67 30.91 -5.69
N THR F 82 -5.43 30.41 -5.80
CA THR F 82 -4.82 30.15 -7.13
C THR F 82 -5.53 29.03 -7.86
N ILE F 83 -5.64 27.84 -7.25
CA ILE F 83 -6.31 26.73 -7.98
C ILE F 83 -7.77 27.13 -8.25
N SER F 84 -8.40 27.88 -7.33
CA SER F 84 -9.81 28.30 -7.53
C SER F 84 -9.90 29.20 -8.77
N ASN F 85 -8.99 30.17 -8.88
CA ASN F 85 -9.01 31.08 -10.05
C ASN F 85 -8.67 30.30 -11.34
N LEU F 86 -7.73 29.34 -11.26
CA LEU F 86 -7.37 28.57 -12.49
C LEU F 86 -8.56 27.72 -12.96
N ARG F 87 -9.33 27.18 -12.02
CA ARG F 87 -10.53 26.37 -12.40
C ARG F 87 -11.54 27.29 -13.10
N GLN F 88 -11.78 28.48 -12.54
CA GLN F 88 -12.75 29.46 -13.10
C GLN F 88 -12.24 29.96 -14.47
N LEU F 89 -10.95 30.29 -14.58
CA LEU F 89 -10.39 30.82 -15.85
C LEU F 89 -10.21 29.73 -16.90
N PHE F 90 -10.02 28.47 -16.52
CA PHE F 90 -9.68 27.50 -17.60
C PHE F 90 -10.04 26.04 -17.32
N PHE F 91 -9.60 25.45 -16.19
CA PHE F 91 -9.85 23.99 -16.02
C PHE F 91 -11.34 23.63 -16.11
N THR F 92 -12.23 24.44 -15.52
CA THR F 92 -13.68 24.08 -15.56
C THR F 92 -14.22 24.23 -16.97
N PRO F 93 -14.24 25.44 -17.57
CA PRO F 93 -14.79 25.60 -18.93
C PRO F 93 -14.10 24.74 -19.99
N ALA F 94 -12.80 24.44 -19.82
CA ALA F 94 -12.06 23.62 -20.82
C ALA F 94 -12.29 22.13 -20.56
N GLN F 95 -12.93 21.78 -19.45
CA GLN F 95 -13.24 20.36 -19.08
C GLN F 95 -11.94 19.55 -18.91
N ILE F 96 -10.94 20.14 -18.26
CA ILE F 96 -9.66 19.39 -18.04
C ILE F 96 -9.94 18.28 -17.01
N LYS F 97 -9.46 17.06 -17.29
CA LYS F 97 -9.66 15.91 -16.36
C LYS F 97 -8.93 16.20 -15.04
N GLU F 98 -9.54 15.82 -13.92
CA GLU F 98 -8.94 16.09 -12.59
C GLU F 98 -7.59 15.38 -12.45
N GLU F 99 -7.46 14.18 -13.04
CA GLU F 99 -6.20 13.40 -12.97
C GLU F 99 -5.07 14.15 -13.69
N ASN F 100 -5.39 15.18 -14.48
CA ASN F 100 -4.35 15.94 -15.23
C ASN F 100 -4.12 17.31 -14.57
N ILE F 101 -4.71 17.52 -13.39
CA ILE F 101 -4.56 18.78 -12.62
C ILE F 101 -3.77 18.45 -11.35
N HIS F 102 -2.58 19.02 -11.18
CA HIS F 102 -1.74 18.74 -10.00
C HIS F 102 -1.69 20.01 -9.13
N LYS F 103 -2.33 19.96 -7.96
CA LYS F 103 -2.45 21.16 -7.09
C LYS F 103 -1.31 21.24 -6.08
N LEU F 104 -0.68 22.41 -6.02
CA LEU F 104 0.39 22.75 -5.06
C LEU F 104 -0.30 23.42 -3.87
N THR F 105 0.01 22.96 -2.66
CA THR F 105 -0.58 23.49 -1.40
C THR F 105 0.53 23.57 -0.35
N LEU F 106 0.27 24.16 0.82
CA LEU F 106 1.31 24.18 1.89
C LEU F 106 1.64 22.75 2.29
N ASP F 107 0.62 21.88 2.33
CA ASP F 107 0.77 20.46 2.77
C ASP F 107 1.68 19.63 1.87
N ASN F 108 1.65 19.84 0.55
CA ASN F 108 2.49 18.99 -0.33
C ASN F 108 3.68 19.78 -0.92
N ALA F 109 3.91 21.01 -0.48
CA ALA F 109 5.02 21.85 -1.04
C ALA F 109 6.38 21.16 -0.93
N ALA F 110 6.70 20.58 0.24
CA ALA F 110 8.01 19.94 0.47
C ALA F 110 8.24 18.75 -0.47
N GLN F 111 7.19 18.22 -1.10
CA GLN F 111 7.35 17.06 -2.02
C GLN F 111 7.14 17.50 -3.49
N HIS F 112 6.72 18.74 -3.71
CA HIS F 112 6.39 19.25 -5.08
C HIS F 112 7.58 19.13 -6.05
N ASP F 113 8.77 19.61 -5.65
CA ASP F 113 9.96 19.58 -6.56
C ASP F 113 10.32 18.13 -6.93
N ARG F 114 10.25 17.21 -5.96
CA ARG F 114 10.59 15.79 -6.21
C ARG F 114 9.54 15.17 -7.15
N GLN F 115 8.25 15.48 -6.92
CA GLN F 115 7.18 14.93 -7.80
C GLN F 115 7.37 15.41 -9.23
N LEU F 116 7.72 16.68 -9.43
CA LEU F 116 7.93 17.22 -10.80
C LEU F 116 9.08 16.48 -11.49
N GLU F 117 10.22 16.29 -10.80
CA GLU F 117 11.39 15.63 -11.44
C GLU F 117 11.01 14.19 -11.81
N GLU F 118 10.25 13.50 -10.95
CA GLU F 118 9.84 12.10 -11.23
C GLU F 118 8.91 12.08 -12.45
N ALA F 119 8.10 13.12 -12.62
CA ALA F 119 7.15 13.22 -13.77
C ALA F 119 7.89 13.68 -15.04
N GLY F 120 9.21 13.92 -14.97
CA GLY F 120 10.01 14.34 -16.13
C GLY F 120 10.34 15.83 -16.17
N GLY F 121 9.97 16.57 -15.11
CA GLY F 121 10.23 18.02 -15.05
C GLY F 121 9.20 18.84 -15.83
N LEU F 122 9.11 20.14 -15.55
CA LEU F 122 8.18 21.04 -16.28
C LEU F 122 8.68 21.28 -17.72
N ASP F 123 7.79 21.15 -18.69
CA ASP F 123 8.10 21.38 -20.11
C ASP F 123 7.92 22.88 -20.37
N LEU F 124 6.96 23.49 -19.67
CA LEU F 124 6.70 24.93 -19.90
C LEU F 124 6.07 25.59 -18.67
N VAL F 126 4.03 29.15 -17.93
CA VAL F 126 3.42 30.36 -18.48
C VAL F 126 3.32 31.34 -17.31
N LEU F 127 4.14 32.39 -17.33
CA LEU F 127 4.18 33.37 -16.22
C LEU F 127 3.70 34.76 -16.62
N GLY F 128 3.24 35.51 -15.62
CA GLY F 128 2.89 36.93 -15.77
C GLY F 128 3.98 37.75 -15.10
N LEU F 129 4.03 39.05 -15.36
CA LEU F 129 5.07 39.95 -14.79
C LEU F 129 4.38 41.02 -13.97
N GLY F 130 4.75 41.18 -12.70
CA GLY F 130 4.11 42.22 -11.87
C GLY F 130 4.67 43.60 -12.22
N ALA F 131 3.95 44.65 -11.87
CA ALA F 131 4.43 46.03 -12.14
C ALA F 131 5.74 46.25 -11.37
N ASP F 132 5.90 45.54 -10.25
CA ASP F 132 7.13 45.64 -9.41
C ASP F 132 8.15 44.57 -9.83
N GLY F 133 7.88 43.82 -10.89
CA GLY F 133 8.81 42.78 -11.39
C GLY F 133 8.66 41.44 -10.68
N HIS F 134 7.61 41.26 -9.88
CA HIS F 134 7.45 39.95 -9.20
C HIS F 134 6.98 38.92 -10.24
N PHE F 135 7.21 37.63 -9.93
CA PHE F 135 6.75 36.49 -10.77
C PHE F 135 6.37 35.39 -9.76
N CYS F 136 5.25 34.72 -9.99
CA CYS F 136 4.78 33.72 -9.00
C CYS F 136 4.66 34.49 -7.67
N GLY F 137 5.08 33.88 -6.56
CA GLY F 137 5.05 34.56 -5.25
C GLY F 137 6.42 35.08 -4.85
N ASN F 138 7.29 35.30 -5.85
CA ASN F 138 8.67 35.81 -5.64
C ASN F 138 8.57 37.35 -5.70
N LEU F 139 8.42 37.98 -4.54
CA LEU F 139 8.22 39.45 -4.45
C LEU F 139 9.54 40.17 -4.25
N PRO F 140 9.60 41.48 -4.57
CA PRO F 140 10.83 42.27 -4.40
C PRO F 140 11.50 42.14 -3.03
N ASN F 141 12.84 42.10 -3.06
CA ASN F 141 13.75 42.08 -1.87
C ASN F 141 13.63 40.78 -1.06
N THR F 142 12.41 40.27 -0.84
CA THR F 142 12.24 39.04 -0.01
C THR F 142 12.58 37.79 -0.84
N THR F 143 12.64 37.92 -2.18
CA THR F 143 12.96 36.77 -3.08
C THR F 143 14.40 36.30 -2.89
N ARG F 144 14.62 34.99 -2.89
CA ARG F 144 15.98 34.40 -2.84
C ARG F 144 16.10 33.52 -4.09
N PHE F 145 17.04 33.84 -4.97
CA PHE F 145 17.16 33.11 -6.26
C PHE F 145 17.42 31.61 -6.06
N HIS F 146 18.08 31.18 -4.98
CA HIS F 146 18.36 29.73 -4.81
C HIS F 146 17.11 28.98 -4.34
N ASP F 147 16.04 29.68 -3.98
CA ASP F 147 14.84 29.00 -3.46
C ASP F 147 14.15 28.11 -4.49
N GLN F 148 13.74 26.91 -4.03
CA GLN F 148 12.93 25.98 -4.84
C GLN F 148 11.48 26.21 -4.37
N THR F 149 10.67 25.16 -4.22
CA THR F 149 9.27 25.40 -3.75
C THR F 149 9.33 25.68 -2.25
N VAL F 150 8.88 26.87 -1.84
CA VAL F 150 9.01 27.25 -0.40
C VAL F 150 7.75 27.92 0.12
N GLU F 151 7.62 27.90 1.45
CA GLU F 151 6.53 28.57 2.19
C GLU F 151 7.04 29.97 2.54
N VAL F 152 6.20 30.99 2.37
CA VAL F 152 6.63 32.40 2.64
C VAL F 152 5.72 33.02 3.69
N PRO F 153 6.24 33.42 4.87
CA PRO F 153 5.40 34.02 5.90
C PRO F 153 4.78 35.35 5.43
N ILE F 154 3.53 35.61 5.85
CA ILE F 154 2.82 36.87 5.54
C ILE F 154 2.88 37.76 6.80
N HIS F 155 3.44 38.96 6.66
CA HIS F 155 3.60 39.90 7.81
C HIS F 155 3.29 41.35 7.37
N GLY F 156 3.01 42.21 8.36
CA GLY F 156 2.79 43.66 8.18
C GLY F 156 1.77 44.00 7.10
N GLU F 157 2.15 44.94 6.23
CA GLU F 157 1.30 45.49 5.14
C GLU F 157 0.79 44.40 4.19
N ILE F 159 -0.65 41.72 4.80
CA ILE F 159 -1.93 41.16 5.25
C ILE F 159 -3.09 41.86 4.54
N ALA F 160 -3.16 43.20 4.62
CA ALA F 160 -4.27 43.96 3.99
C ALA F 160 -4.23 43.81 2.47
N LEU F 161 -3.03 43.87 1.86
CA LEU F 161 -2.86 43.76 0.38
C LEU F 161 -3.46 42.43 -0.10
N ILE F 162 -3.10 41.32 0.55
CA ILE F 162 -3.61 39.97 0.16
C ILE F 162 -5.12 39.89 0.44
N ALA F 163 -5.55 40.31 1.63
CA ALA F 163 -7.00 40.26 1.99
C ALA F 163 -7.84 40.96 0.89
N ASN F 164 -7.45 42.19 0.54
CA ASN F 164 -8.20 43.02 -0.45
C ASN F 164 -8.06 42.51 -1.89
N SER F 165 -6.87 42.08 -2.30
CA SER F 165 -6.66 41.60 -3.69
C SER F 165 -6.78 40.08 -3.72
N GLU F 166 -6.88 39.50 -4.92
CA GLU F 166 -6.88 38.01 -5.04
C GLU F 166 -7.94 37.39 -4.11
N GLY F 168 -10.72 36.91 -1.06
CA GLY F 168 -10.58 36.99 0.39
C GLY F 168 -11.53 38.03 0.95
N GLY F 169 -11.32 39.29 0.57
CA GLY F 169 -12.17 40.44 1.00
C GLY F 169 -12.02 40.80 2.47
N ASP F 170 -11.87 39.79 3.34
CA ASP F 170 -11.69 39.99 4.80
C ASP F 170 -10.26 39.59 5.27
N ILE F 171 -9.77 40.32 6.27
CA ILE F 171 -8.42 40.07 6.87
C ILE F 171 -8.43 38.79 7.73
N SER F 172 -9.59 38.35 8.23
CA SER F 172 -9.66 37.12 9.08
C SER F 172 -9.31 35.85 8.26
N ALA F 173 -9.50 35.87 6.94
CA ALA F 173 -9.23 34.68 6.09
C ALA F 173 -7.79 34.68 5.53
N VAL F 174 -7.01 35.72 5.81
CA VAL F 174 -5.57 35.76 5.37
C VAL F 174 -4.81 34.76 6.23
N PRO F 175 -4.12 33.77 5.64
CA PRO F 175 -3.37 32.79 6.42
C PRO F 175 -2.02 33.34 6.91
N ASN F 176 -1.29 32.52 7.67
CA ASN F 176 0.04 32.89 8.22
C ASN F 176 1.06 32.94 7.09
N SER F 177 0.84 32.15 6.03
CA SER F 177 1.84 32.08 4.94
C SER F 177 1.22 31.58 3.64
N TYR F 178 2.02 31.63 2.57
CA TYR F 178 1.61 31.11 1.25
C TYR F 178 2.76 30.25 0.71
N VAL F 179 2.52 29.56 -0.39
CA VAL F 179 3.58 28.71 -1.00
C VAL F 179 3.83 29.21 -2.43
N THR F 180 5.07 29.17 -2.86
CA THR F 180 5.39 29.56 -4.26
C THR F 180 6.56 28.74 -4.75
N GLY F 182 9.91 28.78 -6.10
CA GLY F 182 10.95 29.79 -6.04
C GLY F 182 11.63 29.96 -7.39
N PRO F 183 12.53 30.96 -7.53
CA PRO F 183 13.21 31.20 -8.81
C PRO F 183 13.97 29.96 -9.31
N ARG F 184 14.57 29.19 -8.41
CA ARG F 184 15.33 28.01 -8.91
C ARG F 184 14.34 26.99 -9.50
N SER F 185 13.20 26.79 -8.86
CA SER F 185 12.17 25.83 -9.35
C SER F 185 11.62 26.32 -10.70
N VAL F 186 11.38 27.62 -10.81
CA VAL F 186 10.90 28.20 -12.09
C VAL F 186 11.94 28.01 -13.19
N ALA F 188 14.07 25.80 -13.44
CA ALA F 188 14.29 24.39 -13.74
C ALA F 188 13.34 23.95 -14.88
N ALA F 189 12.34 24.76 -15.21
CA ALA F 189 11.44 24.39 -16.32
C ALA F 189 12.26 24.36 -17.62
N LYS F 190 11.90 23.48 -18.55
CA LYS F 190 12.65 23.38 -19.82
C LYS F 190 12.43 24.64 -20.66
N ASN F 191 11.26 25.26 -20.53
CA ASN F 191 10.91 26.45 -21.36
C ASN F 191 10.06 27.42 -20.55
N LEU F 192 10.26 28.72 -20.77
CA LEU F 192 9.46 29.77 -20.08
C LEU F 192 8.73 30.63 -21.10
N LEU F 193 7.49 30.97 -20.79
CA LEU F 193 6.66 31.87 -21.63
C LEU F 193 6.16 33.00 -20.73
N LEU F 194 6.73 34.19 -20.87
CA LEU F 194 6.33 35.36 -20.04
C LEU F 194 5.36 36.24 -20.84
N ILE F 195 4.15 36.42 -20.32
CA ILE F 195 3.12 37.28 -20.99
C ILE F 195 3.02 38.60 -20.23
N VAL F 196 3.04 39.73 -20.95
CA VAL F 196 3.07 41.07 -20.29
C VAL F 196 2.14 42.02 -21.06
N SER F 197 1.25 42.73 -20.34
CA SER F 197 0.31 43.65 -21.00
C SER F 197 0.10 44.94 -20.19
N GLY F 198 0.06 46.09 -20.87
CA GLY F 198 -0.26 47.37 -20.17
C GLY F 198 0.93 48.24 -19.85
N ALA F 199 0.68 49.56 -19.80
CA ALA F 199 1.69 50.60 -19.50
C ALA F 199 2.26 50.41 -18.09
N ALA F 200 1.46 49.88 -17.17
CA ALA F 200 1.92 49.67 -15.77
C ALA F 200 3.08 48.69 -15.71
N LYS F 201 3.28 47.87 -16.75
CA LYS F 201 4.36 46.84 -16.75
C LYS F 201 5.55 47.27 -17.61
N ALA F 202 5.46 48.42 -18.29
CA ALA F 202 6.56 48.84 -19.20
C ALA F 202 7.91 48.96 -18.47
N HIS F 203 7.91 49.54 -17.26
CA HIS F 203 9.21 49.75 -16.55
C HIS F 203 9.77 48.39 -16.11
N ALA F 204 8.94 47.53 -15.54
CA ALA F 204 9.40 46.19 -15.11
C ALA F 204 9.96 45.41 -16.30
N LEU F 205 9.28 45.47 -17.45
CA LEU F 205 9.75 44.70 -18.64
C LEU F 205 11.12 45.22 -19.09
N LYS F 206 11.34 46.54 -19.06
CA LYS F 206 12.67 47.12 -19.44
C LYS F 206 13.73 46.57 -18.47
N GLN F 207 13.45 46.59 -17.17
CA GLN F 207 14.41 46.09 -16.14
C GLN F 207 14.74 44.62 -16.41
N VAL F 208 13.75 43.83 -16.82
CA VAL F 208 13.96 42.37 -17.11
C VAL F 208 14.82 42.20 -18.36
N VAL F 209 14.44 42.88 -19.45
CA VAL F 209 15.15 42.70 -20.75
C VAL F 209 16.52 43.38 -20.75
N GLU F 210 16.62 44.60 -20.21
CA GLU F 210 17.88 45.40 -20.33
C GLU F 210 18.56 45.68 -18.99
N GLY F 211 17.92 45.34 -17.87
CA GLY F 211 18.51 45.68 -16.55
C GLY F 211 19.39 44.60 -15.97
N PRO F 212 20.06 44.90 -14.82
CA PRO F 212 20.90 43.92 -14.16
C PRO F 212 20.06 42.88 -13.41
N VAL F 213 20.67 41.72 -13.11
CA VAL F 213 19.95 40.67 -12.32
C VAL F 213 19.93 41.16 -10.87
N SER F 214 18.74 41.34 -10.30
CA SER F 214 18.65 41.82 -8.91
C SER F 214 17.40 41.28 -8.21
N VAL F 215 17.52 41.03 -6.90
CA VAL F 215 16.37 40.56 -6.08
C VAL F 215 15.35 41.70 -5.97
N GLN F 216 15.75 42.94 -6.23
CA GLN F 216 14.81 44.10 -6.16
C GLN F 216 13.74 43.95 -7.24
N VAL F 217 14.14 43.41 -8.39
CA VAL F 217 13.24 43.18 -9.56
C VAL F 217 13.38 41.68 -9.87
N PRO F 218 12.69 40.80 -9.10
CA PRO F 218 12.87 39.35 -9.22
C PRO F 218 12.88 38.77 -10.64
N ALA F 219 11.93 39.15 -11.49
CA ALA F 219 11.86 38.60 -12.87
C ALA F 219 13.14 38.91 -13.66
N SER F 220 14.01 39.77 -13.13
CA SER F 220 15.27 40.10 -13.88
C SER F 220 16.13 38.83 -14.05
N VAL F 221 15.95 37.84 -13.19
CA VAL F 221 16.77 36.59 -13.27
C VAL F 221 16.32 35.73 -14.47
N LEU F 222 15.10 35.91 -14.95
CA LEU F 222 14.57 35.05 -16.05
C LEU F 222 15.37 35.24 -17.34
N LYS F 223 16.05 36.36 -17.52
CA LYS F 223 16.84 36.58 -18.75
C LYS F 223 18.05 35.62 -18.78
N LEU F 224 18.30 34.90 -17.68
CA LEU F 224 19.44 33.93 -17.66
C LEU F 224 18.98 32.58 -18.20
N HIS F 225 17.66 32.39 -18.35
CA HIS F 225 17.14 31.08 -18.82
C HIS F 225 17.50 30.88 -20.29
N PRO F 226 17.92 29.66 -20.68
CA PRO F 226 18.27 29.39 -22.08
C PRO F 226 17.08 29.24 -23.03
N SER F 227 15.86 29.18 -22.51
CA SER F 227 14.68 29.01 -23.41
C SER F 227 13.51 29.85 -22.93
N LEU F 228 13.60 31.16 -23.13
CA LEU F 228 12.57 32.15 -22.71
C LEU F 228 11.94 32.86 -23.91
N VAL F 229 10.61 32.92 -23.93
CA VAL F 229 9.87 33.68 -24.96
C VAL F 229 9.00 34.68 -24.21
N ILE F 230 9.10 35.96 -24.56
CA ILE F 230 8.30 37.04 -23.93
C ILE F 230 7.30 37.53 -24.97
N ILE F 231 6.03 37.58 -24.59
CA ILE F 231 4.98 38.11 -25.48
C ILE F 231 4.41 39.33 -24.77
N ALA F 232 4.68 40.51 -25.30
CA ALA F 232 4.20 41.78 -24.68
C ALA F 232 3.40 42.57 -25.70
N ASP F 233 2.50 43.43 -25.22
CA ASP F 233 1.77 44.30 -26.17
C ASP F 233 2.56 45.60 -26.29
N LYS F 234 2.19 46.47 -27.22
CA LYS F 234 2.95 47.74 -27.46
C LYS F 234 3.06 48.55 -26.17
N ALA F 235 1.98 48.68 -25.40
CA ALA F 235 1.99 49.49 -24.15
C ALA F 235 3.05 48.96 -23.18
N ALA F 236 3.14 47.64 -23.03
CA ALA F 236 4.13 47.06 -22.08
C ALA F 236 5.56 47.15 -22.65
N ALA F 237 5.71 47.22 -23.97
CA ALA F 237 7.06 47.24 -24.59
C ALA F 237 7.56 48.68 -24.85
N ALA F 238 6.77 49.68 -24.46
CA ALA F 238 7.04 51.12 -24.72
C ALA F 238 8.42 51.59 -24.21
N GLU F 239 8.98 51.01 -23.14
CA GLU F 239 10.30 51.51 -22.64
C GLU F 239 11.47 50.72 -23.24
N LEU F 240 11.21 49.72 -24.08
CA LEU F 240 12.33 48.93 -24.67
C LEU F 240 13.01 49.78 -25.76
N GLN F 241 14.35 49.74 -25.82
CA GLN F 241 15.08 50.54 -26.83
C GLN F 241 14.69 50.08 -28.23
N GLN F 242 14.18 51.01 -29.04
CA GLN F 242 13.79 50.71 -30.44
C GLN F 242 15.02 50.95 -31.32
#